data_1WOG
#
_entry.id   1WOG
#
_cell.length_a   81.769
_cell.length_b   131.436
_cell.length_c   168.854
_cell.angle_alpha   90.00
_cell.angle_beta   90.00
_cell.angle_gamma   90.00
#
_symmetry.space_group_name_H-M   'P 21 21 21'
#
loop_
_entity.id
_entity.type
_entity.pdbx_description
1 polymer agmatinase
2 non-polymer 'MANGANESE (II) ION'
3 non-polymer HEXANE-1,6-DIAMINE
4 water water
#
_entity_poly.entity_id   1
_entity_poly.type   'polypeptide(L)'
_entity_poly.pdbx_seq_one_letter_code
;MSGPAHLPYGGIPTFARAPLVQPDGDWQADVAALGVPFDIALGFRPGARFAPRALREASLRSVPPFTGLDGKTRLQGVTF
ADAGDVILPSLEPQLAHDRITEAARQVRGRCRVPVFLGGDHSVSYPLLRAFADVPDLHVVQLDAHLDFTDTRNDTKWSNS
SPFRRACEALPNLVHITTVGLRGLRFDPEAVAAARARGHTIIPMDDVTADLAGVLAQLPRGQNVYFSVDVDGFDPAVIPG
TSSPEPDGLTYAQGMKILAAAAANNTVVGLDLVELAPNLDPTGRSELLMARLVMETLCEVFDHVL
;
_entity_poly.pdbx_strand_id   A,B,C,D,E,F
#
# COMPACT_ATOMS: atom_id res chain seq x y z
N GLY A 3 -20.34 6.78 32.19
CA GLY A 3 -20.21 7.91 31.22
C GLY A 3 -19.80 7.45 29.84
N PRO A 4 -19.70 8.36 28.87
CA PRO A 4 -19.32 7.98 27.51
C PRO A 4 -17.89 7.46 27.44
N ALA A 5 -17.65 6.48 26.58
CA ALA A 5 -16.33 5.90 26.41
C ALA A 5 -15.85 6.08 24.98
N HIS A 6 -14.55 6.29 24.82
CA HIS A 6 -13.96 6.46 23.50
C HIS A 6 -14.17 5.25 22.60
N LEU A 7 -14.19 5.49 21.30
CA LEU A 7 -14.30 4.42 20.32
C LEU A 7 -12.83 4.06 20.13
N PRO A 8 -12.52 2.99 19.40
CA PRO A 8 -11.11 2.61 19.22
C PRO A 8 -10.21 3.72 18.66
N TYR A 9 -10.74 4.55 17.78
CA TYR A 9 -9.94 5.62 17.17
C TYR A 9 -9.75 6.86 18.03
N GLY A 10 -10.32 6.86 19.23
CA GLY A 10 -10.18 8.01 20.11
C GLY A 10 -9.33 7.76 21.35
N GLY A 11 -8.72 8.82 21.86
CA GLY A 11 -7.90 8.71 23.05
C GLY A 11 -6.44 8.36 22.78
N ILE A 12 -5.61 8.52 23.81
CA ILE A 12 -4.20 8.19 23.71
C ILE A 12 -4.08 6.68 23.79
N PRO A 13 -3.38 6.06 22.84
CA PRO A 13 -3.25 4.60 22.88
C PRO A 13 -2.26 4.03 23.89
N THR A 14 -2.79 3.51 24.99
CA THR A 14 -2.00 2.86 26.02
C THR A 14 -2.55 1.45 25.98
N PHE A 15 -1.74 0.45 26.32
CA PHE A 15 -2.22 -0.91 26.26
C PHE A 15 -3.46 -1.13 27.12
N ALA A 16 -4.53 -1.63 26.51
CA ALA A 16 -5.79 -1.89 27.18
C ALA A 16 -6.37 -0.62 27.79
N ARG A 17 -5.93 0.52 27.26
CA ARG A 17 -6.37 1.84 27.72
C ARG A 17 -6.06 2.05 29.21
N ALA A 18 -5.04 1.35 29.71
CA ALA A 18 -4.65 1.45 31.11
C ALA A 18 -3.90 2.76 31.41
N PRO A 19 -3.88 3.17 32.68
CA PRO A 19 -3.18 4.41 33.03
C PRO A 19 -1.67 4.29 32.81
N LEU A 20 -1.05 5.40 32.46
CA LEU A 20 0.39 5.41 32.21
C LEU A 20 1.19 5.57 33.50
N VAL A 21 2.26 4.80 33.62
CA VAL A 21 3.12 4.86 34.80
C VAL A 21 4.59 4.72 34.39
N GLN A 22 5.49 5.01 35.32
CA GLN A 22 6.92 4.88 35.06
C GLN A 22 7.35 3.54 35.66
N PRO A 23 8.24 2.81 34.98
CA PRO A 23 8.72 1.52 35.45
C PRO A 23 9.12 1.46 36.92
N ASP A 24 9.81 2.50 37.40
CA ASP A 24 10.26 2.53 38.78
C ASP A 24 9.44 3.50 39.63
N GLY A 25 8.21 3.76 39.19
CA GLY A 25 7.34 4.68 39.92
C GLY A 25 6.63 4.01 41.08
N ASP A 26 5.86 4.78 41.83
CA ASP A 26 5.12 4.24 42.96
C ASP A 26 3.73 3.79 42.52
N TRP A 27 3.65 2.56 42.03
CA TRP A 27 2.38 2.00 41.58
C TRP A 27 2.37 0.48 41.71
N GLN A 28 1.18 -0.10 41.60
CA GLN A 28 0.98 -1.54 41.69
C GLN A 28 -0.25 -1.90 40.87
N ALA A 29 -0.16 -3.02 40.15
CA ALA A 29 -1.28 -3.47 39.33
C ALA A 29 -1.15 -4.96 39.07
N ASP A 30 -2.27 -5.60 38.74
CA ASP A 30 -2.26 -7.02 38.46
C ASP A 30 -1.48 -7.30 37.18
N VAL A 31 -1.72 -6.48 36.16
CA VAL A 31 -1.05 -6.60 34.87
C VAL A 31 -0.41 -5.28 34.46
N ALA A 32 0.84 -5.36 34.00
CA ALA A 32 1.56 -4.16 33.56
C ALA A 32 2.24 -4.46 32.23
N ALA A 33 2.09 -3.55 31.28
CA ALA A 33 2.70 -3.72 29.96
C ALA A 33 3.96 -2.87 29.84
N LEU A 34 4.94 -3.39 29.12
CA LEU A 34 6.21 -2.69 28.90
C LEU A 34 6.61 -2.99 27.47
N GLY A 35 6.95 -1.94 26.73
CA GLY A 35 7.34 -2.11 25.34
C GLY A 35 8.84 -2.06 25.12
N VAL A 36 9.29 -2.79 24.11
CA VAL A 36 10.71 -2.84 23.76
C VAL A 36 10.78 -2.73 22.24
N PRO A 37 10.73 -1.51 21.71
CA PRO A 37 10.77 -1.21 20.28
C PRO A 37 12.17 -1.39 19.68
N PHE A 38 12.65 -2.62 19.74
CA PHE A 38 13.99 -2.98 19.27
C PHE A 38 13.87 -4.02 18.16
N ASP A 39 14.41 -3.72 16.98
CA ASP A 39 14.35 -4.67 15.87
C ASP A 39 15.61 -4.73 15.03
N ILE A 40 16.72 -4.26 15.57
CA ILE A 40 17.96 -4.26 14.78
C ILE A 40 18.71 -5.59 14.82
N ALA A 41 18.15 -6.57 15.51
CA ALA A 41 18.82 -7.87 15.60
C ALA A 41 18.27 -8.91 14.62
N LEU A 42 17.14 -8.61 13.97
CA LEU A 42 16.58 -9.58 13.03
C LEU A 42 17.39 -9.60 11.73
N GLY A 43 17.32 -10.72 11.01
CA GLY A 43 18.09 -10.84 9.79
C GLY A 43 17.41 -10.64 8.46
N PHE A 44 16.17 -10.14 8.47
CA PHE A 44 15.47 -9.94 7.20
C PHE A 44 14.74 -8.61 7.11
N ARG A 45 13.43 -8.62 7.32
CA ARG A 45 12.63 -7.41 7.19
C ARG A 45 12.31 -6.69 8.50
N PRO A 46 12.82 -5.45 8.65
CA PRO A 46 12.59 -4.64 9.86
C PRO A 46 11.16 -4.15 9.95
N GLY A 47 10.80 -3.65 11.12
CA GLY A 47 9.45 -3.12 11.30
C GLY A 47 8.92 -3.41 12.70
N ALA A 48 9.45 -4.42 13.35
CA ALA A 48 8.97 -4.78 14.69
C ALA A 48 9.19 -3.66 15.73
N ARG A 49 9.98 -2.64 15.39
CA ARG A 49 10.17 -1.54 16.33
C ARG A 49 8.88 -0.77 16.47
N PHE A 50 7.98 -0.94 15.49
CA PHE A 50 6.69 -0.26 15.49
C PHE A 50 5.59 -1.11 16.13
N ALA A 51 5.89 -2.37 16.44
CA ALA A 51 4.90 -3.27 17.03
C ALA A 51 4.29 -2.84 18.37
N PRO A 52 5.13 -2.37 19.32
CA PRO A 52 4.58 -1.96 20.62
C PRO A 52 3.47 -0.93 20.45
N ARG A 53 3.70 0.05 19.60
CA ARG A 53 2.72 1.10 19.36
C ARG A 53 1.48 0.55 18.66
N ALA A 54 1.70 -0.30 17.66
CA ALA A 54 0.59 -0.89 16.93
C ALA A 54 -0.27 -1.77 17.84
N LEU A 55 0.38 -2.50 18.74
CA LEU A 55 -0.34 -3.38 19.66
C LEU A 55 -1.17 -2.55 20.64
N ARG A 56 -0.63 -1.42 21.08
CA ARG A 56 -1.36 -0.54 21.99
C ARG A 56 -2.61 -0.01 21.29
N GLU A 57 -2.45 0.46 20.06
CA GLU A 57 -3.58 0.96 19.29
C GLU A 57 -4.61 -0.14 19.08
N ALA A 58 -4.15 -1.33 18.69
CA ALA A 58 -5.05 -2.45 18.47
C ALA A 58 -5.75 -2.91 19.74
N SER A 59 -5.07 -2.78 20.89
CA SER A 59 -5.63 -3.21 22.16
C SER A 59 -6.86 -2.40 22.56
N LEU A 60 -7.07 -1.25 21.92
CA LEU A 60 -8.22 -0.42 22.25
C LEU A 60 -9.51 -1.09 21.76
N ARG A 61 -9.36 -2.17 21.00
CA ARG A 61 -10.49 -2.94 20.50
C ARG A 61 -10.75 -4.07 21.51
N SER A 62 -9.82 -4.23 22.44
CA SER A 62 -9.92 -5.28 23.45
C SER A 62 -9.69 -4.76 24.87
N VAL A 63 -10.48 -3.77 25.27
CA VAL A 63 -10.36 -3.20 26.62
C VAL A 63 -11.15 -4.07 27.61
N PRO A 64 -10.49 -4.50 28.69
CA PRO A 64 -11.13 -5.35 29.72
C PRO A 64 -12.05 -4.56 30.64
N PRO A 65 -12.95 -5.25 31.37
CA PRO A 65 -13.14 -6.70 31.38
C PRO A 65 -13.96 -7.17 30.20
N PHE A 66 -14.12 -8.48 30.06
CA PHE A 66 -14.87 -9.03 28.94
C PHE A 66 -16.02 -9.94 29.37
N THR A 67 -17.23 -9.60 28.94
CA THR A 67 -18.40 -10.42 29.24
C THR A 67 -18.71 -11.19 27.96
N GLY A 68 -18.48 -12.49 27.98
CA GLY A 68 -18.69 -13.32 26.80
C GLY A 68 -20.14 -13.60 26.44
N LEU A 69 -20.31 -14.35 25.35
CA LEU A 69 -21.62 -14.72 24.86
C LEU A 69 -22.43 -15.43 25.95
N ASP A 70 -21.76 -16.24 26.75
CA ASP A 70 -22.44 -16.97 27.82
C ASP A 70 -22.86 -16.07 28.98
N GLY A 71 -22.45 -14.81 28.93
CA GLY A 71 -22.82 -13.87 29.98
C GLY A 71 -21.82 -13.81 31.12
N LYS A 72 -20.81 -14.67 31.10
CA LYS A 72 -19.80 -14.69 32.15
C LYS A 72 -18.76 -13.62 31.86
N THR A 73 -18.26 -12.98 32.92
CA THR A 73 -17.26 -11.92 32.78
C THR A 73 -15.87 -12.38 33.24
N ARG A 74 -14.85 -11.99 32.48
CA ARG A 74 -13.48 -12.34 32.82
C ARG A 74 -12.66 -11.06 32.99
N LEU A 75 -11.64 -11.13 33.83
CA LEU A 75 -10.77 -10.00 34.14
C LEU A 75 -11.49 -8.91 34.93
N GLN A 76 -12.61 -9.28 35.57
CA GLN A 76 -13.36 -8.31 36.36
C GLN A 76 -12.52 -7.92 37.58
N GLY A 77 -12.30 -6.63 37.77
CA GLY A 77 -11.51 -6.18 38.90
C GLY A 77 -10.01 -6.28 38.71
N VAL A 78 -9.58 -6.89 37.62
CA VAL A 78 -8.15 -7.02 37.34
C VAL A 78 -7.62 -5.66 36.88
N THR A 79 -6.67 -5.11 37.62
CA THR A 79 -6.10 -3.81 37.28
C THR A 79 -4.94 -3.88 36.29
N PHE A 80 -4.87 -2.88 35.42
CA PHE A 80 -3.83 -2.79 34.40
C PHE A 80 -3.06 -1.47 34.50
N ALA A 81 -1.85 -1.48 33.96
CA ALA A 81 -1.00 -0.30 33.92
C ALA A 81 -0.12 -0.43 32.68
N ASP A 82 0.28 0.70 32.10
CA ASP A 82 1.16 0.69 30.93
C ASP A 82 2.41 1.44 31.37
N ALA A 83 3.51 0.71 31.55
CA ALA A 83 4.77 1.31 31.99
C ALA A 83 5.55 1.98 30.87
N GLY A 84 4.93 2.12 29.70
CA GLY A 84 5.61 2.75 28.58
C GLY A 84 6.64 1.85 27.93
N ASP A 85 7.65 2.45 27.31
CA ASP A 85 8.70 1.67 26.65
C ASP A 85 10.06 1.85 27.30
N VAL A 86 10.91 0.84 27.12
CA VAL A 86 12.28 0.93 27.61
C VAL A 86 12.91 2.02 26.74
N ILE A 87 13.74 2.87 27.33
CA ILE A 87 14.40 3.92 26.56
C ILE A 87 15.63 3.28 25.94
N LEU A 88 15.56 3.03 24.65
CA LEU A 88 16.65 2.38 23.93
C LEU A 88 17.60 3.35 23.25
N PRO A 89 18.88 2.97 23.17
CA PRO A 89 19.87 3.84 22.52
C PRO A 89 19.81 3.42 21.06
N SER A 90 20.66 4.00 20.22
CA SER A 90 20.72 3.59 18.83
C SER A 90 21.88 2.60 18.85
N LEU A 91 21.78 1.52 18.09
CA LEU A 91 22.83 0.51 18.09
C LEU A 91 23.06 0.11 19.54
N GLU A 92 24.32 -0.03 19.95
CA GLU A 92 24.65 -0.39 21.32
C GLU A 92 23.78 -1.51 21.89
N PRO A 93 23.80 -2.70 21.26
CA PRO A 93 22.98 -3.82 21.75
C PRO A 93 23.15 -4.16 23.22
N GLN A 94 24.39 -4.16 23.72
CA GLN A 94 24.63 -4.49 25.12
C GLN A 94 23.98 -3.49 26.07
N LEU A 95 24.08 -2.21 25.77
CA LEU A 95 23.46 -1.18 26.61
C LEU A 95 21.94 -1.37 26.56
N ALA A 96 21.42 -1.64 25.37
CA ALA A 96 19.99 -1.83 25.21
C ALA A 96 19.53 -2.99 26.09
N HIS A 97 20.30 -4.09 26.08
CA HIS A 97 19.97 -5.26 26.88
C HIS A 97 19.91 -4.89 28.37
N ASP A 98 20.91 -4.17 28.84
CA ASP A 98 20.94 -3.79 30.24
C ASP A 98 19.74 -2.95 30.63
N ARG A 99 19.34 -2.03 29.75
CA ARG A 99 18.20 -1.18 30.03
C ARG A 99 16.91 -1.99 30.01
N ILE A 100 16.83 -2.95 29.11
CA ILE A 100 15.65 -3.81 29.00
C ILE A 100 15.48 -4.65 30.26
N THR A 101 16.59 -5.23 30.74
CA THR A 101 16.55 -6.05 31.94
C THR A 101 16.15 -5.22 33.18
N GLU A 102 16.74 -4.04 33.30
CA GLU A 102 16.43 -3.16 34.44
C GLU A 102 14.96 -2.74 34.45
N ALA A 103 14.44 -2.31 33.31
CA ALA A 103 13.05 -1.91 33.24
C ALA A 103 12.13 -3.09 33.54
N ALA A 104 12.49 -4.26 33.02
CA ALA A 104 11.68 -5.46 33.24
C ALA A 104 11.65 -5.82 34.73
N ARG A 105 12.79 -5.70 35.39
CA ARG A 105 12.87 -6.01 36.82
C ARG A 105 11.94 -5.10 37.62
N GLN A 106 11.99 -3.80 37.32
CA GLN A 106 11.16 -2.81 38.01
C GLN A 106 9.68 -3.07 37.79
N VAL A 107 9.30 -3.35 36.56
CA VAL A 107 7.91 -3.61 36.23
C VAL A 107 7.45 -4.90 36.90
N ARG A 108 8.30 -5.93 36.85
CA ARG A 108 7.98 -7.20 37.47
C ARG A 108 7.69 -7.04 38.96
N GLY A 109 8.47 -6.19 39.62
CA GLY A 109 8.29 -5.97 41.04
C GLY A 109 7.04 -5.21 41.44
N ARG A 110 6.32 -4.67 40.46
CA ARG A 110 5.12 -3.90 40.76
C ARG A 110 3.82 -4.48 40.22
N CYS A 111 3.88 -5.67 39.62
CA CYS A 111 2.67 -6.30 39.09
C CYS A 111 2.72 -7.80 39.29
N ARG A 112 1.61 -8.47 39.01
CA ARG A 112 1.55 -9.92 39.15
C ARG A 112 2.01 -10.56 37.84
N VAL A 113 1.44 -10.10 36.72
CA VAL A 113 1.82 -10.63 35.42
C VAL A 113 2.28 -9.51 34.48
N PRO A 114 3.58 -9.49 34.13
CA PRO A 114 4.06 -8.44 33.23
C PRO A 114 3.88 -8.89 31.78
N VAL A 115 3.54 -7.94 30.91
CA VAL A 115 3.35 -8.22 29.49
C VAL A 115 4.34 -7.39 28.70
N PHE A 116 5.23 -8.08 27.98
CA PHE A 116 6.28 -7.40 27.21
C PHE A 116 5.96 -7.42 25.72
N LEU A 117 5.95 -6.24 25.12
CA LEU A 117 5.66 -6.09 23.69
C LEU A 117 6.94 -5.79 22.91
N GLY A 118 7.37 -6.74 22.08
CA GLY A 118 8.56 -6.56 21.26
C GLY A 118 8.16 -5.83 19.98
N GLY A 119 9.10 -5.53 19.08
CA GLY A 119 10.50 -5.88 19.24
C GLY A 119 10.79 -7.24 18.62
N ASP A 120 11.99 -7.45 18.09
CA ASP A 120 12.31 -8.75 17.52
C ASP A 120 12.53 -9.75 18.66
N HIS A 121 12.67 -11.03 18.35
CA HIS A 121 12.81 -12.02 19.39
C HIS A 121 14.04 -11.92 20.28
N SER A 122 15.04 -11.16 19.84
CA SER A 122 16.25 -11.03 20.64
C SER A 122 15.94 -10.39 22.00
N VAL A 123 14.84 -9.64 22.08
CA VAL A 123 14.49 -8.98 23.34
C VAL A 123 14.13 -9.96 24.48
N SER A 124 13.79 -11.20 24.13
CA SER A 124 13.43 -12.18 25.15
C SER A 124 14.61 -12.49 26.07
N TYR A 125 15.82 -12.34 25.56
CA TYR A 125 17.00 -12.60 26.37
C TYR A 125 17.11 -11.63 27.55
N PRO A 126 17.22 -10.31 27.28
CA PRO A 126 17.30 -9.38 28.42
C PRO A 126 16.05 -9.37 29.29
N LEU A 127 14.91 -9.71 28.67
CA LEU A 127 13.65 -9.77 29.40
C LEU A 127 13.71 -10.91 30.43
N LEU A 128 14.15 -12.07 29.98
CA LEU A 128 14.25 -13.23 30.87
C LEU A 128 15.26 -13.04 32.01
N ARG A 129 16.30 -12.25 31.78
CA ARG A 129 17.30 -12.01 32.83
C ARG A 129 16.64 -11.40 34.06
N ALA A 130 15.46 -10.81 33.88
CA ALA A 130 14.73 -10.21 34.99
C ALA A 130 14.02 -11.26 35.84
N PHE A 131 14.10 -12.52 35.43
CA PHE A 131 13.45 -13.62 36.16
C PHE A 131 14.45 -14.60 36.75
N ALA A 132 15.62 -14.11 37.13
CA ALA A 132 16.66 -14.96 37.70
C ALA A 132 16.24 -15.62 39.02
N ASP A 133 15.32 -15.00 39.75
CA ASP A 133 14.90 -15.55 41.03
C ASP A 133 13.69 -16.49 40.97
N VAL A 134 13.31 -16.90 39.77
CA VAL A 134 12.18 -17.83 39.62
C VAL A 134 12.69 -19.26 39.58
N PRO A 135 12.38 -20.05 40.61
CA PRO A 135 12.81 -21.45 40.66
C PRO A 135 12.32 -22.30 39.50
N ASP A 136 13.21 -23.12 38.95
CA ASP A 136 12.91 -24.01 37.83
C ASP A 136 12.04 -23.35 36.77
N LEU A 137 12.49 -22.20 36.29
CA LEU A 137 11.74 -21.48 35.27
C LEU A 137 11.57 -22.29 33.99
N HIS A 138 10.34 -22.33 33.48
CA HIS A 138 10.01 -23.03 32.25
C HIS A 138 9.50 -22.00 31.26
N VAL A 139 9.90 -22.15 29.99
CA VAL A 139 9.42 -21.24 28.96
C VAL A 139 8.59 -22.04 27.97
N VAL A 140 7.42 -21.50 27.61
CA VAL A 140 6.55 -22.12 26.61
C VAL A 140 6.62 -21.13 25.47
N GLN A 141 7.22 -21.55 24.37
CA GLN A 141 7.44 -20.69 23.21
C GLN A 141 6.66 -21.12 21.97
N LEU A 142 5.89 -20.19 21.39
CA LEU A 142 5.16 -20.46 20.15
C LEU A 142 6.05 -19.83 19.09
N ASP A 143 6.46 -20.60 18.09
CA ASP A 143 7.40 -20.05 17.12
C ASP A 143 7.57 -21.03 15.97
N ALA A 144 7.85 -20.51 14.78
CA ALA A 144 8.11 -21.36 13.65
C ALA A 144 9.59 -21.73 13.73
N HIS A 145 10.34 -20.95 14.51
CA HIS A 145 11.79 -21.18 14.65
C HIS A 145 12.21 -21.54 16.09
N LEU A 146 13.36 -22.19 16.24
CA LEU A 146 13.82 -22.59 17.56
C LEU A 146 14.48 -21.47 18.36
N ASP A 147 15.29 -20.64 17.69
CA ASP A 147 15.97 -19.53 18.35
C ASP A 147 16.88 -19.98 19.50
N PHE A 148 17.62 -21.05 19.27
CA PHE A 148 18.55 -21.57 20.28
C PHE A 148 19.96 -21.66 19.68
N THR A 149 20.23 -20.79 18.72
CA THR A 149 21.54 -20.76 18.05
C THR A 149 22.59 -20.01 18.87
N ASP A 150 23.83 -20.49 18.82
CA ASP A 150 24.91 -19.85 19.55
C ASP A 150 25.32 -18.58 18.80
N THR A 151 25.87 -18.73 17.60
CA THR A 151 26.28 -17.58 16.79
C THR A 151 25.66 -17.65 15.40
N ARG A 152 25.29 -16.49 14.88
CA ARG A 152 24.69 -16.35 13.56
C ARG A 152 25.17 -15.03 12.98
N ASN A 153 25.61 -15.04 11.74
CA ASN A 153 26.11 -13.83 11.08
C ASN A 153 27.07 -13.02 11.97
N ASP A 154 28.02 -13.74 12.56
CA ASP A 154 29.05 -13.16 13.41
C ASP A 154 28.62 -12.40 14.67
N THR A 155 27.45 -12.72 15.21
CA THR A 155 27.00 -12.08 16.44
C THR A 155 26.35 -13.09 17.37
N LYS A 156 26.38 -12.78 18.66
CA LYS A 156 25.78 -13.62 19.69
C LYS A 156 24.41 -13.10 20.08
N TRP A 157 24.07 -11.91 19.61
CA TRP A 157 22.80 -11.28 19.99
C TRP A 157 21.69 -11.17 18.95
N SER A 158 21.68 -12.02 17.93
CA SER A 158 20.62 -11.95 16.91
C SER A 158 19.33 -12.52 17.48
N ASN A 159 18.25 -12.41 16.70
CA ASN A 159 16.97 -12.94 17.16
C ASN A 159 16.92 -14.47 17.05
N SER A 160 18.03 -15.08 16.63
CA SER A 160 18.10 -16.54 16.53
C SER A 160 18.77 -17.15 17.77
N SER A 161 19.24 -16.29 18.67
CA SER A 161 19.94 -16.76 19.88
C SER A 161 19.37 -16.38 21.25
N PRO A 162 18.24 -15.68 21.32
CA PRO A 162 17.74 -15.31 22.65
C PRO A 162 17.66 -16.38 23.75
N PHE A 163 17.18 -17.57 23.42
CA PHE A 163 17.06 -18.60 24.44
C PHE A 163 18.38 -19.29 24.77
N ARG A 164 19.31 -19.25 23.84
CA ARG A 164 20.64 -19.83 24.08
C ARG A 164 21.32 -18.87 25.07
N ARG A 165 21.22 -17.57 24.78
CA ARG A 165 21.81 -16.55 25.65
C ARG A 165 21.14 -16.59 27.02
N ALA A 166 19.82 -16.78 27.04
CA ALA A 166 19.07 -16.82 28.29
C ALA A 166 19.50 -17.98 29.18
N CYS A 167 19.60 -19.16 28.60
CA CYS A 167 19.99 -20.33 29.37
C CYS A 167 21.38 -20.19 29.98
N GLU A 168 22.32 -19.59 29.25
CA GLU A 168 23.65 -19.44 29.80
C GLU A 168 23.71 -18.37 30.89
N ALA A 169 22.79 -17.40 30.85
CA ALA A 169 22.79 -16.36 31.86
C ALA A 169 21.89 -16.70 33.04
N LEU A 170 21.00 -17.68 32.86
CA LEU A 170 20.06 -18.07 33.90
C LEU A 170 20.07 -19.57 34.21
N PRO A 171 20.83 -19.99 35.22
CA PRO A 171 20.86 -21.41 35.56
C PRO A 171 19.48 -21.95 35.99
N ASN A 172 18.58 -21.04 36.37
CA ASN A 172 17.24 -21.42 36.81
C ASN A 172 16.30 -21.71 35.64
N LEU A 173 16.70 -21.34 34.43
CA LEU A 173 15.88 -21.61 33.25
C LEU A 173 16.20 -23.06 32.91
N VAL A 174 15.42 -23.98 33.48
CA VAL A 174 15.67 -25.41 33.30
C VAL A 174 15.00 -26.11 32.14
N HIS A 175 14.03 -25.47 31.50
CA HIS A 175 13.36 -26.13 30.41
C HIS A 175 12.59 -25.20 29.50
N ILE A 176 12.57 -25.54 28.21
CA ILE A 176 11.83 -24.78 27.23
C ILE A 176 11.01 -25.75 26.38
N THR A 177 9.76 -25.38 26.14
CA THR A 177 8.88 -26.18 25.29
C THR A 177 8.58 -25.25 24.12
N THR A 178 8.99 -25.65 22.92
CA THR A 178 8.76 -24.83 21.74
C THR A 178 7.76 -25.53 20.82
N VAL A 179 6.68 -24.82 20.49
CA VAL A 179 5.64 -25.40 19.65
C VAL A 179 5.40 -24.61 18.36
N GLY A 180 5.32 -25.31 17.25
CA GLY A 180 5.07 -24.68 15.96
C GLY A 180 6.19 -24.75 14.94
N LEU A 181 7.32 -25.35 15.30
CA LEU A 181 8.46 -25.43 14.40
C LEU A 181 8.15 -26.04 13.03
N ARG A 182 8.68 -25.41 11.99
CA ARG A 182 8.49 -25.85 10.61
C ARG A 182 9.47 -25.08 9.71
N GLY A 183 9.70 -25.59 8.51
CA GLY A 183 10.61 -24.91 7.61
C GLY A 183 11.66 -25.85 7.07
N LEU A 184 12.26 -25.49 5.93
CA LEU A 184 13.27 -26.34 5.32
C LEU A 184 14.61 -26.36 6.06
N ARG A 185 14.90 -25.31 6.80
CA ARG A 185 16.20 -25.24 7.48
C ARG A 185 16.20 -24.97 8.97
N PHE A 186 17.03 -25.71 9.68
CA PHE A 186 17.21 -25.56 11.12
C PHE A 186 18.69 -25.69 11.42
N ASP A 187 19.13 -25.01 12.48
CA ASP A 187 20.52 -25.04 12.91
C ASP A 187 20.66 -26.40 13.62
N PRO A 188 21.36 -27.37 13.00
CA PRO A 188 21.51 -28.69 13.65
C PRO A 188 22.15 -28.69 15.04
N GLU A 189 23.07 -27.76 15.26
CA GLU A 189 23.76 -27.67 16.55
C GLU A 189 22.75 -27.18 17.60
N ALA A 190 21.94 -26.19 17.20
CA ALA A 190 20.94 -25.62 18.09
C ALA A 190 19.89 -26.67 18.50
N VAL A 191 19.38 -27.40 17.50
CA VAL A 191 18.37 -28.43 17.77
C VAL A 191 18.94 -29.52 18.67
N ALA A 192 20.13 -30.01 18.34
CA ALA A 192 20.74 -31.07 19.14
C ALA A 192 21.08 -30.58 20.55
N ALA A 193 21.55 -29.35 20.67
CA ALA A 193 21.88 -28.79 21.99
C ALA A 193 20.61 -28.68 22.81
N ALA A 194 19.55 -28.16 22.20
CA ALA A 194 18.28 -28.03 22.91
C ALA A 194 17.80 -29.40 23.39
N ARG A 195 17.85 -30.40 22.51
CA ARG A 195 17.41 -31.74 22.88
C ARG A 195 18.28 -32.35 23.98
N ALA A 196 19.59 -32.15 23.87
CA ALA A 196 20.51 -32.70 24.86
C ALA A 196 20.29 -32.08 26.24
N ARG A 197 19.69 -30.89 26.26
CA ARG A 197 19.40 -30.19 27.51
C ARG A 197 18.03 -30.59 28.07
N GLY A 198 17.32 -31.43 27.33
CA GLY A 198 16.01 -31.86 27.78
C GLY A 198 14.86 -31.01 27.29
N HIS A 199 15.15 -30.00 26.47
CA HIS A 199 14.10 -29.13 25.95
C HIS A 199 13.13 -29.94 25.09
N THR A 200 11.88 -29.51 25.07
CA THR A 200 10.87 -30.20 24.28
C THR A 200 10.58 -29.44 22.99
N ILE A 201 10.74 -30.13 21.87
CA ILE A 201 10.52 -29.55 20.56
C ILE A 201 9.26 -30.19 19.95
N ILE A 202 8.27 -29.36 19.68
CA ILE A 202 7.00 -29.83 19.12
C ILE A 202 6.76 -29.19 17.75
N PRO A 203 7.05 -29.93 16.66
CA PRO A 203 6.85 -29.43 15.30
C PRO A 203 5.39 -29.15 15.03
N MET A 204 5.10 -28.23 14.12
CA MET A 204 3.72 -27.91 13.78
C MET A 204 3.00 -29.16 13.29
N ASP A 205 3.75 -30.06 12.64
CA ASP A 205 3.16 -31.30 12.13
C ASP A 205 2.46 -32.09 13.24
N ASP A 206 3.04 -32.09 14.44
CA ASP A 206 2.47 -32.81 15.57
C ASP A 206 1.20 -32.12 16.05
N VAL A 207 1.17 -30.80 15.97
CA VAL A 207 -0.01 -30.04 16.38
C VAL A 207 -1.16 -30.42 15.45
N THR A 208 -0.86 -30.51 14.16
CA THR A 208 -1.87 -30.87 13.18
C THR A 208 -2.32 -32.32 13.34
N ALA A 209 -1.34 -33.20 13.56
CA ALA A 209 -1.60 -34.62 13.72
C ALA A 209 -2.40 -34.96 14.97
N ASP A 210 -2.06 -34.34 16.09
CA ASP A 210 -2.76 -34.65 17.34
C ASP A 210 -2.59 -33.54 18.38
N LEU A 211 -3.47 -32.55 18.35
CA LEU A 211 -3.42 -31.43 19.27
C LEU A 211 -3.50 -31.89 20.73
N ALA A 212 -4.39 -32.84 21.02
CA ALA A 212 -4.53 -33.34 22.38
C ALA A 212 -3.19 -33.84 22.90
N GLY A 213 -2.48 -34.60 22.05
CA GLY A 213 -1.19 -35.12 22.43
C GLY A 213 -0.20 -34.02 22.73
N VAL A 214 -0.29 -32.92 21.98
CA VAL A 214 0.59 -31.79 22.18
C VAL A 214 0.31 -31.12 23.53
N LEU A 215 -0.97 -30.90 23.83
CA LEU A 215 -1.33 -30.27 25.10
C LEU A 215 -0.83 -31.12 26.27
N ALA A 216 -0.83 -32.44 26.08
CA ALA A 216 -0.38 -33.36 27.12
C ALA A 216 1.13 -33.28 27.36
N GLN A 217 1.85 -32.65 26.43
CA GLN A 217 3.30 -32.51 26.55
C GLN A 217 3.67 -31.22 27.25
N LEU A 218 2.71 -30.32 27.38
CA LEU A 218 2.97 -29.05 28.03
C LEU A 218 3.29 -29.26 29.51
N PRO A 219 3.99 -28.31 30.12
CA PRO A 219 4.35 -28.41 31.54
C PRO A 219 3.15 -28.34 32.47
N ARG A 220 3.33 -28.83 33.69
CA ARG A 220 2.26 -28.82 34.68
C ARG A 220 2.88 -28.52 36.04
N GLY A 221 2.22 -27.65 36.81
CA GLY A 221 2.72 -27.28 38.12
C GLY A 221 4.12 -26.67 38.07
N GLN A 222 4.35 -25.82 37.09
CA GLN A 222 5.65 -25.17 36.94
C GLN A 222 5.48 -23.66 36.83
N ASN A 223 6.59 -22.94 37.01
CA ASN A 223 6.58 -21.49 36.84
C ASN A 223 6.83 -21.34 35.35
N VAL A 224 5.88 -20.73 34.65
CA VAL A 224 5.97 -20.59 33.20
C VAL A 224 5.97 -19.16 32.66
N TYR A 225 6.86 -18.92 31.71
CA TYR A 225 6.98 -17.63 31.03
C TYR A 225 6.56 -17.92 29.59
N PHE A 226 5.62 -17.13 29.06
CA PHE A 226 5.15 -17.31 27.70
C PHE A 226 5.90 -16.41 26.72
N SER A 227 6.44 -17.00 25.66
CA SER A 227 7.12 -16.23 24.64
C SER A 227 6.39 -16.52 23.33
N VAL A 228 5.61 -15.55 22.86
CA VAL A 228 4.86 -15.72 21.63
C VAL A 228 5.45 -14.95 20.45
N ASP A 229 6.01 -15.70 19.51
CA ASP A 229 6.58 -15.14 18.28
C ASP A 229 5.41 -15.27 17.31
N VAL A 230 4.91 -14.14 16.80
CA VAL A 230 3.77 -14.20 15.89
C VAL A 230 3.96 -15.07 14.65
N ASP A 231 5.21 -15.31 14.24
CA ASP A 231 5.39 -16.14 13.05
C ASP A 231 5.10 -17.61 13.32
N GLY A 232 4.74 -17.93 14.56
CA GLY A 232 4.37 -19.29 14.89
C GLY A 232 3.00 -19.51 14.25
N PHE A 233 2.26 -18.42 14.10
CA PHE A 233 0.93 -18.49 13.48
C PHE A 233 1.06 -18.53 11.97
N ASP A 234 0.07 -19.14 11.32
CA ASP A 234 0.07 -19.24 9.87
C ASP A 234 0.11 -17.84 9.24
N PRO A 235 0.97 -17.64 8.23
CA PRO A 235 1.12 -16.36 7.53
C PRO A 235 -0.19 -15.83 6.94
N ALA A 236 -1.12 -16.75 6.66
CA ALA A 236 -2.41 -16.35 6.10
C ALA A 236 -3.19 -15.60 7.18
N VAL A 237 -2.99 -16.00 8.43
CA VAL A 237 -3.67 -15.36 9.55
C VAL A 237 -2.93 -14.11 10.01
N ILE A 238 -1.63 -14.26 10.23
CA ILE A 238 -0.78 -13.16 10.69
C ILE A 238 0.38 -12.95 9.69
N PRO A 239 0.12 -12.23 8.59
CA PRO A 239 1.18 -11.99 7.60
C PRO A 239 2.23 -10.96 8.01
N GLY A 240 1.88 -10.10 8.96
CA GLY A 240 2.79 -9.06 9.41
C GLY A 240 3.93 -9.52 10.30
N THR A 241 4.94 -10.11 9.68
CA THR A 241 6.10 -10.59 10.42
C THR A 241 7.26 -10.74 9.43
N SER A 242 8.49 -10.58 9.91
CA SER A 242 9.66 -10.66 9.04
C SER A 242 9.87 -11.94 8.24
N SER A 243 9.86 -13.09 8.92
CA SER A 243 10.14 -14.37 8.27
C SER A 243 9.04 -15.41 8.36
N PRO A 244 7.98 -15.26 7.55
CA PRO A 244 6.87 -16.20 7.56
C PRO A 244 7.21 -17.58 7.00
N GLU A 245 6.55 -18.59 7.55
CA GLU A 245 6.72 -19.98 7.12
C GLU A 245 5.28 -20.50 6.93
N PRO A 246 5.00 -21.15 5.80
CA PRO A 246 3.65 -21.68 5.55
C PRO A 246 3.17 -22.76 6.51
N ASP A 247 1.86 -22.95 6.56
CA ASP A 247 1.24 -23.98 7.39
C ASP A 247 1.55 -23.86 8.87
N GLY A 248 1.07 -22.77 9.47
CA GLY A 248 1.31 -22.53 10.87
C GLY A 248 0.07 -22.69 11.71
N LEU A 249 0.16 -22.21 12.95
CA LEU A 249 -0.94 -22.29 13.89
C LEU A 249 -2.09 -21.36 13.52
N THR A 250 -3.32 -21.81 13.71
CA THR A 250 -4.45 -20.93 13.46
C THR A 250 -4.47 -20.15 14.78
N TYR A 251 -5.25 -19.08 14.83
CA TYR A 251 -5.35 -18.31 16.08
C TYR A 251 -5.88 -19.27 17.15
N ALA A 252 -6.94 -20.02 16.81
CA ALA A 252 -7.55 -20.95 17.77
C ALA A 252 -6.57 -21.97 18.36
N GLN A 253 -5.72 -22.55 17.52
CA GLN A 253 -4.76 -23.55 17.98
C GLN A 253 -3.75 -22.94 18.94
N GLY A 254 -3.19 -21.79 18.58
CA GLY A 254 -2.24 -21.15 19.45
C GLY A 254 -2.87 -20.80 20.78
N MET A 255 -4.10 -20.29 20.72
CA MET A 255 -4.81 -19.91 21.94
C MET A 255 -5.11 -21.12 22.82
N LYS A 256 -5.40 -22.27 22.20
CA LYS A 256 -5.68 -23.48 22.99
C LYS A 256 -4.42 -23.93 23.75
N ILE A 257 -3.25 -23.77 23.12
CA ILE A 257 -1.99 -24.14 23.75
C ILE A 257 -1.72 -23.21 24.94
N LEU A 258 -1.89 -21.91 24.72
CA LEU A 258 -1.67 -20.94 25.77
C LEU A 258 -2.67 -21.12 26.91
N ALA A 259 -3.92 -21.37 26.55
CA ALA A 259 -4.98 -21.57 27.55
C ALA A 259 -4.70 -22.81 28.41
N ALA A 260 -4.27 -23.89 27.75
CA ALA A 260 -3.97 -25.13 28.44
C ALA A 260 -2.84 -24.93 29.45
N ALA A 261 -1.76 -24.29 29.01
CA ALA A 261 -0.64 -24.05 29.91
C ALA A 261 -1.03 -23.11 31.05
N ALA A 262 -1.83 -22.10 30.75
CA ALA A 262 -2.25 -21.15 31.78
C ALA A 262 -3.13 -21.77 32.85
N ALA A 263 -3.81 -22.85 32.50
CA ALA A 263 -4.71 -23.52 33.42
C ALA A 263 -4.01 -24.41 34.45
N ASN A 264 -2.83 -24.91 34.09
CA ASN A 264 -2.09 -25.83 34.96
C ASN A 264 -0.73 -25.34 35.46
N ASN A 265 -0.44 -24.05 35.32
CA ASN A 265 0.86 -23.55 35.76
C ASN A 265 0.76 -22.15 36.36
N THR A 266 1.85 -21.72 36.97
CA THR A 266 1.93 -20.39 37.54
C THR A 266 2.60 -19.55 36.46
N VAL A 267 1.82 -18.70 35.81
CA VAL A 267 2.32 -17.84 34.73
C VAL A 267 3.00 -16.60 35.30
N VAL A 268 4.31 -16.47 35.05
CA VAL A 268 5.07 -15.36 35.56
C VAL A 268 5.25 -14.17 34.62
N GLY A 269 4.88 -14.35 33.36
CA GLY A 269 5.03 -13.27 32.41
C GLY A 269 4.84 -13.74 30.99
N LEU A 270 4.78 -12.78 30.07
CA LEU A 270 4.58 -13.12 28.66
C LEU A 270 5.12 -12.03 27.75
N ASP A 271 5.69 -12.44 26.62
CA ASP A 271 6.15 -11.47 25.65
C ASP A 271 5.53 -11.81 24.30
N LEU A 272 5.35 -10.77 23.49
CA LEU A 272 4.73 -10.89 22.17
C LEU A 272 5.76 -10.22 21.26
N VAL A 273 6.42 -11.02 20.43
CA VAL A 273 7.46 -10.51 19.55
C VAL A 273 7.29 -10.80 18.07
N GLU A 274 8.15 -10.15 17.27
CA GLU A 274 8.22 -10.28 15.82
C GLU A 274 7.04 -9.75 15.00
N LEU A 275 6.15 -8.99 15.63
CA LEU A 275 5.04 -8.42 14.87
C LEU A 275 5.63 -7.26 14.06
N ALA A 276 5.28 -7.18 12.77
CA ALA A 276 5.75 -6.12 11.88
C ALA A 276 4.50 -5.53 11.22
N PRO A 277 3.92 -4.50 11.84
CA PRO A 277 2.70 -3.83 11.33
C PRO A 277 2.84 -3.32 9.91
N ASN A 278 4.04 -2.85 9.58
CA ASN A 278 4.32 -2.31 8.26
C ASN A 278 4.20 -3.34 7.15
N LEU A 279 4.22 -4.63 7.51
CA LEU A 279 4.12 -5.70 6.53
C LEU A 279 2.71 -6.24 6.35
N ASP A 280 1.74 -5.64 7.01
CA ASP A 280 0.34 -6.07 6.87
C ASP A 280 -0.55 -4.83 6.80
N PRO A 281 -0.82 -4.35 5.59
CA PRO A 281 -1.66 -3.16 5.43
C PRO A 281 -3.15 -3.37 5.75
N THR A 282 -3.55 -4.61 6.03
CA THR A 282 -4.95 -4.88 6.37
C THR A 282 -5.14 -4.61 7.85
N GLY A 283 -4.01 -4.58 8.57
CA GLY A 283 -4.04 -4.33 10.00
C GLY A 283 -4.54 -5.48 10.84
N ARG A 284 -4.86 -6.62 10.22
CA ARG A 284 -5.37 -7.74 11.01
C ARG A 284 -4.32 -8.37 11.91
N SER A 285 -3.05 -8.29 11.51
CA SER A 285 -2.01 -8.88 12.34
C SER A 285 -1.97 -8.28 13.74
N GLU A 286 -1.92 -6.95 13.84
CA GLU A 286 -1.86 -6.35 15.17
C GLU A 286 -3.20 -6.47 15.90
N LEU A 287 -4.30 -6.43 15.16
CA LEU A 287 -5.61 -6.56 15.79
C LEU A 287 -5.76 -7.93 16.46
N LEU A 288 -5.41 -8.98 15.73
CA LEU A 288 -5.51 -10.34 16.25
C LEU A 288 -4.49 -10.65 17.35
N MET A 289 -3.29 -10.10 17.24
CA MET A 289 -2.29 -10.37 18.27
C MET A 289 -2.57 -9.61 19.56
N ALA A 290 -3.16 -8.42 19.46
CA ALA A 290 -3.50 -7.67 20.67
C ALA A 290 -4.58 -8.48 21.38
N ARG A 291 -5.51 -9.03 20.61
CA ARG A 291 -6.57 -9.84 21.21
C ARG A 291 -5.99 -11.09 21.86
N LEU A 292 -5.01 -11.71 21.21
CA LEU A 292 -4.40 -12.91 21.76
C LEU A 292 -3.86 -12.62 23.16
N VAL A 293 -3.14 -11.51 23.29
CA VAL A 293 -2.57 -11.14 24.58
C VAL A 293 -3.68 -10.99 25.62
N MET A 294 -4.74 -10.28 25.27
CA MET A 294 -5.85 -10.08 26.20
C MET A 294 -6.57 -11.38 26.53
N GLU A 295 -6.79 -12.23 25.53
CA GLU A 295 -7.45 -13.49 25.79
C GLU A 295 -6.57 -14.39 26.65
N THR A 296 -5.25 -14.33 26.43
CA THR A 296 -4.35 -15.13 27.23
C THR A 296 -4.46 -14.70 28.69
N LEU A 297 -4.51 -13.40 28.94
CA LEU A 297 -4.64 -12.89 30.30
C LEU A 297 -5.97 -13.34 30.91
N CYS A 298 -7.02 -13.41 30.10
CA CYS A 298 -8.31 -13.87 30.62
C CYS A 298 -8.13 -15.28 31.17
N GLU A 299 -7.46 -16.12 30.39
CA GLU A 299 -7.20 -17.49 30.79
C GLU A 299 -6.31 -17.55 32.03
N VAL A 300 -5.26 -16.74 32.05
CA VAL A 300 -4.35 -16.73 33.19
C VAL A 300 -5.07 -16.41 34.49
N PHE A 301 -5.83 -15.31 34.50
CA PHE A 301 -6.53 -14.93 35.71
C PHE A 301 -7.74 -15.78 36.06
N ASP A 302 -8.15 -16.65 35.14
CA ASP A 302 -9.27 -17.54 35.39
C ASP A 302 -8.82 -18.79 36.16
N HIS A 303 -7.53 -19.09 36.09
CA HIS A 303 -7.02 -20.27 36.78
C HIS A 303 -5.87 -19.96 37.72
N VAL A 304 -5.76 -18.70 38.13
CA VAL A 304 -4.70 -18.28 39.03
C VAL A 304 -4.87 -18.92 40.41
N LEU A 305 -3.76 -19.34 41.00
CA LEU A 305 -3.76 -19.94 42.32
C LEU A 305 -3.07 -19.00 43.30
N GLY B 3 -21.44 -10.69 -30.18
CA GLY B 3 -20.04 -10.42 -30.62
C GLY B 3 -19.03 -10.58 -29.50
N PRO B 4 -17.94 -9.79 -29.50
CA PRO B 4 -16.92 -9.90 -28.45
C PRO B 4 -17.41 -9.35 -27.11
N ALA B 5 -16.84 -9.86 -26.03
CA ALA B 5 -17.21 -9.42 -24.69
C ALA B 5 -16.03 -8.77 -23.98
N HIS B 6 -16.32 -7.77 -23.15
CA HIS B 6 -15.29 -7.06 -22.40
C HIS B 6 -14.59 -7.99 -21.41
N LEU B 7 -13.32 -7.71 -21.14
CA LEU B 7 -12.57 -8.45 -20.14
C LEU B 7 -12.96 -7.72 -18.86
N PRO B 8 -12.65 -8.30 -17.69
CA PRO B 8 -13.00 -7.67 -16.41
C PRO B 8 -12.63 -6.20 -16.25
N TYR B 9 -11.52 -5.78 -16.82
CA TYR B 9 -11.09 -4.38 -16.71
C TYR B 9 -11.74 -3.44 -17.72
N GLY B 10 -12.62 -3.98 -18.56
CA GLY B 10 -13.26 -3.14 -19.56
C GLY B 10 -14.73 -2.89 -19.29
N GLY B 11 -15.23 -1.76 -19.77
CA GLY B 11 -16.63 -1.42 -19.61
C GLY B 11 -17.02 -0.71 -18.33
N ILE B 12 -18.24 -0.20 -18.31
CA ILE B 12 -18.76 0.50 -17.15
C ILE B 12 -19.11 -0.55 -16.11
N PRO B 13 -18.61 -0.39 -14.88
CA PRO B 13 -18.92 -1.37 -13.85
C PRO B 13 -20.31 -1.29 -13.22
N THR B 14 -21.22 -2.15 -13.68
CA THR B 14 -22.55 -2.24 -13.12
C THR B 14 -22.56 -3.66 -12.57
N PHE B 15 -23.37 -3.93 -11.55
CA PHE B 15 -23.41 -5.26 -10.97
C PHE B 15 -23.75 -6.34 -12.00
N ALA B 16 -22.88 -7.35 -12.10
CA ALA B 16 -23.05 -8.46 -13.04
C ALA B 16 -23.14 -7.95 -14.47
N ARG B 17 -22.64 -6.74 -14.69
CA ARG B 17 -22.65 -6.12 -16.01
C ARG B 17 -24.08 -5.99 -16.55
N ALA B 18 -25.03 -5.81 -15.62
CA ALA B 18 -26.44 -5.67 -15.98
C ALA B 18 -26.75 -4.25 -16.44
N PRO B 19 -27.87 -4.05 -17.15
CA PRO B 19 -28.22 -2.70 -17.60
C PRO B 19 -28.59 -1.78 -16.43
N LEU B 20 -28.23 -0.51 -16.55
CA LEU B 20 -28.50 0.47 -15.52
C LEU B 20 -29.93 1.01 -15.60
N VAL B 21 -30.57 1.12 -14.45
CA VAL B 21 -31.95 1.62 -14.37
C VAL B 21 -32.14 2.52 -13.16
N GLN B 22 -33.32 3.15 -13.08
CA GLN B 22 -33.65 4.02 -11.95
C GLN B 22 -34.58 3.25 -11.03
N PRO B 23 -34.41 3.41 -9.70
CA PRO B 23 -35.26 2.71 -8.73
C PRO B 23 -36.75 2.81 -9.03
N ASP B 24 -37.21 4.03 -9.34
CA ASP B 24 -38.62 4.24 -9.63
C ASP B 24 -38.87 4.33 -11.14
N GLY B 25 -38.01 3.69 -11.91
CA GLY B 25 -38.16 3.71 -13.36
C GLY B 25 -39.10 2.64 -13.87
N ASP B 26 -39.28 2.59 -15.19
CA ASP B 26 -40.16 1.61 -15.82
C ASP B 26 -39.36 0.40 -16.29
N TRP B 27 -39.21 -0.58 -15.41
CA TRP B 27 -38.47 -1.80 -15.74
C TRP B 27 -38.86 -2.96 -14.83
N GLN B 28 -38.43 -4.15 -15.23
CA GLN B 28 -38.68 -5.38 -14.47
C GLN B 28 -37.55 -6.37 -14.73
N ALA B 29 -37.16 -7.11 -13.69
CA ALA B 29 -36.08 -8.09 -13.82
C ALA B 29 -36.13 -9.08 -12.67
N ASP B 30 -35.55 -10.26 -12.88
CA ASP B 30 -35.54 -11.27 -11.84
C ASP B 30 -34.72 -10.81 -10.64
N VAL B 31 -33.51 -10.30 -10.94
CA VAL B 31 -32.62 -9.82 -9.90
C VAL B 31 -32.27 -8.34 -10.13
N ALA B 32 -32.33 -7.55 -9.07
CA ALA B 32 -32.01 -6.13 -9.15
C ALA B 32 -31.08 -5.71 -8.02
N ALA B 33 -29.98 -5.05 -8.37
CA ALA B 33 -29.02 -4.59 -7.39
C ALA B 33 -29.26 -3.13 -7.02
N LEU B 34 -29.01 -2.81 -5.75
CA LEU B 34 -29.16 -1.44 -5.26
C LEU B 34 -28.07 -1.20 -4.21
N GLY B 35 -27.26 -0.18 -4.43
CA GLY B 35 -26.19 0.12 -3.49
C GLY B 35 -26.57 1.15 -2.45
N VAL B 36 -25.94 1.04 -1.29
CA VAL B 36 -26.16 1.97 -0.19
C VAL B 36 -24.79 2.30 0.39
N PRO B 37 -24.07 3.26 -0.23
CA PRO B 37 -22.73 3.67 0.22
C PRO B 37 -22.73 4.50 1.49
N PHE B 38 -23.18 3.87 2.57
CA PHE B 38 -23.29 4.49 3.88
C PHE B 38 -22.39 3.79 4.90
N ASP B 39 -21.43 4.51 5.48
CA ASP B 39 -20.56 3.89 6.47
C ASP B 39 -20.25 4.77 7.68
N ILE B 40 -21.04 5.82 7.90
CA ILE B 40 -20.78 6.69 9.03
C ILE B 40 -21.32 6.18 10.36
N ALA B 41 -21.96 5.01 10.35
CA ALA B 41 -22.52 4.43 11.58
C ALA B 41 -21.58 3.43 12.27
N LEU B 42 -20.59 2.91 11.56
CA LEU B 42 -19.67 1.95 12.17
C LEU B 42 -18.79 2.67 13.20
N GLY B 43 -18.26 1.91 14.16
CA GLY B 43 -17.46 2.54 15.20
C GLY B 43 -15.95 2.35 15.14
N PHE B 44 -15.41 1.98 13.99
CA PHE B 44 -13.97 1.79 13.93
C PHE B 44 -13.35 2.30 12.62
N ARG B 45 -13.10 1.40 11.68
CA ARG B 45 -12.46 1.78 10.42
C ARG B 45 -13.42 1.95 9.24
N PRO B 46 -13.54 3.19 8.74
CA PRO B 46 -14.42 3.51 7.61
C PRO B 46 -13.89 2.91 6.31
N GLY B 47 -14.73 2.92 5.28
CA GLY B 47 -14.33 2.40 3.99
C GLY B 47 -15.45 1.68 3.27
N ALA B 48 -16.44 1.21 4.01
CA ALA B 48 -17.56 0.47 3.43
C ALA B 48 -18.39 1.30 2.45
N ARG B 49 -18.20 2.61 2.45
CA ARG B 49 -18.95 3.46 1.53
C ARG B 49 -18.50 3.17 0.10
N PHE B 50 -17.32 2.58 -0.05
CA PHE B 50 -16.79 2.27 -1.37
C PHE B 50 -17.07 0.82 -1.77
N ALA B 51 -17.71 0.07 -0.88
CA ALA B 51 -17.98 -1.33 -1.17
C ALA B 51 -18.91 -1.58 -2.36
N PRO B 52 -20.00 -0.80 -2.47
CA PRO B 52 -20.89 -1.01 -3.62
C PRO B 52 -20.13 -0.97 -4.94
N ARG B 53 -19.28 0.04 -5.10
CA ARG B 53 -18.51 0.22 -6.32
C ARG B 53 -17.49 -0.92 -6.48
N ALA B 54 -16.80 -1.27 -5.41
CA ALA B 54 -15.84 -2.35 -5.48
C ALA B 54 -16.54 -3.66 -5.85
N LEU B 55 -17.71 -3.90 -5.26
CA LEU B 55 -18.46 -5.12 -5.55
C LEU B 55 -18.89 -5.15 -7.02
N ARG B 56 -19.35 -4.02 -7.54
CA ARG B 56 -19.76 -3.97 -8.94
C ARG B 56 -18.56 -4.33 -9.83
N GLU B 57 -17.42 -3.70 -9.55
CA GLU B 57 -16.22 -3.98 -10.33
C GLU B 57 -15.82 -5.45 -10.23
N ALA B 58 -15.80 -5.97 -9.01
CA ALA B 58 -15.44 -7.36 -8.79
C ALA B 58 -16.42 -8.33 -9.47
N SER B 59 -17.69 -7.94 -9.54
CA SER B 59 -18.70 -8.80 -10.16
C SER B 59 -18.47 -9.00 -11.65
N LEU B 60 -17.64 -8.15 -12.26
CA LEU B 60 -17.35 -8.30 -13.68
C LEU B 60 -16.61 -9.61 -13.92
N ARG B 61 -16.11 -10.20 -12.85
CA ARG B 61 -15.42 -11.49 -12.93
C ARG B 61 -16.47 -12.59 -12.78
N SER B 62 -17.68 -12.20 -12.38
CA SER B 62 -18.76 -13.16 -12.18
C SER B 62 -20.05 -12.81 -12.94
N VAL B 63 -19.96 -12.67 -14.26
CA VAL B 63 -21.12 -12.35 -15.06
C VAL B 63 -21.91 -13.61 -15.38
N PRO B 64 -23.23 -13.61 -15.09
CA PRO B 64 -24.09 -14.78 -15.35
C PRO B 64 -24.46 -14.91 -16.82
N PRO B 65 -24.90 -16.10 -17.24
CA PRO B 65 -25.08 -17.33 -16.45
C PRO B 65 -23.78 -18.10 -16.31
N PHE B 66 -23.80 -19.16 -15.50
CA PHE B 66 -22.60 -19.96 -15.27
C PHE B 66 -22.73 -21.44 -15.61
N THR B 67 -21.76 -21.95 -16.36
CA THR B 67 -21.74 -23.37 -16.71
C THR B 67 -20.58 -23.97 -15.92
N GLY B 68 -20.92 -24.78 -14.92
CA GLY B 68 -19.91 -25.39 -14.08
C GLY B 68 -19.12 -26.52 -14.74
N LEU B 69 -18.23 -27.12 -13.96
CA LEU B 69 -17.39 -28.22 -14.43
C LEU B 69 -18.23 -29.40 -14.91
N ASP B 70 -19.38 -29.60 -14.26
CA ASP B 70 -20.27 -30.69 -14.62
C ASP B 70 -21.05 -30.43 -15.91
N GLY B 71 -20.88 -29.25 -16.48
CA GLY B 71 -21.57 -28.91 -17.72
C GLY B 71 -22.95 -28.33 -17.53
N LYS B 72 -23.44 -28.31 -16.30
CA LYS B 72 -24.76 -27.76 -16.00
C LYS B 72 -24.68 -26.24 -15.89
N THR B 73 -25.70 -25.56 -16.39
CA THR B 73 -25.73 -24.10 -16.35
C THR B 73 -26.76 -23.58 -15.36
N ARG B 74 -26.38 -22.54 -14.63
CA ARG B 74 -27.27 -21.93 -13.65
C ARG B 74 -27.46 -20.45 -13.97
N LEU B 75 -28.62 -19.92 -13.59
CA LEU B 75 -28.98 -18.54 -13.85
C LEU B 75 -29.30 -18.31 -15.31
N GLN B 76 -29.52 -19.40 -16.04
CA GLN B 76 -29.85 -19.34 -17.46
C GLN B 76 -31.22 -18.68 -17.60
N GLY B 77 -31.28 -17.62 -18.39
CA GLY B 77 -32.54 -16.93 -18.59
C GLY B 77 -32.93 -15.97 -17.49
N VAL B 78 -32.14 -15.93 -16.41
CA VAL B 78 -32.41 -15.03 -15.29
C VAL B 78 -31.93 -13.63 -15.62
N THR B 79 -32.85 -12.67 -15.64
CA THR B 79 -32.52 -11.29 -15.96
C THR B 79 -32.03 -10.49 -14.76
N PHE B 80 -31.09 -9.59 -15.03
CA PHE B 80 -30.50 -8.73 -14.01
C PHE B 80 -30.63 -7.25 -14.35
N ALA B 81 -30.59 -6.43 -13.31
CA ALA B 81 -30.68 -4.98 -13.46
C ALA B 81 -29.91 -4.34 -12.31
N ASP B 82 -29.39 -3.14 -12.55
CA ASP B 82 -28.65 -2.39 -11.53
C ASP B 82 -29.38 -1.06 -11.37
N ALA B 83 -30.02 -0.87 -10.21
CA ALA B 83 -30.75 0.35 -9.94
C ALA B 83 -29.87 1.47 -9.39
N GLY B 84 -28.55 1.27 -9.49
CA GLY B 84 -27.63 2.28 -8.99
C GLY B 84 -27.60 2.33 -7.48
N ASP B 85 -27.34 3.51 -6.92
CA ASP B 85 -27.29 3.69 -5.48
C ASP B 85 -28.35 4.64 -4.97
N VAL B 86 -28.66 4.52 -3.68
CA VAL B 86 -29.61 5.39 -3.04
C VAL B 86 -28.86 6.71 -2.95
N ILE B 87 -29.56 7.83 -3.18
CA ILE B 87 -28.91 9.13 -3.09
C ILE B 87 -28.90 9.50 -1.61
N LEU B 88 -27.74 9.39 -0.99
CA LEU B 88 -27.60 9.68 0.43
C LEU B 88 -27.11 11.09 0.69
N PRO B 89 -27.58 11.71 1.77
CA PRO B 89 -27.16 13.07 2.12
C PRO B 89 -25.90 12.89 2.97
N SER B 90 -25.35 14.00 3.44
CA SER B 90 -24.19 13.93 4.32
C SER B 90 -24.82 13.92 5.71
N LEU B 91 -24.26 13.12 6.62
CA LEU B 91 -24.81 13.02 7.97
C LEU B 91 -26.29 12.66 7.86
N GLU B 92 -27.13 13.40 8.59
CA GLU B 92 -28.58 13.18 8.55
C GLU B 92 -28.99 11.70 8.44
N PRO B 93 -28.66 10.89 9.47
CA PRO B 93 -29.00 9.47 9.44
C PRO B 93 -30.48 9.18 9.23
N GLN B 94 -31.34 9.93 9.91
CA GLN B 94 -32.78 9.72 9.77
C GLN B 94 -33.21 9.85 8.31
N LEU B 95 -32.73 10.90 7.64
CA LEU B 95 -33.06 11.13 6.25
C LEU B 95 -32.50 10.00 5.37
N ALA B 96 -31.27 9.59 5.64
CA ALA B 96 -30.65 8.51 4.88
C ALA B 96 -31.52 7.26 4.98
N HIS B 97 -31.98 6.95 6.19
CA HIS B 97 -32.81 5.78 6.41
C HIS B 97 -34.08 5.84 5.55
N ASP B 98 -34.74 6.99 5.55
CA ASP B 98 -35.97 7.13 4.78
C ASP B 98 -35.71 6.93 3.28
N ARG B 99 -34.62 7.50 2.77
CA ARG B 99 -34.31 7.35 1.35
C ARG B 99 -33.97 5.90 1.00
N ILE B 100 -33.34 5.20 1.94
CA ILE B 100 -32.98 3.81 1.72
C ILE B 100 -34.24 2.94 1.65
N THR B 101 -35.14 3.14 2.60
CA THR B 101 -36.37 2.35 2.61
C THR B 101 -37.19 2.60 1.35
N GLU B 102 -37.31 3.86 0.94
CA GLU B 102 -38.09 4.19 -0.26
C GLU B 102 -37.49 3.53 -1.50
N ALA B 103 -36.17 3.62 -1.65
CA ALA B 103 -35.51 3.03 -2.81
C ALA B 103 -35.66 1.50 -2.77
N ALA B 104 -35.54 0.92 -1.59
CA ALA B 104 -35.66 -0.53 -1.45
C ALA B 104 -37.07 -0.97 -1.85
N ARG B 105 -38.09 -0.26 -1.36
CA ARG B 105 -39.47 -0.59 -1.70
C ARG B 105 -39.67 -0.58 -3.21
N GLN B 106 -39.20 0.48 -3.85
CA GLN B 106 -39.33 0.63 -5.30
C GLN B 106 -38.63 -0.50 -6.06
N VAL B 107 -37.39 -0.80 -5.69
CA VAL B 107 -36.64 -1.87 -6.35
C VAL B 107 -37.30 -3.22 -6.09
N ARG B 108 -37.77 -3.42 -4.87
CA ARG B 108 -38.44 -4.66 -4.50
C ARG B 108 -39.65 -4.89 -5.39
N GLY B 109 -40.43 -3.83 -5.60
CA GLY B 109 -41.62 -3.95 -6.42
C GLY B 109 -41.35 -4.21 -7.89
N ARG B 110 -40.09 -4.14 -8.31
CA ARG B 110 -39.76 -4.34 -9.71
C ARG B 110 -38.89 -5.57 -10.00
N CYS B 111 -38.64 -6.39 -8.99
CA CYS B 111 -37.84 -7.59 -9.19
C CYS B 111 -38.33 -8.71 -8.29
N ARG B 112 -37.75 -9.90 -8.46
CA ARG B 112 -38.12 -11.04 -7.63
C ARG B 112 -37.18 -11.10 -6.43
N VAL B 113 -35.89 -10.92 -6.69
CA VAL B 113 -34.89 -10.97 -5.62
C VAL B 113 -33.99 -9.73 -5.65
N PRO B 114 -34.18 -8.81 -4.69
CA PRO B 114 -33.34 -7.62 -4.65
C PRO B 114 -32.04 -7.91 -3.92
N VAL B 115 -30.95 -7.32 -4.40
CA VAL B 115 -29.62 -7.49 -3.80
C VAL B 115 -29.15 -6.12 -3.34
N PHE B 116 -28.93 -5.97 -2.05
CA PHE B 116 -28.48 -4.69 -1.49
C PHE B 116 -27.01 -4.73 -1.11
N LEU B 117 -26.25 -3.78 -1.65
CA LEU B 117 -24.82 -3.70 -1.37
C LEU B 117 -24.51 -2.53 -0.43
N GLY B 118 -24.05 -2.86 0.78
CA GLY B 118 -23.68 -1.83 1.74
C GLY B 118 -22.24 -1.41 1.51
N GLY B 119 -21.69 -0.50 2.31
CA GLY B 119 -22.39 0.12 3.41
C GLY B 119 -22.21 -0.67 4.70
N ASP B 120 -22.23 0.01 5.85
CA ASP B 120 -22.09 -0.70 7.11
C ASP B 120 -23.39 -1.44 7.43
N HIS B 121 -23.36 -2.28 8.47
CA HIS B 121 -24.56 -3.06 8.78
C HIS B 121 -25.79 -2.27 9.21
N SER B 122 -25.62 -1.00 9.56
CA SER B 122 -26.77 -0.21 9.99
C SER B 122 -27.80 -0.07 8.85
N VAL B 123 -27.35 -0.23 7.61
CA VAL B 123 -28.26 -0.10 6.47
C VAL B 123 -29.34 -1.19 6.45
N SER B 124 -29.07 -2.31 7.11
CA SER B 124 -30.03 -3.41 7.14
C SER B 124 -31.36 -3.01 7.76
N TYR B 125 -31.33 -2.04 8.67
CA TYR B 125 -32.57 -1.59 9.32
C TYR B 125 -33.52 -0.93 8.31
N PRO B 126 -33.11 0.19 7.69
CA PRO B 126 -34.04 0.82 6.73
C PRO B 126 -34.34 -0.08 5.53
N LEU B 127 -33.44 -1.02 5.27
CA LEU B 127 -33.62 -1.96 4.17
C LEU B 127 -34.76 -2.91 4.53
N LEU B 128 -34.72 -3.46 5.74
CA LEU B 128 -35.74 -4.39 6.20
C LEU B 128 -37.12 -3.73 6.26
N ARG B 129 -37.17 -2.43 6.51
CA ARG B 129 -38.44 -1.73 6.58
C ARG B 129 -39.24 -1.84 5.28
N ALA B 130 -38.56 -2.18 4.19
CA ALA B 130 -39.23 -2.33 2.90
C ALA B 130 -39.87 -3.70 2.73
N PHE B 131 -39.74 -4.54 3.75
CA PHE B 131 -40.31 -5.88 3.72
C PHE B 131 -41.38 -6.05 4.79
N ALA B 132 -42.04 -4.95 5.13
CA ALA B 132 -43.10 -4.96 6.14
C ALA B 132 -44.29 -5.83 5.78
N ASP B 133 -44.49 -6.10 4.49
CA ASP B 133 -45.63 -6.91 4.06
C ASP B 133 -45.31 -8.39 3.85
N VAL B 134 -44.13 -8.83 4.29
CA VAL B 134 -43.76 -10.23 4.14
C VAL B 134 -44.18 -10.96 5.41
N PRO B 135 -45.16 -11.87 5.31
CA PRO B 135 -45.64 -12.62 6.47
C PRO B 135 -44.62 -13.55 7.10
N ASP B 136 -44.50 -13.48 8.43
CA ASP B 136 -43.57 -14.32 9.17
C ASP B 136 -42.18 -14.27 8.55
N LEU B 137 -41.66 -13.07 8.41
CA LEU B 137 -40.34 -12.88 7.81
C LEU B 137 -39.23 -13.44 8.69
N HIS B 138 -38.31 -14.18 8.06
CA HIS B 138 -37.17 -14.75 8.76
C HIS B 138 -35.89 -14.17 8.19
N VAL B 139 -34.92 -13.91 9.06
CA VAL B 139 -33.64 -13.39 8.61
C VAL B 139 -32.56 -14.38 8.96
N VAL B 140 -31.71 -14.69 7.99
CA VAL B 140 -30.58 -15.58 8.20
C VAL B 140 -29.40 -14.62 8.06
N GLN B 141 -28.69 -14.42 9.16
CA GLN B 141 -27.58 -13.48 9.22
C GLN B 141 -26.24 -14.16 9.49
N LEU B 142 -25.26 -13.90 8.60
CA LEU B 142 -23.92 -14.43 8.78
C LEU B 142 -23.17 -13.24 9.37
N ASP B 143 -22.57 -13.41 10.54
CA ASP B 143 -21.92 -12.29 11.21
C ASP B 143 -21.08 -12.78 12.39
N ALA B 144 -20.02 -12.05 12.69
CA ALA B 144 -19.19 -12.39 13.85
C ALA B 144 -19.86 -11.74 15.06
N HIS B 145 -20.70 -10.74 14.79
CA HIS B 145 -21.40 -10.01 15.85
C HIS B 145 -22.92 -10.20 15.79
N LEU B 146 -23.60 -9.95 16.90
CA LEU B 146 -25.05 -10.12 16.95
C LEU B 146 -25.85 -8.96 16.37
N ASP B 147 -25.39 -7.73 16.65
CA ASP B 147 -26.04 -6.53 16.16
C ASP B 147 -27.49 -6.39 16.60
N PHE B 148 -27.75 -6.67 17.87
CA PHE B 148 -29.11 -6.55 18.42
C PHE B 148 -29.05 -5.61 19.62
N THR B 149 -28.10 -4.69 19.58
CA THR B 149 -27.90 -3.71 20.65
C THR B 149 -28.92 -2.59 20.59
N ASP B 150 -29.38 -2.16 21.77
CA ASP B 150 -30.35 -1.08 21.85
C ASP B 150 -29.64 0.24 21.57
N THR B 151 -28.73 0.62 22.47
CA THR B 151 -27.97 1.85 22.32
C THR B 151 -26.47 1.62 22.45
N ARG B 152 -25.70 2.28 21.59
CA ARG B 152 -24.23 2.17 21.62
C ARG B 152 -23.63 3.55 21.38
N ASN B 153 -22.68 3.94 22.21
CA ASN B 153 -22.04 5.25 22.07
C ASN B 153 -23.04 6.37 21.87
N ASP B 154 -24.06 6.36 22.72
CA ASP B 154 -25.11 7.37 22.70
C ASP B 154 -25.95 7.51 21.43
N THR B 155 -26.09 6.44 20.66
CA THR B 155 -26.91 6.47 19.46
C THR B 155 -27.74 5.19 19.32
N LYS B 156 -28.88 5.31 18.64
CA LYS B 156 -29.77 4.18 18.40
C LYS B 156 -29.56 3.62 17.00
N TRP B 157 -28.80 4.34 16.18
CA TRP B 157 -28.59 3.93 14.79
C TRP B 157 -27.22 3.43 14.36
N SER B 158 -26.42 2.93 15.29
CA SER B 158 -25.08 2.43 14.94
C SER B 158 -25.24 1.08 14.22
N ASN B 159 -24.13 0.58 13.67
CA ASN B 159 -24.19 -0.70 12.97
C ASN B 159 -24.35 -1.87 13.94
N SER B 160 -24.42 -1.57 15.24
CA SER B 160 -24.59 -2.59 16.26
C SER B 160 -26.06 -2.77 16.63
N SER B 161 -26.92 -1.94 16.05
CA SER B 161 -28.36 -1.98 16.35
C SER B 161 -29.36 -2.24 15.21
N PRO B 162 -28.88 -2.49 13.98
CA PRO B 162 -29.85 -2.72 12.89
C PRO B 162 -31.02 -3.68 13.11
N PHE B 163 -30.75 -4.87 13.62
CA PHE B 163 -31.84 -5.82 13.81
C PHE B 163 -32.71 -5.53 15.03
N ARG B 164 -32.17 -4.77 15.98
CA ARG B 164 -32.95 -4.40 17.16
C ARG B 164 -33.94 -3.35 16.69
N ARG B 165 -33.46 -2.43 15.86
CA ARG B 165 -34.30 -1.37 15.31
C ARG B 165 -35.36 -1.98 14.39
N ALA B 166 -34.95 -2.94 13.57
CA ALA B 166 -35.86 -3.58 12.62
C ALA B 166 -37.00 -4.32 13.32
N CYS B 167 -36.66 -5.11 14.32
CA CYS B 167 -37.68 -5.86 15.04
C CYS B 167 -38.72 -4.96 15.70
N GLU B 168 -38.29 -3.85 16.30
CA GLU B 168 -39.24 -2.96 16.94
C GLU B 168 -40.10 -2.18 15.95
N ALA B 169 -39.71 -2.17 14.68
CA ALA B 169 -40.47 -1.45 13.67
C ALA B 169 -41.26 -2.39 12.76
N LEU B 170 -40.97 -3.69 12.84
CA LEU B 170 -41.63 -4.67 12.00
C LEU B 170 -42.10 -5.89 12.77
N PRO B 171 -43.38 -5.88 13.22
CA PRO B 171 -43.88 -7.03 13.97
C PRO B 171 -43.90 -8.32 13.13
N ASN B 172 -43.79 -8.18 11.81
CA ASN B 172 -43.80 -9.33 10.93
C ASN B 172 -42.45 -10.03 10.88
N LEU B 173 -41.41 -9.38 11.41
CA LEU B 173 -40.07 -9.99 11.45
C LEU B 173 -40.11 -10.88 12.68
N VAL B 174 -40.54 -12.12 12.49
CA VAL B 174 -40.70 -13.06 13.59
C VAL B 174 -39.49 -13.85 14.09
N HIS B 175 -38.44 -13.96 13.29
CA HIS B 175 -37.28 -14.72 13.73
C HIS B 175 -35.99 -14.38 13.00
N ILE B 176 -34.89 -14.50 13.73
CA ILE B 176 -33.57 -14.26 13.18
C ILE B 176 -32.65 -15.38 13.61
N THR B 177 -31.88 -15.89 12.66
CA THR B 177 -30.90 -16.95 12.93
C THR B 177 -29.57 -16.31 12.56
N THR B 178 -28.70 -16.15 13.54
CA THR B 178 -27.39 -15.53 13.33
C THR B 178 -26.32 -16.61 13.47
N VAL B 179 -25.45 -16.72 12.47
CA VAL B 179 -24.42 -17.76 12.48
C VAL B 179 -23.03 -17.18 12.30
N GLY B 180 -22.09 -17.66 13.11
CA GLY B 180 -20.71 -17.20 13.02
C GLY B 180 -20.21 -16.38 14.20
N LEU B 181 -21.07 -16.17 15.20
CA LEU B 181 -20.69 -15.39 16.37
C LEU B 181 -19.42 -15.84 17.07
N ARG B 182 -18.57 -14.87 17.40
CA ARG B 182 -17.30 -15.14 18.09
C ARG B 182 -16.73 -13.83 18.60
N GLY B 183 -15.73 -13.92 19.46
CA GLY B 183 -15.11 -12.72 20.00
C GLY B 183 -15.15 -12.75 21.51
N LEU B 184 -14.37 -11.86 22.14
CA LEU B 184 -14.30 -11.82 23.60
C LEU B 184 -15.45 -11.05 24.25
N ARG B 185 -16.12 -10.20 23.48
CA ARG B 185 -17.19 -9.39 24.05
C ARG B 185 -18.53 -9.43 23.33
N PHE B 186 -19.60 -9.50 24.13
CA PHE B 186 -20.96 -9.50 23.62
C PHE B 186 -21.83 -8.67 24.57
N ASP B 187 -22.78 -7.92 24.00
CA ASP B 187 -23.70 -7.08 24.76
C ASP B 187 -24.67 -8.03 25.48
N PRO B 188 -24.57 -8.13 26.81
CA PRO B 188 -25.46 -9.01 27.57
C PRO B 188 -26.95 -8.71 27.41
N GLU B 189 -27.27 -7.42 27.31
CA GLU B 189 -28.66 -6.99 27.16
C GLU B 189 -29.18 -7.39 25.78
N ALA B 190 -28.33 -7.23 24.77
CA ALA B 190 -28.69 -7.57 23.40
C ALA B 190 -28.92 -9.07 23.25
N VAL B 191 -28.02 -9.87 23.82
CA VAL B 191 -28.14 -11.31 23.74
C VAL B 191 -29.43 -11.76 24.43
N ALA B 192 -29.69 -11.24 25.62
CA ALA B 192 -30.89 -11.58 26.36
C ALA B 192 -32.16 -11.19 25.60
N ALA B 193 -32.14 -10.02 24.98
CA ALA B 193 -33.29 -9.55 24.22
C ALA B 193 -33.56 -10.46 23.03
N ALA B 194 -32.49 -10.88 22.36
CA ALA B 194 -32.62 -11.76 21.20
C ALA B 194 -33.22 -13.11 21.60
N ARG B 195 -32.69 -13.70 22.66
CA ARG B 195 -33.18 -14.99 23.12
C ARG B 195 -34.64 -14.90 23.59
N ALA B 196 -34.99 -13.77 24.19
CA ALA B 196 -36.35 -13.56 24.67
C ALA B 196 -37.34 -13.58 23.51
N ARG B 197 -36.89 -13.14 22.34
CA ARG B 197 -37.75 -13.12 21.16
C ARG B 197 -37.69 -14.45 20.42
N GLY B 198 -36.91 -15.39 20.95
CA GLY B 198 -36.80 -16.70 20.33
C GLY B 198 -35.81 -16.79 19.20
N HIS B 199 -35.01 -15.74 19.00
CA HIS B 199 -34.02 -15.73 17.94
C HIS B 199 -33.01 -16.86 18.18
N THR B 200 -32.41 -17.36 17.10
CA THR B 200 -31.44 -18.43 17.23
C THR B 200 -30.02 -17.88 17.08
N ILE B 201 -29.15 -18.23 18.03
CA ILE B 201 -27.77 -17.77 18.03
C ILE B 201 -26.84 -18.96 17.89
N ILE B 202 -26.12 -19.01 16.76
CA ILE B 202 -25.21 -20.11 16.48
C ILE B 202 -23.77 -19.62 16.43
N PRO B 203 -23.00 -19.85 17.51
CA PRO B 203 -21.60 -19.44 17.61
C PRO B 203 -20.75 -20.16 16.55
N MET B 204 -19.67 -19.53 16.13
CA MET B 204 -18.80 -20.13 15.14
C MET B 204 -18.33 -21.50 15.63
N ASP B 205 -18.17 -21.65 16.94
CA ASP B 205 -17.73 -22.94 17.50
C ASP B 205 -18.65 -24.07 17.09
N ASP B 206 -19.95 -23.80 16.99
CA ASP B 206 -20.93 -24.81 16.60
C ASP B 206 -20.74 -25.24 15.16
N VAL B 207 -20.40 -24.28 14.29
CA VAL B 207 -20.18 -24.57 12.89
C VAL B 207 -18.96 -25.49 12.76
N THR B 208 -17.93 -25.20 13.54
CA THR B 208 -16.72 -26.00 13.52
C THR B 208 -16.97 -27.38 14.11
N ALA B 209 -17.65 -27.44 15.25
CA ALA B 209 -17.94 -28.69 15.91
C ALA B 209 -18.84 -29.60 15.07
N ASP B 210 -19.89 -29.03 14.49
CA ASP B 210 -20.82 -29.82 13.69
C ASP B 210 -21.67 -28.97 12.75
N LEU B 211 -21.19 -28.83 11.52
CA LEU B 211 -21.89 -28.05 10.50
C LEU B 211 -23.27 -28.63 10.21
N ALA B 212 -23.41 -29.96 10.30
CA ALA B 212 -24.68 -30.62 10.05
C ALA B 212 -25.73 -30.16 11.07
N GLY B 213 -25.32 -30.06 12.33
CA GLY B 213 -26.24 -29.62 13.36
C GLY B 213 -26.65 -28.18 13.12
N VAL B 214 -25.76 -27.39 12.53
CA VAL B 214 -26.06 -25.99 12.23
C VAL B 214 -27.09 -25.88 11.12
N LEU B 215 -26.85 -26.58 10.02
CA LEU B 215 -27.79 -26.54 8.90
C LEU B 215 -29.18 -26.97 9.36
N ALA B 216 -29.23 -27.90 10.31
CA ALA B 216 -30.49 -28.40 10.82
C ALA B 216 -31.28 -27.34 11.58
N GLN B 217 -30.60 -26.28 12.01
CA GLN B 217 -31.27 -25.21 12.75
C GLN B 217 -31.78 -24.11 11.83
N LEU B 218 -31.45 -24.20 10.54
CA LEU B 218 -31.89 -23.19 9.58
C LEU B 218 -33.37 -23.37 9.29
N PRO B 219 -34.05 -22.28 8.91
CA PRO B 219 -35.49 -22.39 8.63
C PRO B 219 -35.81 -23.21 7.39
N ARG B 220 -37.04 -23.72 7.33
CA ARG B 220 -37.51 -24.52 6.20
C ARG B 220 -38.89 -23.99 5.78
N GLY B 221 -39.08 -23.80 4.48
CA GLY B 221 -40.36 -23.31 3.97
C GLY B 221 -40.80 -21.96 4.50
N GLN B 222 -39.84 -21.08 4.77
CA GLN B 222 -40.14 -19.75 5.28
C GLN B 222 -39.75 -18.66 4.28
N ASN B 223 -40.18 -17.44 4.55
CA ASN B 223 -39.80 -16.30 3.72
C ASN B 223 -38.51 -15.84 4.39
N VAL B 224 -37.40 -15.96 3.68
CA VAL B 224 -36.10 -15.60 4.23
C VAL B 224 -35.38 -14.44 3.57
N TYR B 225 -34.82 -13.58 4.41
CA TYR B 225 -34.03 -12.42 3.99
C TYR B 225 -32.61 -12.73 4.45
N PHE B 226 -31.66 -12.70 3.53
CA PHE B 226 -30.26 -12.96 3.85
C PHE B 226 -29.53 -11.66 4.18
N SER B 227 -28.77 -11.67 5.26
CA SER B 227 -27.97 -10.52 5.62
C SER B 227 -26.56 -11.03 5.87
N VAL B 228 -25.66 -10.75 4.94
CA VAL B 228 -24.29 -11.21 5.05
C VAL B 228 -23.31 -10.12 5.41
N ASP B 229 -22.76 -10.22 6.63
CA ASP B 229 -21.75 -9.27 7.09
C ASP B 229 -20.47 -10.02 6.75
N VAL B 230 -19.62 -9.44 5.90
CA VAL B 230 -18.40 -10.13 5.50
C VAL B 230 -17.47 -10.48 6.67
N ASP B 231 -17.61 -9.82 7.81
CA ASP B 231 -16.72 -10.17 8.92
C ASP B 231 -17.10 -11.51 9.54
N GLY B 232 -18.16 -12.13 9.02
CA GLY B 232 -18.55 -13.44 9.51
C GLY B 232 -17.49 -14.42 9.02
N PHE B 233 -16.89 -14.09 7.89
CA PHE B 233 -15.84 -14.92 7.31
C PHE B 233 -14.51 -14.70 8.02
N ASP B 234 -13.63 -15.69 7.98
CA ASP B 234 -12.33 -15.59 8.60
C ASP B 234 -11.55 -14.42 7.97
N PRO B 235 -10.87 -13.61 8.79
CA PRO B 235 -10.10 -12.46 8.31
C PRO B 235 -8.95 -12.82 7.36
N ALA B 236 -8.52 -14.08 7.39
CA ALA B 236 -7.45 -14.52 6.51
C ALA B 236 -8.02 -14.61 5.10
N VAL B 237 -9.31 -14.92 5.03
CA VAL B 237 -10.01 -15.05 3.75
C VAL B 237 -10.50 -13.69 3.28
N ILE B 238 -11.18 -12.96 4.16
CA ILE B 238 -11.72 -11.65 3.83
C ILE B 238 -11.21 -10.61 4.84
N PRO B 239 -9.99 -10.11 4.64
CA PRO B 239 -9.43 -9.12 5.57
C PRO B 239 -10.02 -7.71 5.44
N GLY B 240 -10.64 -7.43 4.30
CA GLY B 240 -11.20 -6.12 4.05
C GLY B 240 -12.49 -5.80 4.79
N THR B 241 -12.39 -5.58 6.09
CA THR B 241 -13.56 -5.27 6.89
C THR B 241 -13.10 -4.51 8.13
N SER B 242 -13.95 -3.63 8.65
CA SER B 242 -13.60 -2.81 9.80
C SER B 242 -13.15 -3.53 11.06
N SER B 243 -13.97 -4.48 11.53
CA SER B 243 -13.69 -5.19 12.78
C SER B 243 -13.55 -6.70 12.63
N PRO B 244 -12.38 -7.16 12.17
CA PRO B 244 -12.20 -8.60 12.00
C PRO B 244 -12.05 -9.35 13.32
N GLU B 245 -12.48 -10.60 13.31
CA GLU B 245 -12.40 -11.47 14.49
C GLU B 245 -11.81 -12.78 13.96
N PRO B 246 -10.78 -13.31 14.65
CA PRO B 246 -10.15 -14.56 14.21
C PRO B 246 -11.05 -15.78 14.21
N ASP B 247 -10.64 -16.79 13.45
CA ASP B 247 -11.35 -18.06 13.36
C ASP B 247 -12.80 -17.94 12.94
N GLY B 248 -13.00 -17.49 11.72
CA GLY B 248 -14.34 -17.33 11.18
C GLY B 248 -14.66 -18.37 10.13
N LEU B 249 -15.71 -18.11 9.37
CA LEU B 249 -16.16 -19.01 8.32
C LEU B 249 -15.23 -19.03 7.12
N THR B 250 -15.04 -20.20 6.53
CA THR B 250 -14.24 -20.24 5.31
C THR B 250 -15.30 -19.85 4.30
N TYR B 251 -14.87 -19.52 3.09
CA TYR B 251 -15.82 -19.15 2.06
C TYR B 251 -16.82 -20.31 1.90
N ALA B 252 -16.28 -21.53 1.82
CA ALA B 252 -17.07 -22.76 1.65
C ALA B 252 -18.15 -22.96 2.71
N GLN B 253 -17.81 -22.74 3.97
CA GLN B 253 -18.78 -22.90 5.06
C GLN B 253 -19.90 -21.89 4.97
N GLY B 254 -19.55 -20.63 4.72
CA GLY B 254 -20.57 -19.59 4.61
C GLY B 254 -21.51 -19.92 3.47
N MET B 255 -20.93 -20.36 2.36
CA MET B 255 -21.70 -20.70 1.16
C MET B 255 -22.59 -21.92 1.39
N LYS B 256 -22.11 -22.89 2.17
CA LYS B 256 -22.92 -24.08 2.45
C LYS B 256 -24.16 -23.68 3.25
N ILE B 257 -23.99 -22.73 4.17
CA ILE B 257 -25.10 -22.26 4.99
C ILE B 257 -26.10 -21.53 4.10
N LEU B 258 -25.61 -20.61 3.30
CA LEU B 258 -26.48 -19.85 2.39
C LEU B 258 -27.15 -20.77 1.38
N ALA B 259 -26.41 -21.74 0.86
CA ALA B 259 -26.95 -22.68 -0.12
C ALA B 259 -28.07 -23.53 0.47
N ALA B 260 -27.87 -24.04 1.68
CA ALA B 260 -28.89 -24.86 2.32
C ALA B 260 -30.16 -24.05 2.53
N ALA B 261 -30.01 -22.84 3.06
CA ALA B 261 -31.15 -21.99 3.31
C ALA B 261 -31.85 -21.59 2.02
N ALA B 262 -31.05 -21.35 0.98
CA ALA B 262 -31.60 -20.95 -0.31
C ALA B 262 -32.44 -22.05 -0.94
N ALA B 263 -32.04 -23.30 -0.75
CA ALA B 263 -32.77 -24.42 -1.34
C ALA B 263 -34.01 -24.84 -0.54
N ASN B 264 -34.11 -24.38 0.70
CA ASN B 264 -35.25 -24.77 1.52
C ASN B 264 -36.24 -23.67 1.86
N ASN B 265 -36.07 -22.49 1.26
CA ASN B 265 -36.96 -21.37 1.59
C ASN B 265 -37.26 -20.46 0.41
N THR B 266 -38.15 -19.51 0.64
CA THR B 266 -38.50 -18.51 -0.35
C THR B 266 -37.64 -17.31 0.01
N VAL B 267 -36.61 -17.06 -0.79
CA VAL B 267 -35.70 -15.95 -0.53
C VAL B 267 -36.28 -14.65 -1.09
N VAL B 268 -36.51 -13.70 -0.21
CA VAL B 268 -37.10 -12.43 -0.61
C VAL B 268 -36.08 -11.29 -0.77
N GLY B 269 -34.84 -11.54 -0.38
CA GLY B 269 -33.83 -10.51 -0.50
C GLY B 269 -32.51 -10.86 0.16
N LEU B 270 -31.51 -10.04 -0.09
CA LEU B 270 -30.19 -10.25 0.48
C LEU B 270 -29.36 -8.99 0.48
N ASP B 271 -28.60 -8.78 1.54
CA ASP B 271 -27.70 -7.62 1.58
C ASP B 271 -26.32 -8.15 1.91
N LEU B 272 -25.30 -7.42 1.45
CA LEU B 272 -23.90 -7.79 1.67
C LEU B 272 -23.30 -6.54 2.27
N VAL B 273 -22.93 -6.60 3.54
CA VAL B 273 -22.42 -5.43 4.22
C VAL B 273 -21.06 -5.57 4.89
N GLU B 274 -20.53 -4.42 5.31
CA GLU B 274 -19.25 -4.28 6.00
C GLU B 274 -17.99 -4.57 5.20
N LEU B 275 -18.10 -4.63 3.89
CA LEU B 275 -16.93 -4.85 3.04
C LEU B 275 -16.15 -3.53 3.05
N ALA B 276 -14.84 -3.59 3.23
CA ALA B 276 -14.02 -2.37 3.22
C ALA B 276 -12.85 -2.64 2.27
N PRO B 277 -13.03 -2.35 0.98
CA PRO B 277 -12.04 -2.55 -0.09
C PRO B 277 -10.70 -1.90 0.20
N ASN B 278 -10.76 -0.73 0.83
CA ASN B 278 -9.57 0.05 1.19
C ASN B 278 -8.67 -0.68 2.19
N LEU B 279 -9.23 -1.66 2.89
CA LEU B 279 -8.47 -2.40 3.89
C LEU B 279 -7.87 -3.70 3.36
N ASP B 280 -8.04 -3.95 2.07
CA ASP B 280 -7.48 -5.15 1.46
C ASP B 280 -6.90 -4.82 0.09
N PRO B 281 -5.61 -4.41 0.08
CA PRO B 281 -4.93 -4.06 -1.17
C PRO B 281 -4.73 -5.23 -2.13
N THR B 282 -5.00 -6.46 -1.68
CA THR B 282 -4.85 -7.62 -2.55
C THR B 282 -6.11 -7.75 -3.41
N GLY B 283 -7.17 -7.07 -2.98
CA GLY B 283 -8.42 -7.12 -3.71
C GLY B 283 -9.20 -8.42 -3.62
N ARG B 284 -8.71 -9.41 -2.87
CA ARG B 284 -9.43 -10.67 -2.78
C ARG B 284 -10.75 -10.57 -2.03
N SER B 285 -10.85 -9.63 -1.11
CA SER B 285 -12.09 -9.48 -0.35
C SER B 285 -13.29 -9.17 -1.25
N GLU B 286 -13.17 -8.15 -2.09
CA GLU B 286 -14.28 -7.81 -2.98
C GLU B 286 -14.50 -8.87 -4.04
N LEU B 287 -13.42 -9.46 -4.55
CA LEU B 287 -13.56 -10.49 -5.57
C LEU B 287 -14.35 -11.69 -5.04
N LEU B 288 -13.99 -12.15 -3.85
CA LEU B 288 -14.65 -13.30 -3.26
C LEU B 288 -16.08 -13.00 -2.82
N MET B 289 -16.32 -11.80 -2.31
CA MET B 289 -17.66 -11.45 -1.86
C MET B 289 -18.62 -11.19 -3.01
N ALA B 290 -18.09 -10.70 -4.13
CA ALA B 290 -18.94 -10.47 -5.30
C ALA B 290 -19.36 -11.86 -5.77
N ARG B 291 -18.40 -12.80 -5.75
CA ARG B 291 -18.69 -14.16 -6.17
C ARG B 291 -19.71 -14.79 -5.23
N LEU B 292 -19.58 -14.50 -3.94
CA LEU B 292 -20.50 -15.05 -2.95
C LEU B 292 -21.94 -14.70 -3.31
N VAL B 293 -22.15 -13.43 -3.66
CA VAL B 293 -23.49 -12.97 -4.02
C VAL B 293 -24.00 -13.73 -5.24
N MET B 294 -23.17 -13.82 -6.28
CA MET B 294 -23.58 -14.52 -7.49
C MET B 294 -23.87 -16.01 -7.26
N GLU B 295 -23.02 -16.67 -6.48
CA GLU B 295 -23.22 -18.10 -6.21
C GLU B 295 -24.50 -18.30 -5.39
N THR B 296 -24.79 -17.37 -4.48
CA THR B 296 -26.00 -17.47 -3.67
C THR B 296 -27.20 -17.39 -4.61
N LEU B 297 -27.13 -16.49 -5.58
CA LEU B 297 -28.21 -16.33 -6.55
C LEU B 297 -28.36 -17.60 -7.38
N CYS B 298 -27.25 -18.24 -7.72
CA CYS B 298 -27.29 -19.49 -8.48
C CYS B 298 -28.11 -20.50 -7.69
N GLU B 299 -27.85 -20.59 -6.39
CA GLU B 299 -28.55 -21.52 -5.52
C GLU B 299 -30.03 -21.17 -5.39
N VAL B 300 -30.32 -19.87 -5.28
CA VAL B 300 -31.70 -19.41 -5.13
C VAL B 300 -32.58 -19.80 -6.31
N PHE B 301 -32.18 -19.40 -7.51
CA PHE B 301 -32.97 -19.71 -8.71
C PHE B 301 -32.85 -21.15 -9.17
N ASP B 302 -32.07 -21.94 -8.46
CA ASP B 302 -31.89 -23.35 -8.82
C ASP B 302 -32.89 -24.20 -8.05
N HIS B 303 -33.57 -23.60 -7.08
CA HIS B 303 -34.55 -24.31 -6.27
C HIS B 303 -35.84 -23.51 -6.13
N VAL B 304 -36.30 -22.90 -7.22
CA VAL B 304 -37.53 -22.13 -7.19
C VAL B 304 -38.72 -23.08 -7.24
N LEU B 305 -39.72 -22.82 -6.41
CA LEU B 305 -40.92 -23.65 -6.37
C LEU B 305 -41.78 -23.42 -7.61
N GLY C 3 33.82 -18.58 5.13
CA GLY C 3 33.67 -17.11 5.34
C GLY C 3 32.24 -16.70 5.65
N PRO C 4 31.97 -15.40 5.79
CA PRO C 4 30.62 -14.92 6.09
C PRO C 4 29.69 -15.05 4.89
N ALA C 5 28.39 -15.09 5.16
CA ALA C 5 27.40 -15.22 4.10
C ALA C 5 26.42 -14.05 4.15
N HIS C 6 25.91 -13.66 2.99
CA HIS C 6 24.95 -12.56 2.91
C HIS C 6 23.66 -12.90 3.62
N LEU C 7 22.95 -11.86 4.04
CA LEU C 7 21.64 -12.01 4.67
C LEU C 7 20.72 -11.93 3.45
N PRO C 8 19.44 -12.26 3.62
CA PRO C 8 18.51 -12.20 2.47
C PRO C 8 18.51 -10.90 1.68
N TYR C 9 18.71 -9.78 2.37
CA TYR C 9 18.72 -8.48 1.71
C TYR C 9 20.05 -8.11 1.09
N GLY C 10 21.03 -8.99 1.17
CA GLY C 10 22.33 -8.68 0.60
C GLY C 10 22.66 -9.48 -0.63
N GLY C 11 23.48 -8.88 -1.51
CA GLY C 11 23.91 -9.56 -2.72
C GLY C 11 22.99 -9.40 -3.92
N ILE C 12 23.47 -9.83 -5.08
CA ILE C 12 22.71 -9.77 -6.32
C ILE C 12 21.74 -10.95 -6.31
N PRO C 13 20.45 -10.68 -6.55
CA PRO C 13 19.48 -11.78 -6.54
C PRO C 13 19.42 -12.70 -7.76
N THR C 14 20.16 -13.81 -7.70
CA THR C 14 20.10 -14.80 -8.75
C THR C 14 19.33 -15.93 -8.06
N PHE C 15 18.67 -16.80 -8.81
CA PHE C 15 17.90 -17.87 -8.17
C PHE C 15 18.77 -18.76 -7.29
N ALA C 16 18.42 -18.84 -6.01
CA ALA C 16 19.15 -19.64 -5.04
C ALA C 16 20.62 -19.23 -4.95
N ARG C 17 20.89 -17.98 -5.33
CA ARG C 17 22.25 -17.42 -5.34
C ARG C 17 23.19 -18.19 -6.24
N ALA C 18 22.63 -18.86 -7.23
CA ALA C 18 23.42 -19.64 -8.17
C ALA C 18 24.16 -18.72 -9.13
N PRO C 19 25.26 -19.21 -9.71
CA PRO C 19 26.03 -18.41 -10.67
C PRO C 19 25.21 -18.13 -11.93
N LEU C 20 25.41 -16.95 -12.51
CA LEU C 20 24.69 -16.56 -13.71
C LEU C 20 25.37 -17.13 -14.96
N VAL C 21 24.56 -17.69 -15.85
CA VAL C 21 25.08 -18.25 -17.10
C VAL C 21 24.17 -17.85 -18.26
N GLN C 22 24.60 -18.14 -19.47
CA GLN C 22 23.82 -17.85 -20.68
C GLN C 22 23.12 -19.14 -21.06
N PRO C 23 21.87 -19.07 -21.53
CA PRO C 23 21.16 -20.29 -21.92
C PRO C 23 22.00 -21.23 -22.77
N ASP C 24 22.69 -20.68 -23.76
CA ASP C 24 23.52 -21.49 -24.65
C ASP C 24 25.01 -21.42 -24.34
N GLY C 25 25.33 -21.07 -23.10
CA GLY C 25 26.72 -20.96 -22.69
C GLY C 25 27.38 -22.30 -22.44
N ASP C 26 28.67 -22.28 -22.13
CA ASP C 26 29.40 -23.52 -21.87
C ASP C 26 29.34 -23.87 -20.39
N TRP C 27 28.21 -24.43 -19.97
CA TRP C 27 28.01 -24.81 -18.57
C TRP C 27 27.15 -26.06 -18.47
N GLN C 28 27.12 -26.65 -17.28
CA GLN C 28 26.30 -27.80 -16.97
C GLN C 28 26.02 -27.76 -15.48
N ALA C 29 24.80 -28.13 -15.10
CA ALA C 29 24.41 -28.12 -13.68
C ALA C 29 23.23 -29.05 -13.47
N ASP C 30 23.02 -29.48 -12.23
CA ASP C 30 21.91 -30.35 -11.94
C ASP C 30 20.59 -29.61 -12.15
N VAL C 31 20.53 -28.39 -11.64
CA VAL C 31 19.33 -27.57 -11.76
C VAL C 31 19.66 -26.21 -12.38
N ALA C 32 18.80 -25.74 -13.27
CA ALA C 32 18.99 -24.44 -13.90
C ALA C 32 17.67 -23.69 -13.99
N ALA C 33 17.70 -22.43 -13.56
CA ALA C 33 16.51 -21.59 -13.59
C ALA C 33 16.51 -20.69 -14.82
N LEU C 34 15.32 -20.48 -15.37
CA LEU C 34 15.16 -19.61 -16.54
C LEU C 34 13.87 -18.83 -16.33
N GLY C 35 13.98 -17.51 -16.36
CA GLY C 35 12.81 -16.68 -16.18
C GLY C 35 12.13 -16.25 -17.47
N VAL C 36 10.81 -16.10 -17.42
CA VAL C 36 10.02 -15.69 -18.57
C VAL C 36 9.07 -14.60 -18.08
N PRO C 37 9.54 -13.34 -18.00
CA PRO C 37 8.75 -12.19 -17.54
C PRO C 37 7.75 -11.70 -18.57
N PHE C 38 6.78 -12.56 -18.87
CA PHE C 38 5.73 -12.31 -19.86
C PHE C 38 4.36 -12.36 -19.19
N ASP C 39 3.59 -11.28 -19.26
CA ASP C 39 2.28 -11.29 -18.64
C ASP C 39 1.19 -10.58 -19.44
N ILE C 40 1.43 -10.38 -20.74
CA ILE C 40 0.45 -9.68 -21.56
C ILE C 40 -0.66 -10.58 -22.10
N ALA C 41 -0.61 -11.87 -21.77
CA ALA C 41 -1.64 -12.80 -22.24
C ALA C 41 -2.76 -12.99 -21.22
N LEU C 42 -2.55 -12.56 -19.98
CA LEU C 42 -3.61 -12.75 -18.98
C LEU C 42 -4.77 -11.77 -19.21
N GLY C 43 -5.96 -12.16 -18.77
CA GLY C 43 -7.11 -11.31 -19.01
C GLY C 43 -7.62 -10.46 -17.86
N PHE C 44 -6.80 -10.23 -16.84
CA PHE C 44 -7.26 -9.42 -15.71
C PHE C 44 -6.20 -8.48 -15.16
N ARG C 45 -5.58 -8.87 -14.03
CA ARG C 45 -4.59 -8.02 -13.38
C ARG C 45 -3.13 -8.38 -13.70
N PRO C 46 -2.41 -7.45 -14.36
CA PRO C 46 -1.01 -7.63 -14.75
C PRO C 46 -0.09 -7.62 -13.53
N GLY C 47 1.15 -8.05 -13.71
CA GLY C 47 2.11 -8.07 -12.62
C GLY C 47 3.02 -9.28 -12.63
N ALA C 48 2.56 -10.36 -13.25
CA ALA C 48 3.37 -11.58 -13.33
C ALA C 48 4.70 -11.36 -14.05
N ARG C 49 4.85 -10.26 -14.78
CA ARG C 49 6.11 -10.01 -15.46
C ARG C 49 7.21 -9.78 -14.42
N PHE C 50 6.80 -9.32 -13.22
CA PHE C 50 7.75 -9.05 -12.14
C PHE C 50 8.00 -10.27 -11.27
N ALA C 51 7.29 -11.36 -11.54
CA ALA C 51 7.44 -12.58 -10.74
C ALA C 51 8.81 -13.24 -10.77
N PRO C 52 9.45 -13.36 -11.96
CA PRO C 52 10.76 -14.00 -11.94
C PRO C 52 11.75 -13.29 -11.01
N ARG C 53 11.75 -11.96 -11.04
CA ARG C 53 12.65 -11.19 -10.20
C ARG C 53 12.26 -11.34 -8.73
N ALA C 54 10.97 -11.33 -8.44
CA ALA C 54 10.49 -11.48 -7.06
C ALA C 54 10.86 -12.86 -6.52
N LEU C 55 10.72 -13.88 -7.35
CA LEU C 55 11.05 -15.25 -6.94
C LEU C 55 12.54 -15.39 -6.68
N ARG C 56 13.37 -14.73 -7.50
CA ARG C 56 14.80 -14.80 -7.28
C ARG C 56 15.14 -14.18 -5.93
N GLU C 57 14.60 -12.99 -5.68
CA GLU C 57 14.84 -12.32 -4.40
C GLU C 57 14.38 -13.19 -3.23
N ALA C 58 13.17 -13.72 -3.35
CA ALA C 58 12.62 -14.57 -2.30
C ALA C 58 13.43 -15.85 -2.11
N SER C 59 14.05 -16.33 -3.18
CA SER C 59 14.85 -17.56 -3.09
C SER C 59 16.09 -17.40 -2.24
N LEU C 60 16.48 -16.15 -1.95
CA LEU C 60 17.66 -15.93 -1.13
C LEU C 60 17.38 -16.40 0.31
N ARG C 61 16.11 -16.67 0.61
CA ARG C 61 15.74 -17.15 1.94
C ARG C 61 15.74 -18.68 1.93
N SER C 62 15.91 -19.26 0.73
CA SER C 62 15.91 -20.70 0.56
C SER C 62 17.11 -21.16 -0.27
N VAL C 63 18.31 -20.79 0.14
CA VAL C 63 19.52 -21.19 -0.56
C VAL C 63 19.92 -22.61 -0.14
N PRO C 64 20.07 -23.53 -1.10
CA PRO C 64 20.44 -24.92 -0.80
C PRO C 64 21.90 -25.09 -0.40
N PRO C 65 22.25 -26.24 0.22
CA PRO C 65 21.35 -27.35 0.55
C PRO C 65 20.56 -27.10 1.84
N PHE C 66 19.70 -28.04 2.21
CA PHE C 66 18.88 -27.87 3.41
C PHE C 66 19.00 -28.98 4.45
N THR C 67 19.34 -28.60 5.67
CA THR C 67 19.44 -29.58 6.75
C THR C 67 18.19 -29.32 7.58
N GLY C 68 17.27 -30.29 7.56
CA GLY C 68 16.01 -30.14 8.26
C GLY C 68 16.01 -30.33 9.76
N LEU C 69 14.82 -30.26 10.34
CA LEU C 69 14.67 -30.43 11.77
C LEU C 69 15.25 -31.77 12.22
N ASP C 70 15.05 -32.81 11.40
CA ASP C 70 15.54 -34.15 11.74
C ASP C 70 17.05 -34.33 11.60
N GLY C 71 17.75 -33.26 11.23
CA GLY C 71 19.20 -33.34 11.10
C GLY C 71 19.72 -33.87 9.77
N LYS C 72 18.81 -34.30 8.90
CA LYS C 72 19.21 -34.81 7.59
C LYS C 72 19.31 -33.67 6.58
N THR C 73 20.21 -33.80 5.63
CA THR C 73 20.41 -32.77 4.61
C THR C 73 19.89 -33.19 3.25
N ARG C 74 19.28 -32.24 2.53
CA ARG C 74 18.76 -32.50 1.19
C ARG C 74 19.41 -31.52 0.20
N LEU C 75 19.56 -31.97 -1.05
CA LEU C 75 20.19 -31.20 -2.12
C LEU C 75 21.68 -31.03 -1.91
N GLN C 76 22.27 -31.92 -1.11
CA GLN C 76 23.70 -31.86 -0.86
C GLN C 76 24.45 -32.23 -2.14
N GLY C 77 25.37 -31.37 -2.57
CA GLY C 77 26.12 -31.65 -3.78
C GLY C 77 25.38 -31.38 -5.08
N VAL C 78 24.14 -30.93 -4.99
CA VAL C 78 23.36 -30.64 -6.18
C VAL C 78 23.70 -29.24 -6.66
N THR C 79 24.20 -29.13 -7.89
CA THR C 79 24.58 -27.84 -8.44
C THR C 79 23.45 -27.08 -9.10
N PHE C 80 23.53 -25.76 -9.01
CA PHE C 80 22.52 -24.86 -9.56
C PHE C 80 23.14 -23.81 -10.47
N ALA C 81 22.32 -23.31 -11.39
CA ALA C 81 22.73 -22.26 -12.30
C ALA C 81 21.50 -21.42 -12.60
N ASP C 82 21.71 -20.13 -12.86
CA ASP C 82 20.62 -19.22 -13.19
C ASP C 82 20.96 -18.74 -14.60
N ALA C 83 20.16 -19.16 -15.58
CA ALA C 83 20.40 -18.79 -16.97
C ALA C 83 19.79 -17.44 -17.35
N GLY C 84 19.36 -16.69 -16.34
CA GLY C 84 18.77 -15.38 -16.60
C GLY C 84 17.35 -15.48 -17.15
N ASP C 85 16.95 -14.46 -17.90
CA ASP C 85 15.60 -14.43 -18.48
C ASP C 85 15.64 -14.51 -20.00
N VAL C 86 14.55 -14.99 -20.57
CA VAL C 86 14.41 -15.04 -22.03
C VAL C 86 14.31 -13.56 -22.43
N ILE C 87 15.04 -13.14 -23.46
CA ILE C 87 14.96 -11.76 -23.88
C ILE C 87 13.69 -11.61 -24.69
N LEU C 88 12.66 -11.04 -24.08
CA LEU C 88 11.37 -10.87 -24.72
C LEU C 88 11.19 -9.54 -25.42
N PRO C 89 10.43 -9.54 -26.53
CA PRO C 89 10.16 -8.32 -27.28
C PRO C 89 8.93 -7.70 -26.61
N SER C 90 8.49 -6.55 -27.09
CA SER C 90 7.27 -5.95 -26.57
C SER C 90 6.23 -6.49 -27.54
N LEU C 91 5.05 -6.83 -27.05
CA LEU C 91 4.01 -7.40 -27.91
C LEU C 91 4.60 -8.61 -28.63
N GLU C 92 4.31 -8.76 -29.92
CA GLU C 92 4.85 -9.85 -30.74
C GLU C 92 4.83 -11.21 -30.04
N PRO C 93 3.64 -11.70 -29.65
CA PRO C 93 3.53 -12.99 -28.98
C PRO C 93 4.23 -14.17 -29.65
N GLN C 94 4.11 -14.28 -30.98
CA GLN C 94 4.74 -15.39 -31.69
C GLN C 94 6.26 -15.38 -31.53
N LEU C 95 6.86 -14.19 -31.63
CA LEU C 95 8.30 -14.06 -31.49
C LEU C 95 8.65 -14.44 -30.05
N ALA C 96 7.87 -13.96 -29.10
CA ALA C 96 8.11 -14.26 -27.69
C ALA C 96 8.13 -15.78 -27.50
N HIS C 97 7.13 -16.45 -28.06
CA HIS C 97 7.02 -17.91 -27.97
C HIS C 97 8.26 -18.62 -28.53
N ASP C 98 8.70 -18.18 -29.71
CA ASP C 98 9.87 -18.79 -30.33
C ASP C 98 11.10 -18.64 -29.47
N ARG C 99 11.28 -17.45 -28.89
CA ARG C 99 12.44 -17.22 -28.04
C ARG C 99 12.36 -18.03 -26.75
N ILE C 100 11.16 -18.19 -26.23
CA ILE C 100 10.95 -18.96 -25.01
C ILE C 100 11.31 -20.42 -25.28
N THR C 101 10.84 -20.97 -26.39
CA THR C 101 11.15 -22.37 -26.68
C THR C 101 12.65 -22.57 -26.91
N GLU C 102 13.27 -21.66 -27.66
CA GLU C 102 14.69 -21.78 -27.95
C GLU C 102 15.55 -21.77 -26.69
N ALA C 103 15.25 -20.85 -25.79
CA ALA C 103 15.99 -20.73 -24.53
C ALA C 103 15.79 -21.98 -23.67
N ALA C 104 14.54 -22.43 -23.57
CA ALA C 104 14.20 -23.60 -22.77
C ALA C 104 14.93 -24.85 -23.27
N ARG C 105 15.02 -24.99 -24.59
CA ARG C 105 15.72 -26.14 -25.18
C ARG C 105 17.19 -26.14 -24.78
N GLN C 106 17.81 -24.97 -24.90
CA GLN C 106 19.22 -24.83 -24.57
C GLN C 106 19.49 -25.11 -23.10
N VAL C 107 18.60 -24.63 -22.23
CA VAL C 107 18.77 -24.85 -20.80
C VAL C 107 18.55 -26.33 -20.48
N ARG C 108 17.54 -26.91 -21.09
CA ARG C 108 17.23 -28.32 -20.90
C ARG C 108 18.42 -29.23 -21.20
N GLY C 109 19.06 -29.01 -22.34
CA GLY C 109 20.19 -29.84 -22.70
C GLY C 109 21.40 -29.73 -21.80
N ARG C 110 21.45 -28.68 -20.99
CA ARG C 110 22.59 -28.47 -20.11
C ARG C 110 22.37 -28.80 -18.63
N CYS C 111 21.15 -29.17 -18.25
CA CYS C 111 20.89 -29.50 -16.86
C CYS C 111 20.04 -30.77 -16.73
N ARG C 112 19.85 -31.22 -15.49
CA ARG C 112 19.04 -32.41 -15.24
C ARG C 112 17.58 -31.98 -15.09
N VAL C 113 17.35 -30.97 -14.26
CA VAL C 113 15.99 -30.47 -14.06
C VAL C 113 15.92 -28.96 -14.23
N PRO C 114 15.21 -28.50 -15.26
CA PRO C 114 15.07 -27.06 -15.51
C PRO C 114 13.90 -26.49 -14.74
N VAL C 115 14.07 -25.27 -14.22
CA VAL C 115 13.03 -24.58 -13.47
C VAL C 115 12.66 -23.28 -14.18
N PHE C 116 11.41 -23.20 -14.63
CA PHE C 116 10.93 -22.03 -15.35
C PHE C 116 10.06 -21.10 -14.51
N LEU C 117 10.44 -19.83 -14.46
CA LEU C 117 9.73 -18.84 -13.68
C LEU C 117 8.88 -17.91 -14.53
N GLY C 118 7.56 -18.07 -14.49
CA GLY C 118 6.69 -17.19 -15.25
C GLY C 118 6.49 -15.90 -14.47
N GLY C 119 5.74 -14.92 -14.99
CA GLY C 119 5.10 -15.04 -16.29
C GLY C 119 3.68 -15.58 -16.13
N ASP C 120 2.77 -15.23 -17.03
CA ASP C 120 1.41 -15.75 -16.93
C ASP C 120 1.43 -17.18 -17.45
N HIS C 121 0.34 -17.93 -17.28
CA HIS C 121 0.33 -19.33 -17.70
C HIS C 121 0.54 -19.61 -19.18
N SER C 122 0.36 -18.61 -20.04
CA SER C 122 0.55 -18.83 -21.48
C SER C 122 1.97 -19.29 -21.78
N VAL C 123 2.92 -18.98 -20.90
CA VAL C 123 4.31 -19.38 -21.14
C VAL C 123 4.52 -20.89 -21.13
N SER C 124 3.62 -21.63 -20.50
CA SER C 124 3.76 -23.08 -20.45
C SER C 124 3.69 -23.71 -21.84
N TYR C 125 3.03 -23.06 -22.79
CA TYR C 125 2.95 -23.61 -24.13
C TYR C 125 4.33 -23.61 -24.81
N PRO C 126 4.96 -22.44 -24.95
CA PRO C 126 6.28 -22.49 -25.60
C PRO C 126 7.33 -23.27 -24.80
N LEU C 127 7.15 -23.33 -23.47
CA LEU C 127 8.08 -24.07 -22.64
C LEU C 127 7.95 -25.56 -22.96
N LEU C 128 6.73 -26.06 -23.03
CA LEU C 128 6.49 -27.46 -23.32
C LEU C 128 7.01 -27.89 -24.70
N ARG C 129 7.03 -26.98 -25.67
CA ARG C 129 7.52 -27.32 -27.00
C ARG C 129 8.97 -27.80 -26.91
N ALA C 130 9.66 -27.38 -25.86
CA ALA C 130 11.05 -27.79 -25.66
C ALA C 130 11.16 -29.24 -25.19
N PHE C 131 10.01 -29.87 -24.92
CA PHE C 131 9.99 -31.25 -24.46
C PHE C 131 9.31 -32.20 -25.46
N ALA C 132 9.27 -31.81 -26.73
CA ALA C 132 8.62 -32.62 -27.74
C ALA C 132 9.25 -34.01 -27.95
N ASP C 133 10.44 -34.23 -27.39
CA ASP C 133 11.13 -35.49 -27.55
C ASP C 133 10.90 -36.46 -26.38
N VAL C 134 10.23 -36.00 -25.34
CA VAL C 134 9.96 -36.83 -24.17
C VAL C 134 8.83 -37.82 -24.46
N PRO C 135 9.13 -39.12 -24.41
CA PRO C 135 8.09 -40.12 -24.67
C PRO C 135 7.00 -40.19 -23.60
N ASP C 136 5.76 -40.30 -24.05
CA ASP C 136 4.62 -40.40 -23.13
C ASP C 136 4.71 -39.35 -22.03
N LEU C 137 4.92 -38.11 -22.43
CA LEU C 137 5.03 -37.01 -21.49
C LEU C 137 3.73 -36.73 -20.76
N HIS C 138 3.81 -36.67 -19.44
CA HIS C 138 2.66 -36.37 -18.59
C HIS C 138 2.90 -35.02 -17.94
N VAL C 139 1.83 -34.26 -17.75
CA VAL C 139 1.94 -32.97 -17.07
C VAL C 139 1.08 -33.03 -15.82
N VAL C 140 1.66 -32.62 -14.70
CA VAL C 140 0.92 -32.54 -13.44
C VAL C 140 0.78 -31.06 -13.22
N GLN C 141 -0.46 -30.60 -13.27
CA GLN C 141 -0.79 -29.19 -13.17
C GLN C 141 -1.58 -28.83 -11.91
N LEU C 142 -1.08 -27.86 -11.14
CA LEU C 142 -1.78 -27.38 -9.96
C LEU C 142 -2.39 -26.08 -10.45
N ASP C 143 -3.72 -25.96 -10.37
CA ASP C 143 -4.38 -24.77 -10.90
C ASP C 143 -5.84 -24.74 -10.46
N ALA C 144 -6.42 -23.55 -10.38
CA ALA C 144 -7.83 -23.41 -10.04
C ALA C 144 -8.57 -23.49 -11.38
N HIS C 145 -7.83 -23.30 -12.46
CA HIS C 145 -8.41 -23.31 -13.81
C HIS C 145 -7.81 -24.42 -14.68
N LEU C 146 -8.59 -24.90 -15.65
CA LEU C 146 -8.13 -25.97 -16.53
C LEU C 146 -7.12 -25.54 -17.61
N ASP C 147 -7.32 -24.35 -18.16
CA ASP C 147 -6.43 -23.83 -19.20
C ASP C 147 -6.33 -24.71 -20.44
N PHE C 148 -7.47 -25.21 -20.90
CA PHE C 148 -7.49 -26.07 -22.09
C PHE C 148 -8.43 -25.48 -23.13
N THR C 149 -8.65 -24.18 -23.03
CA THR C 149 -9.53 -23.45 -23.95
C THR C 149 -8.91 -23.28 -25.33
N ASP C 150 -9.76 -23.30 -26.36
CA ASP C 150 -9.28 -23.15 -27.73
C ASP C 150 -9.06 -21.67 -28.02
N THR C 151 -10.14 -20.91 -28.03
CA THR C 151 -10.06 -19.48 -28.28
C THR C 151 -10.77 -18.69 -27.19
N ARG C 152 -10.16 -17.59 -26.78
CA ARG C 152 -10.73 -16.72 -25.74
C ARG C 152 -10.43 -15.28 -26.16
N ASN C 153 -11.44 -14.42 -26.08
CA ASN C 153 -11.28 -13.02 -26.44
C ASN C 153 -10.49 -12.84 -27.74
N ASP C 154 -10.91 -13.59 -28.76
CA ASP C 154 -10.31 -13.55 -30.09
C ASP C 154 -8.84 -13.93 -30.24
N THR C 155 -8.32 -14.72 -29.31
CA THR C 155 -6.93 -15.15 -29.42
C THR C 155 -6.73 -16.61 -29.06
N LYS C 156 -5.70 -17.20 -29.67
CA LYS C 156 -5.32 -18.58 -29.44
C LYS C 156 -4.19 -18.67 -28.41
N TRP C 157 -3.61 -17.51 -28.08
CA TRP C 157 -2.47 -17.47 -27.16
C TRP C 157 -2.67 -16.93 -25.75
N SER C 158 -3.91 -16.89 -25.25
CA SER C 158 -4.15 -16.39 -23.90
C SER C 158 -3.65 -17.38 -22.86
N ASN C 159 -3.68 -16.98 -21.58
CA ASN C 159 -3.24 -17.87 -20.53
C ASN C 159 -4.28 -18.96 -20.23
N SER C 160 -5.38 -18.95 -20.97
CA SER C 160 -6.42 -19.96 -20.79
C SER C 160 -6.26 -21.08 -21.82
N SER C 161 -5.25 -20.97 -22.69
CA SER C 161 -5.03 -21.96 -23.74
C SER C 161 -3.68 -22.69 -23.81
N PRO C 162 -2.74 -22.41 -22.90
CA PRO C 162 -1.45 -23.10 -22.98
C PRO C 162 -1.41 -24.61 -23.20
N PHE C 163 -2.22 -25.37 -22.47
CA PHE C 163 -2.20 -26.82 -22.63
C PHE C 163 -2.93 -27.33 -23.85
N ARG C 164 -3.88 -26.53 -24.35
CA ARG C 164 -4.61 -26.91 -25.55
C ARG C 164 -3.62 -26.73 -26.70
N ARG C 165 -2.90 -25.62 -26.70
CA ARG C 165 -1.90 -25.33 -27.73
C ARG C 165 -0.79 -26.38 -27.67
N ALA C 166 -0.35 -26.69 -26.45
CA ALA C 166 0.70 -27.67 -26.25
C ALA C 166 0.31 -29.04 -26.79
N CYS C 167 -0.91 -29.47 -26.49
CA CYS C 167 -1.38 -30.77 -26.97
C CYS C 167 -1.47 -30.89 -28.48
N GLU C 168 -1.94 -29.84 -29.15
CA GLU C 168 -2.04 -29.92 -30.61
C GLU C 168 -0.67 -29.86 -31.28
N ALA C 169 0.33 -29.36 -30.57
CA ALA C 169 1.68 -29.25 -31.13
C ALA C 169 2.59 -30.38 -30.66
N LEU C 170 2.19 -31.09 -29.61
CA LEU C 170 3.01 -32.18 -29.08
C LEU C 170 2.26 -33.50 -28.98
N PRO C 171 2.39 -34.36 -30.02
CA PRO C 171 1.70 -35.64 -29.98
C PRO C 171 2.22 -36.52 -28.85
N ASN C 172 3.42 -36.20 -28.36
CA ASN C 172 4.04 -36.95 -27.28
C ASN C 172 3.46 -36.59 -25.91
N LEU C 173 2.68 -35.52 -25.84
CA LEU C 173 2.07 -35.11 -24.58
C LEU C 173 0.80 -35.94 -24.51
N VAL C 174 0.90 -37.10 -23.88
CA VAL C 174 -0.21 -38.04 -23.79
C VAL C 174 -1.17 -37.89 -22.62
N HIS C 175 -0.80 -37.14 -21.60
CA HIS C 175 -1.70 -37.01 -20.47
C HIS C 175 -1.43 -35.80 -19.59
N ILE C 176 -2.51 -35.21 -19.07
CA ILE C 176 -2.41 -34.08 -18.17
C ILE C 176 -3.30 -34.34 -16.97
N THR C 177 -2.75 -34.15 -15.78
CA THR C 177 -3.50 -34.35 -14.55
C THR C 177 -3.55 -32.97 -13.91
N THR C 178 -4.76 -32.43 -13.78
CA THR C 178 -4.94 -31.11 -13.20
C THR C 178 -5.66 -31.19 -11.85
N VAL C 179 -5.02 -30.65 -10.82
CA VAL C 179 -5.57 -30.69 -9.48
C VAL C 179 -5.85 -29.31 -8.87
N GLY C 180 -7.02 -29.17 -8.25
CA GLY C 180 -7.39 -27.92 -7.61
C GLY C 180 -8.47 -27.12 -8.29
N LEU C 181 -9.00 -27.63 -9.40
CA LEU C 181 -10.05 -26.93 -10.14
C LEU C 181 -11.24 -26.53 -9.26
N ARG C 182 -11.70 -25.30 -9.45
CA ARG C 182 -12.82 -24.77 -8.70
C ARG C 182 -13.28 -23.47 -9.35
N GLY C 183 -14.49 -23.03 -9.00
CA GLY C 183 -15.01 -21.80 -9.57
C GLY C 183 -16.40 -21.98 -10.13
N LEU C 184 -17.06 -20.86 -10.41
CA LEU C 184 -18.43 -20.88 -10.94
C LEU C 184 -18.49 -21.14 -12.44
N ARG C 185 -17.45 -20.73 -13.15
CA ARG C 185 -17.43 -20.88 -14.59
C ARG C 185 -16.31 -21.73 -15.17
N PHE C 186 -16.68 -22.62 -16.08
CA PHE C 186 -15.72 -23.47 -16.79
C PHE C 186 -16.12 -23.50 -18.25
N ASP C 187 -15.12 -23.54 -19.13
CA ASP C 187 -15.34 -23.58 -20.58
C ASP C 187 -15.82 -25.00 -20.91
N PRO C 188 -17.12 -25.15 -21.22
CA PRO C 188 -17.64 -26.49 -21.54
C PRO C 188 -16.91 -27.19 -22.69
N GLU C 189 -16.48 -26.42 -23.69
CA GLU C 189 -15.78 -26.99 -24.84
C GLU C 189 -14.40 -27.49 -24.42
N ALA C 190 -13.76 -26.75 -23.53
CA ALA C 190 -12.43 -27.12 -23.04
C ALA C 190 -12.51 -28.36 -22.17
N VAL C 191 -13.50 -28.40 -21.28
CA VAL C 191 -13.68 -29.55 -20.40
C VAL C 191 -13.94 -30.80 -21.23
N ALA C 192 -14.84 -30.69 -22.18
CA ALA C 192 -15.17 -31.82 -23.05
C ALA C 192 -13.94 -32.29 -23.83
N ALA C 193 -13.17 -31.34 -24.34
CA ALA C 193 -11.98 -31.66 -25.11
C ALA C 193 -10.93 -32.37 -24.27
N ALA C 194 -10.74 -31.91 -23.03
CA ALA C 194 -9.76 -32.52 -22.14
C ALA C 194 -10.16 -33.94 -21.77
N ARG C 195 -11.44 -34.13 -21.44
CA ARG C 195 -11.92 -35.45 -21.05
C ARG C 195 -11.75 -36.43 -22.22
N ALA C 196 -12.08 -35.97 -23.42
CA ALA C 196 -11.97 -36.82 -24.61
C ALA C 196 -10.54 -37.30 -24.85
N ARG C 197 -9.56 -36.49 -24.46
CA ARG C 197 -8.16 -36.87 -24.65
C ARG C 197 -7.65 -37.74 -23.51
N GLY C 198 -8.55 -38.07 -22.59
CA GLY C 198 -8.16 -38.92 -21.47
C GLY C 198 -7.41 -38.21 -20.36
N HIS C 199 -7.58 -36.90 -20.25
CA HIS C 199 -6.91 -36.13 -19.20
C HIS C 199 -7.63 -36.35 -17.87
N THR C 200 -6.91 -36.22 -16.76
CA THR C 200 -7.48 -36.39 -15.44
C THR C 200 -7.78 -35.03 -14.82
N ILE C 201 -9.03 -34.81 -14.45
CA ILE C 201 -9.45 -33.56 -13.84
C ILE C 201 -9.80 -33.82 -12.37
N ILE C 202 -9.08 -33.19 -11.46
CA ILE C 202 -9.32 -33.38 -10.03
C ILE C 202 -9.74 -32.08 -9.34
N PRO C 203 -11.05 -31.92 -9.10
CA PRO C 203 -11.58 -30.71 -8.45
C PRO C 203 -11.02 -30.57 -7.03
N MET C 204 -10.91 -29.34 -6.56
CA MET C 204 -10.41 -29.08 -5.21
C MET C 204 -11.29 -29.81 -4.20
N ASP C 205 -12.59 -29.91 -4.48
CA ASP C 205 -13.50 -30.59 -3.57
C ASP C 205 -13.05 -32.02 -3.25
N ASP C 206 -12.42 -32.68 -4.22
CA ASP C 206 -11.94 -34.04 -4.01
C ASP C 206 -10.71 -34.07 -3.11
N VAL C 207 -9.90 -33.02 -3.20
CA VAL C 207 -8.70 -32.93 -2.38
C VAL C 207 -9.14 -32.73 -0.93
N THR C 208 -10.16 -31.89 -0.75
CA THR C 208 -10.69 -31.62 0.58
C THR C 208 -11.34 -32.87 1.15
N ALA C 209 -12.10 -33.57 0.32
CA ALA C 209 -12.79 -34.79 0.74
C ALA C 209 -11.82 -35.92 1.12
N ASP C 210 -10.81 -36.14 0.30
CA ASP C 210 -9.86 -37.21 0.57
C ASP C 210 -8.53 -37.04 -0.18
N LEU C 211 -7.55 -36.44 0.49
CA LEU C 211 -6.24 -36.21 -0.11
C LEU C 211 -5.54 -37.50 -0.53
N ALA C 212 -5.59 -38.52 0.33
CA ALA C 212 -4.95 -39.79 0.03
C ALA C 212 -5.49 -40.34 -1.28
N GLY C 213 -6.78 -40.11 -1.52
CA GLY C 213 -7.40 -40.58 -2.75
C GLY C 213 -6.85 -39.85 -3.96
N VAL C 214 -6.62 -38.56 -3.80
CA VAL C 214 -6.07 -37.75 -4.89
C VAL C 214 -4.65 -38.17 -5.22
N LEU C 215 -3.85 -38.45 -4.20
CA LEU C 215 -2.48 -38.86 -4.45
C LEU C 215 -2.45 -40.15 -5.27
N ALA C 216 -3.43 -41.02 -5.02
CA ALA C 216 -3.53 -42.30 -5.75
C ALA C 216 -3.97 -42.13 -7.19
N GLN C 217 -4.38 -40.92 -7.57
CA GLN C 217 -4.82 -40.64 -8.93
C GLN C 217 -3.67 -40.06 -9.75
N LEU C 218 -2.55 -39.77 -9.09
CA LEU C 218 -1.40 -39.21 -9.79
C LEU C 218 -0.70 -40.26 -10.63
N PRO C 219 0.05 -39.82 -11.65
CA PRO C 219 0.77 -40.76 -12.52
C PRO C 219 1.82 -41.56 -11.77
N ARG C 220 2.18 -42.72 -12.33
CA ARG C 220 3.18 -43.60 -11.72
C ARG C 220 4.15 -44.13 -12.76
N GLY C 221 5.43 -43.91 -12.52
CA GLY C 221 6.46 -44.39 -13.44
C GLY C 221 6.42 -43.71 -14.80
N GLN C 222 6.02 -42.44 -14.82
CA GLN C 222 5.93 -41.69 -16.07
C GLN C 222 6.92 -40.53 -16.10
N ASN C 223 7.06 -39.92 -17.27
CA ASN C 223 7.92 -38.76 -17.43
C ASN C 223 6.97 -37.61 -17.11
N VAL C 224 7.29 -36.87 -16.06
CA VAL C 224 6.41 -35.79 -15.62
C VAL C 224 6.99 -34.37 -15.63
N TYR C 225 6.16 -33.45 -16.12
CA TYR C 225 6.48 -32.02 -16.16
C TYR C 225 5.50 -31.38 -15.20
N PHE C 226 6.01 -30.62 -14.22
CA PHE C 226 5.16 -29.95 -13.25
C PHE C 226 4.84 -28.54 -13.70
N SER C 227 3.57 -28.16 -13.63
CA SER C 227 3.18 -26.80 -13.96
C SER C 227 2.41 -26.29 -12.76
N VAL C 228 3.01 -25.36 -12.04
CA VAL C 228 2.35 -24.82 -10.85
C VAL C 228 1.85 -23.40 -11.03
N ASP C 229 0.53 -23.26 -11.10
CA ASP C 229 -0.12 -21.97 -11.21
C ASP C 229 -0.38 -21.63 -9.75
N VAL C 230 0.20 -20.55 -9.26
CA VAL C 230 0.01 -20.21 -7.84
C VAL C 230 -1.45 -20.03 -7.43
N ASP C 231 -2.35 -19.72 -8.36
CA ASP C 231 -3.75 -19.55 -7.94
C ASP C 231 -4.43 -20.88 -7.61
N GLY C 232 -3.67 -21.97 -7.71
CA GLY C 232 -4.21 -23.26 -7.33
C GLY C 232 -4.30 -23.25 -5.81
N PHE C 233 -3.42 -22.47 -5.20
CA PHE C 233 -3.39 -22.34 -3.74
C PHE C 233 -4.47 -21.37 -3.28
N ASP C 234 -4.91 -21.53 -2.05
CA ASP C 234 -5.94 -20.68 -1.49
C ASP C 234 -5.47 -19.22 -1.45
N PRO C 235 -6.35 -18.29 -1.85
CA PRO C 235 -6.08 -16.85 -1.88
C PRO C 235 -5.61 -16.31 -0.53
N ALA C 236 -6.04 -16.96 0.55
CA ALA C 236 -5.64 -16.53 1.88
C ALA C 236 -4.15 -16.82 2.09
N VAL C 237 -3.68 -17.89 1.48
CA VAL C 237 -2.28 -18.28 1.58
C VAL C 237 -1.45 -17.51 0.56
N ILE C 238 -1.88 -17.50 -0.69
CA ILE C 238 -1.18 -16.83 -1.77
C ILE C 238 -2.11 -15.86 -2.50
N PRO C 239 -2.32 -14.65 -1.94
CA PRO C 239 -3.20 -13.67 -2.59
C PRO C 239 -2.59 -12.96 -3.80
N GLY C 240 -1.27 -13.06 -3.93
CA GLY C 240 -0.60 -12.42 -5.04
C GLY C 240 -0.78 -13.10 -6.37
N THR C 241 -1.96 -12.97 -6.97
CA THR C 241 -2.22 -13.59 -8.27
C THR C 241 -3.40 -12.86 -8.92
N SER C 242 -3.41 -12.85 -10.24
CA SER C 242 -4.45 -12.13 -10.98
C SER C 242 -5.89 -12.54 -10.72
N SER C 243 -6.18 -13.84 -10.81
CA SER C 243 -7.53 -14.33 -10.65
C SER C 243 -7.72 -15.37 -9.54
N PRO C 244 -7.80 -14.91 -8.28
CA PRO C 244 -7.97 -15.81 -7.14
C PRO C 244 -9.36 -16.45 -7.07
N GLU C 245 -9.41 -17.66 -6.52
CA GLU C 245 -10.66 -18.39 -6.37
C GLU C 245 -10.63 -18.93 -4.93
N PRO C 246 -11.70 -18.69 -4.16
CA PRO C 246 -11.72 -19.19 -2.78
C PRO C 246 -11.60 -20.70 -2.62
N ASP C 247 -11.24 -21.09 -1.40
CA ASP C 247 -11.11 -22.48 -0.99
C ASP C 247 -10.16 -23.30 -1.86
N GLY C 248 -8.90 -22.91 -1.86
CA GLY C 248 -7.90 -23.61 -2.64
C GLY C 248 -6.99 -24.48 -1.79
N LEU C 249 -5.87 -24.87 -2.39
CA LEU C 249 -4.90 -25.72 -1.71
C LEU C 249 -4.11 -24.99 -0.64
N THR C 250 -3.87 -25.64 0.48
CA THR C 250 -3.02 -25.05 1.50
C THR C 250 -1.63 -25.30 0.92
N TYR C 251 -0.60 -24.65 1.46
CA TYR C 251 0.74 -24.88 0.98
C TYR C 251 1.03 -26.38 1.14
N ALA C 252 0.69 -26.93 2.30
CA ALA C 252 0.93 -28.34 2.60
C ALA C 252 0.30 -29.32 1.61
N GLN C 253 -0.95 -29.07 1.24
CA GLN C 253 -1.64 -29.96 0.30
C GLN C 253 -0.96 -29.95 -1.06
N GLY C 254 -0.70 -28.75 -1.59
CA GLY C 254 -0.05 -28.65 -2.88
C GLY C 254 1.29 -29.35 -2.85
N MET C 255 2.04 -29.15 -1.77
CA MET C 255 3.36 -29.74 -1.64
C MET C 255 3.29 -31.26 -1.52
N LYS C 256 2.25 -31.79 -0.88
CA LYS C 256 2.11 -33.24 -0.75
C LYS C 256 1.88 -33.87 -2.12
N ILE C 257 1.15 -33.15 -2.97
CA ILE C 257 0.88 -33.66 -4.32
C ILE C 257 2.17 -33.67 -5.12
N LEU C 258 2.93 -32.57 -5.06
CA LEU C 258 4.18 -32.49 -5.79
C LEU C 258 5.17 -33.54 -5.27
N ALA C 259 5.24 -33.69 -3.95
CA ALA C 259 6.15 -34.65 -3.35
C ALA C 259 5.80 -36.08 -3.76
N ALA C 260 4.51 -36.40 -3.74
CA ALA C 260 4.04 -37.74 -4.12
C ALA C 260 4.39 -38.05 -5.57
N ALA C 261 4.14 -37.09 -6.45
CA ALA C 261 4.43 -37.27 -7.87
C ALA C 261 5.93 -37.40 -8.11
N ALA C 262 6.71 -36.59 -7.39
CA ALA C 262 8.17 -36.63 -7.54
C ALA C 262 8.78 -37.93 -7.01
N ALA C 263 8.06 -38.61 -6.13
CA ALA C 263 8.57 -39.86 -5.57
C ALA C 263 8.26 -41.08 -6.43
N ASN C 264 7.27 -40.94 -7.32
CA ASN C 264 6.83 -42.05 -8.17
C ASN C 264 7.04 -41.86 -9.67
N ASN C 265 7.70 -40.78 -10.07
CA ASN C 265 7.90 -40.50 -11.49
C ASN C 265 9.26 -39.87 -11.77
N THR C 266 9.59 -39.76 -13.06
CA THR C 266 10.84 -39.13 -13.47
C THR C 266 10.41 -37.71 -13.84
N VAL C 267 10.84 -36.73 -13.04
CA VAL C 267 10.50 -35.34 -13.28
C VAL C 267 11.46 -34.71 -14.29
N VAL C 268 10.91 -34.19 -15.38
CA VAL C 268 11.72 -33.59 -16.43
C VAL C 268 11.78 -32.06 -16.40
N GLY C 269 10.97 -31.44 -15.56
CA GLY C 269 10.99 -29.99 -15.49
C GLY C 269 9.86 -29.44 -14.65
N LEU C 270 9.92 -28.14 -14.36
CA LEU C 270 8.88 -27.51 -13.57
C LEU C 270 8.75 -26.03 -13.88
N ASP C 271 7.51 -25.52 -13.90
CA ASP C 271 7.34 -24.09 -14.08
C ASP C 271 6.45 -23.59 -12.95
N LEU C 272 6.64 -22.32 -12.61
CA LEU C 272 5.90 -21.67 -11.54
C LEU C 272 5.36 -20.41 -12.19
N VAL C 273 4.05 -20.35 -12.37
CA VAL C 273 3.40 -19.23 -13.05
C VAL C 273 2.29 -18.51 -12.30
N GLU C 274 1.93 -17.34 -12.84
CA GLU C 274 0.87 -16.46 -12.35
C GLU C 274 1.10 -15.75 -11.02
N LEU C 275 2.33 -15.74 -10.54
CA LEU C 275 2.63 -15.04 -9.29
C LEU C 275 2.57 -13.56 -9.63
N ALA C 276 1.87 -12.76 -8.82
CA ALA C 276 1.78 -11.32 -9.04
C ALA C 276 2.19 -10.66 -7.74
N PRO C 277 3.50 -10.37 -7.58
CA PRO C 277 4.02 -9.74 -6.35
C PRO C 277 3.39 -8.40 -6.02
N ASN C 278 3.04 -7.64 -7.04
CA ASN C 278 2.42 -6.34 -6.86
C ASN C 278 1.04 -6.42 -6.19
N LEU C 279 0.44 -7.61 -6.19
CA LEU C 279 -0.87 -7.79 -5.59
C LEU C 279 -0.83 -8.33 -4.16
N ASP C 280 0.37 -8.47 -3.61
CA ASP C 280 0.51 -8.93 -2.24
C ASP C 280 1.59 -8.11 -1.54
N PRO C 281 1.21 -6.98 -0.93
CA PRO C 281 2.17 -6.12 -0.25
C PRO C 281 2.80 -6.73 1.01
N THR C 282 2.30 -7.88 1.45
CA THR C 282 2.87 -8.53 2.64
C THR C 282 4.11 -9.31 2.22
N GLY C 283 4.20 -9.59 0.92
CA GLY C 283 5.33 -10.34 0.39
C GLY C 283 5.29 -11.84 0.66
N ARG C 284 4.26 -12.35 1.34
CA ARG C 284 4.24 -13.79 1.63
C ARG C 284 4.08 -14.66 0.39
N SER C 285 3.35 -14.16 -0.61
CA SER C 285 3.15 -14.92 -1.83
C SER C 285 4.47 -15.35 -2.47
N GLU C 286 5.38 -14.42 -2.71
CA GLU C 286 6.65 -14.79 -3.33
C GLU C 286 7.56 -15.58 -2.40
N LEU C 287 7.54 -15.28 -1.11
CA LEU C 287 8.38 -16.01 -0.17
C LEU C 287 7.98 -17.48 -0.14
N LEU C 288 6.67 -17.73 -0.05
CA LEU C 288 6.18 -19.10 -0.01
C LEU C 288 6.35 -19.86 -1.33
N MET C 289 6.13 -19.19 -2.46
CA MET C 289 6.28 -19.89 -3.74
C MET C 289 7.74 -20.19 -4.06
N ALA C 290 8.67 -19.34 -3.61
CA ALA C 290 10.08 -19.59 -3.84
C ALA C 290 10.45 -20.83 -3.03
N ARG C 291 9.91 -20.91 -1.81
CA ARG C 291 10.17 -22.07 -0.97
C ARG C 291 9.58 -23.32 -1.63
N LEU C 292 8.39 -23.20 -2.20
CA LEU C 292 7.74 -24.35 -2.84
C LEU C 292 8.62 -24.93 -3.95
N VAL C 293 9.25 -24.05 -4.73
CA VAL C 293 10.12 -24.52 -5.81
C VAL C 293 11.30 -25.27 -5.21
N MET C 294 11.92 -24.68 -4.19
CA MET C 294 13.07 -25.32 -3.56
C MET C 294 12.69 -26.64 -2.88
N GLU C 295 11.55 -26.67 -2.19
CA GLU C 295 11.14 -27.90 -1.52
C GLU C 295 10.80 -28.98 -2.56
N THR C 296 10.24 -28.58 -3.69
CA THR C 296 9.91 -29.54 -4.73
C THR C 296 11.21 -30.15 -5.24
N LEU C 297 12.25 -29.33 -5.39
CA LEU C 297 13.54 -29.86 -5.86
C LEU C 297 14.11 -30.84 -4.84
N CYS C 298 13.93 -30.56 -3.54
CA CYS C 298 14.42 -31.46 -2.51
C CYS C 298 13.79 -32.84 -2.70
N GLU C 299 12.49 -32.84 -2.95
CA GLU C 299 11.74 -34.07 -3.16
C GLU C 299 12.18 -34.77 -4.45
N VAL C 300 12.37 -33.99 -5.51
CA VAL C 300 12.80 -34.55 -6.79
C VAL C 300 14.14 -35.24 -6.68
N PHE C 301 15.12 -34.60 -6.04
CA PHE C 301 16.44 -35.21 -5.91
C PHE C 301 16.57 -36.26 -4.81
N ASP C 302 15.53 -36.42 -4.02
CA ASP C 302 15.56 -37.43 -2.96
C ASP C 302 15.27 -38.79 -3.59
N HIS C 303 14.80 -38.78 -4.82
CA HIS C 303 14.47 -40.01 -5.53
C HIS C 303 15.00 -40.00 -6.96
N VAL C 304 16.30 -39.77 -7.12
CA VAL C 304 16.92 -39.73 -8.44
C VAL C 304 17.39 -41.12 -8.87
N LEU C 305 16.72 -41.67 -9.89
CA LEU C 305 17.07 -42.99 -10.41
C LEU C 305 18.12 -42.86 -11.51
N GLY D 3 -33.12 18.98 -6.48
CA GLY D 3 -33.04 17.49 -6.40
C GLY D 3 -31.71 17.03 -5.85
N PRO D 4 -31.72 16.12 -4.86
CA PRO D 4 -30.49 15.61 -4.26
C PRO D 4 -29.56 14.97 -5.28
N ALA D 5 -28.25 15.16 -5.09
CA ALA D 5 -27.27 14.60 -6.00
C ALA D 5 -26.29 13.72 -5.27
N HIS D 6 -25.77 12.70 -5.97
CA HIS D 6 -24.81 11.77 -5.38
C HIS D 6 -23.52 12.47 -4.96
N LEU D 7 -22.87 11.92 -3.95
CA LEU D 7 -21.59 12.42 -3.49
C LEU D 7 -20.64 11.65 -4.42
N PRO D 8 -19.36 12.06 -4.47
CA PRO D 8 -18.39 11.37 -5.35
C PRO D 8 -18.38 9.84 -5.24
N TYR D 9 -18.62 9.32 -4.04
CA TYR D 9 -18.61 7.87 -3.85
C TYR D 9 -19.94 7.18 -4.15
N GLY D 10 -20.89 7.92 -4.72
CA GLY D 10 -22.18 7.34 -5.02
C GLY D 10 -22.52 7.27 -6.50
N GLY D 11 -23.31 6.27 -6.86
CA GLY D 11 -23.73 6.11 -8.24
C GLY D 11 -22.76 5.37 -9.13
N ILE D 12 -23.20 5.07 -10.35
CA ILE D 12 -22.39 4.37 -11.32
C ILE D 12 -21.37 5.34 -11.89
N PRO D 13 -20.09 4.97 -11.88
CA PRO D 13 -19.05 5.87 -12.41
C PRO D 13 -18.97 5.98 -13.93
N THR D 14 -19.57 7.02 -14.48
CA THR D 14 -19.51 7.29 -15.92
C THR D 14 -18.74 8.60 -15.98
N PHE D 15 -18.03 8.87 -17.06
CA PHE D 15 -17.26 10.11 -17.14
C PHE D 15 -18.14 11.34 -16.97
N ALA D 16 -17.76 12.21 -16.04
CA ALA D 16 -18.50 13.44 -15.74
C ALA D 16 -19.93 13.11 -15.32
N ARG D 17 -20.14 11.86 -14.91
CA ARG D 17 -21.44 11.35 -14.49
C ARG D 17 -22.44 11.53 -15.62
N ALA D 18 -21.95 11.42 -16.84
CA ALA D 18 -22.79 11.56 -18.04
C ALA D 18 -23.56 10.29 -18.31
N PRO D 19 -24.67 10.41 -19.07
CA PRO D 19 -25.46 9.21 -19.38
C PRO D 19 -24.65 8.22 -20.21
N LEU D 20 -24.88 6.94 -19.99
CA LEU D 20 -24.17 5.89 -20.70
C LEU D 20 -24.81 5.59 -22.04
N VAL D 21 -23.99 5.40 -23.07
CA VAL D 21 -24.48 5.10 -24.41
C VAL D 21 -23.52 4.17 -25.13
N GLN D 22 -23.96 3.66 -26.28
CA GLN D 22 -23.14 2.77 -27.09
C GLN D 22 -22.49 3.62 -28.17
N PRO D 23 -21.25 3.27 -28.58
CA PRO D 23 -20.54 4.02 -29.61
C PRO D 23 -21.35 4.17 -30.91
N ASP D 24 -22.22 3.20 -31.16
CA ASP D 24 -23.05 3.20 -32.36
C ASP D 24 -24.54 3.37 -32.06
N GLY D 25 -24.83 3.94 -30.89
CA GLY D 25 -26.22 4.14 -30.52
C GLY D 25 -26.84 5.42 -31.03
N ASP D 26 -28.13 5.61 -30.76
CA ASP D 26 -28.84 6.80 -31.21
C ASP D 26 -28.72 7.91 -30.19
N TRP D 27 -27.62 8.65 -30.25
CA TRP D 27 -27.39 9.75 -29.32
C TRP D 27 -26.54 10.84 -29.96
N GLN D 28 -26.54 12.01 -29.34
CA GLN D 28 -25.78 13.15 -29.82
C GLN D 28 -25.43 13.99 -28.60
N ALA D 29 -24.19 14.44 -28.52
CA ALA D 29 -23.77 15.27 -27.39
C ALA D 29 -22.56 16.11 -27.79
N ASP D 30 -22.36 17.21 -27.08
CA ASP D 30 -21.24 18.09 -27.36
C ASP D 30 -19.91 17.39 -27.09
N VAL D 31 -19.88 16.60 -26.00
CA VAL D 31 -18.67 15.87 -25.61
C VAL D 31 -18.99 14.40 -25.33
N ALA D 32 -18.14 13.51 -25.85
CA ALA D 32 -18.34 12.07 -25.64
C ALA D 32 -17.03 11.40 -25.23
N ALA D 33 -17.08 10.59 -24.19
CA ALA D 33 -15.88 9.90 -23.73
C ALA D 33 -15.88 8.45 -24.19
N LEU D 34 -14.68 7.96 -24.51
CA LEU D 34 -14.49 6.58 -24.95
C LEU D 34 -13.20 6.07 -24.31
N GLY D 35 -13.29 4.94 -23.63
CA GLY D 35 -12.12 4.37 -22.98
C GLY D 35 -11.43 3.30 -23.81
N VAL D 36 -10.12 3.22 -23.66
CA VAL D 36 -9.30 2.25 -24.36
C VAL D 36 -8.34 1.65 -23.33
N PRO D 37 -8.82 0.65 -22.56
CA PRO D 37 -8.04 -0.03 -21.52
C PRO D 37 -7.01 -1.01 -22.08
N PHE D 38 -6.04 -0.45 -22.80
CA PHE D 38 -4.98 -1.22 -23.46
C PHE D 38 -3.61 -0.79 -22.93
N ASP D 39 -2.89 -1.70 -22.27
CA ASP D 39 -1.57 -1.34 -21.76
C ASP D 39 -0.47 -2.37 -22.02
N ILE D 40 -0.69 -3.28 -22.97
CA ILE D 40 0.31 -4.30 -23.24
C ILE D 40 1.44 -3.85 -24.16
N ALA D 41 1.38 -2.60 -24.62
CA ALA D 41 2.43 -2.09 -25.51
C ALA D 41 3.54 -1.34 -24.77
N LEU D 42 3.30 -0.94 -23.52
CA LEU D 42 4.34 -0.22 -22.80
C LEU D 42 5.48 -1.16 -22.42
N GLY D 43 6.67 -0.60 -22.20
CA GLY D 43 7.82 -1.44 -21.90
C GLY D 43 8.31 -1.49 -20.46
N PHE D 44 7.48 -1.06 -19.51
CA PHE D 44 7.91 -1.07 -18.12
C PHE D 44 6.82 -1.55 -17.16
N ARG D 45 6.22 -0.61 -16.42
CA ARG D 45 5.19 -0.94 -15.44
C ARG D 45 3.76 -0.82 -15.96
N PRO D 46 3.04 -1.95 -16.07
CA PRO D 46 1.66 -1.95 -16.56
C PRO D 46 0.71 -1.38 -15.51
N GLY D 47 -0.52 -1.11 -15.91
CA GLY D 47 -1.50 -0.56 -15.00
C GLY D 47 -2.45 0.41 -15.68
N ALA D 48 -2.01 0.98 -16.81
CA ALA D 48 -2.81 1.94 -17.56
C ALA D 48 -4.14 1.38 -18.04
N ARG D 49 -4.29 0.06 -18.05
CA ARG D 49 -5.56 -0.52 -18.50
C ARG D 49 -6.67 -0.20 -17.51
N PHE D 50 -6.28 0.17 -16.29
CA PHE D 50 -7.25 0.52 -15.25
C PHE D 50 -7.51 2.03 -15.22
N ALA D 51 -6.81 2.78 -16.06
CA ALA D 51 -6.96 4.24 -16.08
C ALA D 51 -8.34 4.76 -16.48
N PRO D 52 -8.92 4.20 -17.55
CA PRO D 52 -10.25 4.68 -17.95
C PRO D 52 -11.23 4.67 -16.76
N ARG D 53 -11.27 3.54 -16.06
CA ARG D 53 -12.17 3.39 -14.92
C ARG D 53 -11.82 4.34 -13.79
N ALA D 54 -10.53 4.50 -13.52
CA ALA D 54 -10.07 5.40 -12.46
C ALA D 54 -10.42 6.84 -12.79
N LEU D 55 -10.28 7.20 -14.07
CA LEU D 55 -10.60 8.54 -14.52
C LEU D 55 -12.09 8.83 -14.42
N ARG D 56 -12.91 7.82 -14.74
CA ARG D 56 -14.36 7.98 -14.65
C ARG D 56 -14.74 8.24 -13.19
N GLU D 57 -14.22 7.43 -12.28
CA GLU D 57 -14.52 7.59 -10.86
C GLU D 57 -14.05 8.95 -10.34
N ALA D 58 -12.85 9.35 -10.75
CA ALA D 58 -12.28 10.63 -10.31
C ALA D 58 -13.07 11.81 -10.88
N SER D 59 -13.63 11.64 -12.07
CA SER D 59 -14.37 12.73 -12.71
C SER D 59 -15.66 13.08 -11.96
N LEU D 60 -16.06 12.22 -11.02
CA LEU D 60 -17.28 12.48 -10.25
C LEU D 60 -17.03 13.64 -9.30
N ARG D 61 -15.77 14.08 -9.24
CA ARG D 61 -15.38 15.20 -8.39
C ARG D 61 -15.37 16.46 -9.26
N SER D 62 -15.58 16.27 -10.56
CA SER D 62 -15.58 17.37 -11.52
C SER D 62 -16.77 17.29 -12.48
N VAL D 63 -17.98 17.21 -11.93
CA VAL D 63 -19.17 17.14 -12.76
C VAL D 63 -19.56 18.55 -13.22
N PRO D 64 -19.68 18.77 -14.54
CA PRO D 64 -20.05 20.08 -15.08
C PRO D 64 -21.54 20.41 -14.86
N PRO D 65 -21.92 21.69 -15.00
CA PRO D 65 -21.06 22.83 -15.34
C PRO D 65 -20.26 23.33 -14.14
N PHE D 66 -19.37 24.31 -14.38
CA PHE D 66 -18.54 24.83 -13.30
C PHE D 66 -18.66 26.35 -13.15
N THR D 67 -18.98 26.79 -11.94
CA THR D 67 -19.08 28.22 -11.64
C THR D 67 -17.87 28.54 -10.76
N GLY D 68 -16.94 29.33 -11.28
CA GLY D 68 -15.75 29.66 -10.53
C GLY D 68 -15.92 30.73 -9.46
N LEU D 69 -14.82 31.13 -8.85
CA LEU D 69 -14.82 32.14 -7.81
C LEU D 69 -15.31 33.49 -8.34
N ASP D 70 -15.12 33.72 -9.63
CA ASP D 70 -15.54 34.97 -10.26
C ASP D 70 -17.03 34.99 -10.56
N GLY D 71 -17.70 33.87 -10.32
CA GLY D 71 -19.13 33.81 -10.58
C GLY D 71 -19.49 33.41 -11.99
N LYS D 72 -18.51 33.35 -12.87
CA LYS D 72 -18.76 32.97 -14.26
C LYS D 72 -18.91 31.46 -14.36
N THR D 73 -19.81 31.02 -15.24
CA THR D 73 -20.05 29.59 -15.42
C THR D 73 -19.53 29.10 -16.76
N ARG D 74 -18.84 27.95 -16.74
CA ARG D 74 -18.32 27.38 -17.96
C ARG D 74 -18.94 26.00 -18.20
N LEU D 75 -19.05 25.63 -19.47
CA LEU D 75 -19.65 24.37 -19.89
C LEU D 75 -21.17 24.38 -19.67
N GLN D 76 -21.71 25.56 -19.43
CA GLN D 76 -23.15 25.72 -19.22
C GLN D 76 -23.87 25.30 -20.50
N GLY D 77 -24.76 24.33 -20.40
CA GLY D 77 -25.50 23.88 -21.57
C GLY D 77 -24.78 22.84 -22.40
N VAL D 78 -23.50 22.59 -22.12
CA VAL D 78 -22.75 21.60 -22.87
C VAL D 78 -23.14 20.20 -22.42
N THR D 79 -23.55 19.37 -23.37
CA THR D 79 -23.97 18.00 -23.07
C THR D 79 -22.83 17.00 -23.17
N PHE D 80 -22.85 16.01 -22.29
CA PHE D 80 -21.83 14.95 -22.26
C PHE D 80 -22.44 13.57 -22.42
N ALA D 81 -21.62 12.62 -22.83
CA ALA D 81 -22.03 11.23 -22.99
C ALA D 81 -20.82 10.32 -22.78
N ASP D 82 -21.06 9.12 -22.27
CA ASP D 82 -19.97 8.15 -22.05
C ASP D 82 -20.29 6.94 -22.92
N ALA D 83 -19.48 6.73 -23.96
CA ALA D 83 -19.71 5.61 -24.87
C ALA D 83 -19.08 4.31 -24.41
N GLY D 84 -18.74 4.23 -23.13
CA GLY D 84 -18.13 3.02 -22.61
C GLY D 84 -16.70 2.83 -23.07
N ASP D 85 -16.28 1.57 -23.17
CA ASP D 85 -14.93 1.26 -23.62
C ASP D 85 -14.91 0.40 -24.87
N VAL D 86 -13.82 0.51 -25.62
CA VAL D 86 -13.65 -0.29 -26.80
C VAL D 86 -13.52 -1.71 -26.29
N ILE D 87 -14.22 -2.65 -26.93
CA ILE D 87 -14.14 -4.04 -26.52
C ILE D 87 -12.85 -4.60 -27.11
N LEU D 88 -11.84 -4.76 -26.26
CA LEU D 88 -10.54 -5.25 -26.70
C LEU D 88 -10.34 -6.74 -26.52
N PRO D 89 -9.60 -7.34 -27.46
CA PRO D 89 -9.31 -8.78 -27.39
C PRO D 89 -8.09 -8.90 -26.49
N SER D 90 -7.65 -10.12 -26.25
CA SER D 90 -6.43 -10.31 -25.45
C SER D 90 -5.35 -10.38 -26.53
N LEU D 91 -4.19 -9.80 -26.27
CA LEU D 91 -3.11 -9.79 -27.27
C LEU D 91 -3.69 -9.21 -28.56
N GLU D 92 -3.35 -9.81 -29.69
CA GLU D 92 -3.88 -9.38 -31.00
C GLU D 92 -3.87 -7.86 -31.18
N PRO D 93 -2.69 -7.22 -31.07
CA PRO D 93 -2.60 -5.77 -31.23
C PRO D 93 -3.25 -5.18 -32.48
N GLN D 94 -3.12 -5.87 -33.61
CA GLN D 94 -3.69 -5.39 -34.86
C GLN D 94 -5.22 -5.34 -34.77
N LEU D 95 -5.81 -6.38 -34.21
CA LEU D 95 -7.26 -6.44 -34.07
C LEU D 95 -7.69 -5.36 -33.08
N ALA D 96 -6.88 -5.15 -32.05
CA ALA D 96 -7.19 -4.13 -31.05
C ALA D 96 -7.19 -2.76 -31.74
N HIS D 97 -6.19 -2.52 -32.57
CA HIS D 97 -6.08 -1.25 -33.30
C HIS D 97 -7.32 -0.99 -34.15
N ASP D 98 -7.78 -2.01 -34.86
CA ASP D 98 -8.96 -1.88 -35.71
C ASP D 98 -10.21 -1.60 -34.88
N ARG D 99 -10.35 -2.31 -33.77
CA ARG D 99 -11.49 -2.13 -32.88
C ARG D 99 -11.50 -0.68 -32.37
N ILE D 100 -10.33 -0.18 -32.04
CA ILE D 100 -10.17 1.18 -31.53
C ILE D 100 -10.54 2.24 -32.57
N THR D 101 -10.03 2.09 -33.78
CA THR D 101 -10.33 3.04 -34.84
C THR D 101 -11.83 3.06 -35.15
N GLU D 102 -12.45 1.89 -35.24
CA GLU D 102 -13.88 1.83 -35.54
C GLU D 102 -14.73 2.52 -34.48
N ALA D 103 -14.42 2.25 -33.21
CA ALA D 103 -15.16 2.87 -32.13
C ALA D 103 -14.93 4.38 -32.14
N ALA D 104 -13.69 4.78 -32.40
CA ALA D 104 -13.35 6.21 -32.44
C ALA D 104 -14.14 6.93 -33.54
N ARG D 105 -14.28 6.27 -34.69
CA ARG D 105 -15.02 6.86 -35.81
C ARG D 105 -16.48 7.08 -35.45
N GLN D 106 -17.08 6.04 -34.88
CA GLN D 106 -18.49 6.07 -34.47
C GLN D 106 -18.76 7.16 -33.44
N VAL D 107 -17.89 7.28 -32.45
CA VAL D 107 -18.05 8.30 -31.42
C VAL D 107 -17.81 9.68 -31.99
N ARG D 108 -16.86 9.79 -32.90
CA ARG D 108 -16.52 11.06 -33.52
C ARG D 108 -17.71 11.66 -34.26
N GLY D 109 -18.50 10.81 -34.90
CA GLY D 109 -19.65 11.28 -35.65
C GLY D 109 -20.90 11.57 -34.83
N ARG D 110 -20.82 11.43 -33.51
CA ARG D 110 -21.98 11.69 -32.66
C ARG D 110 -21.75 12.80 -31.66
N CYS D 111 -20.56 13.39 -31.70
CA CYS D 111 -20.24 14.47 -30.79
C CYS D 111 -19.35 15.51 -31.46
N ARG D 112 -19.14 16.62 -30.78
CA ARG D 112 -18.31 17.69 -31.31
C ARG D 112 -16.86 17.44 -30.90
N VAL D 113 -16.65 17.17 -29.62
CA VAL D 113 -15.30 16.91 -29.11
C VAL D 113 -15.22 15.57 -28.39
N PRO D 114 -14.56 14.58 -29.01
CA PRO D 114 -14.43 13.26 -28.38
C PRO D 114 -13.24 13.23 -27.42
N VAL D 115 -13.42 12.58 -26.27
CA VAL D 115 -12.36 12.48 -25.28
C VAL D 115 -12.01 11.00 -25.12
N PHE D 116 -10.77 10.65 -25.44
CA PHE D 116 -10.31 9.26 -25.36
C PHE D 116 -9.45 9.02 -24.13
N LEU D 117 -9.84 8.02 -23.33
CA LEU D 117 -9.12 7.70 -22.12
C LEU D 117 -8.29 6.43 -22.29
N GLY D 118 -6.97 6.59 -22.26
CA GLY D 118 -6.08 5.43 -22.40
C GLY D 118 -5.89 4.80 -21.03
N GLY D 119 -5.12 3.71 -20.92
CA GLY D 119 -4.44 3.11 -22.06
C GLY D 119 -3.03 3.66 -22.19
N ASP D 120 -2.09 2.85 -22.68
CA ASP D 120 -0.74 3.38 -22.85
C ASP D 120 -0.78 4.27 -24.10
N HIS D 121 0.32 4.95 -24.39
CA HIS D 121 0.33 5.86 -25.53
C HIS D 121 0.17 5.25 -26.92
N SER D 122 0.39 3.94 -27.04
CA SER D 122 0.26 3.31 -28.34
C SER D 122 -1.17 3.41 -28.88
N VAL D 123 -2.14 3.75 -28.03
CA VAL D 123 -3.52 3.86 -28.48
C VAL D 123 -3.76 5.09 -29.36
N SER D 124 -2.91 6.11 -29.23
CA SER D 124 -3.07 7.32 -30.02
C SER D 124 -3.01 7.03 -31.52
N TYR D 125 -2.27 6.00 -31.92
CA TYR D 125 -2.17 5.68 -33.34
C TYR D 125 -3.53 5.29 -33.92
N PRO D 126 -4.14 4.20 -33.42
CA PRO D 126 -5.46 3.82 -33.95
C PRO D 126 -6.52 4.89 -33.73
N LEU D 127 -6.33 5.70 -32.69
CA LEU D 127 -7.27 6.78 -32.40
C LEU D 127 -7.18 7.83 -33.51
N LEU D 128 -5.96 8.22 -33.86
CA LEU D 128 -5.74 9.22 -34.90
C LEU D 128 -6.20 8.76 -36.29
N ARG D 129 -6.23 7.45 -36.52
CA ARG D 129 -6.68 6.96 -37.83
C ARG D 129 -8.13 7.36 -38.10
N ALA D 130 -8.88 7.64 -37.04
CA ALA D 130 -10.28 8.04 -37.21
C ALA D 130 -10.39 9.51 -37.58
N PHE D 131 -9.25 10.18 -37.74
CA PHE D 131 -9.24 11.59 -38.10
C PHE D 131 -8.56 11.84 -39.46
N ALA D 132 -8.60 10.85 -40.33
CA ALA D 132 -7.99 10.96 -41.65
C ALA D 132 -8.58 12.09 -42.49
N ASP D 133 -9.87 12.39 -42.30
CA ASP D 133 -10.51 13.45 -43.08
C ASP D 133 -10.33 14.87 -42.56
N VAL D 134 -9.52 15.05 -41.53
CA VAL D 134 -9.30 16.39 -40.99
C VAL D 134 -8.14 17.06 -41.70
N PRO D 135 -8.42 18.14 -42.46
CA PRO D 135 -7.41 18.88 -43.21
C PRO D 135 -6.31 19.50 -42.34
N ASP D 136 -5.07 19.40 -42.82
CA ASP D 136 -3.91 19.93 -42.11
C ASP D 136 -3.99 19.68 -40.61
N LEU D 137 -4.21 18.43 -40.25
CA LEU D 137 -4.32 18.06 -38.84
C LEU D 137 -3.04 18.32 -38.07
N HIS D 138 -3.16 19.05 -36.96
CA HIS D 138 -2.03 19.34 -36.11
C HIS D 138 -2.24 18.63 -34.78
N VAL D 139 -1.16 18.14 -34.19
CA VAL D 139 -1.25 17.47 -32.91
C VAL D 139 -0.43 18.24 -31.89
N VAL D 140 -1.03 18.50 -30.73
CA VAL D 140 -0.35 19.18 -29.64
C VAL D 140 -0.16 18.10 -28.60
N GLN D 141 1.08 17.70 -28.37
CA GLN D 141 1.44 16.63 -27.46
C GLN D 141 2.19 17.03 -26.20
N LEU D 142 1.66 16.64 -25.03
CA LEU D 142 2.32 16.91 -23.76
C LEU D 142 2.95 15.57 -23.41
N ASP D 143 4.27 15.54 -23.26
CA ASP D 143 4.95 14.28 -23.00
C ASP D 143 6.40 14.53 -22.61
N ALA D 144 6.95 13.64 -21.81
CA ALA D 144 8.35 13.76 -21.42
C ALA D 144 9.14 13.07 -22.53
N HIS D 145 8.42 12.26 -23.32
CA HIS D 145 9.02 11.50 -24.41
C HIS D 145 8.47 11.93 -25.77
N LEU D 146 9.27 11.71 -26.81
CA LEU D 146 8.89 12.07 -28.16
C LEU D 146 7.89 11.11 -28.80
N ASP D 147 8.09 9.81 -28.59
CA ASP D 147 7.21 8.78 -29.14
C ASP D 147 7.12 8.80 -30.66
N PHE D 148 8.26 9.01 -31.31
CA PHE D 148 8.31 9.04 -32.76
C PHE D 148 9.28 7.98 -33.28
N THR D 149 9.49 6.95 -32.46
CA THR D 149 10.41 5.86 -32.79
C THR D 149 9.82 4.89 -33.83
N ASP D 150 10.69 4.36 -34.69
CA ASP D 150 10.25 3.42 -35.72
C ASP D 150 10.02 2.05 -35.10
N THR D 151 11.09 1.43 -34.62
CA THR D 151 10.99 0.11 -33.99
C THR D 151 11.66 0.10 -32.61
N ARG D 152 11.04 -0.60 -31.67
CA ARG D 152 11.58 -0.73 -30.32
C ARG D 152 11.30 -2.16 -29.87
N ASN D 153 12.31 -2.81 -29.30
CA ASN D 153 12.16 -4.18 -28.83
C ASN D 153 11.41 -5.06 -29.80
N ASP D 154 11.86 -5.03 -31.06
CA ASP D 154 11.31 -5.83 -32.14
C ASP D 154 9.84 -5.65 -32.48
N THR D 155 9.28 -4.47 -32.26
CA THR D 155 7.88 -4.23 -32.62
C THR D 155 7.66 -2.82 -33.15
N LYS D 156 6.68 -2.70 -34.02
CA LYS D 156 6.32 -1.42 -34.62
C LYS D 156 5.17 -0.76 -33.85
N TRP D 157 4.57 -1.49 -32.91
CA TRP D 157 3.42 -0.98 -32.18
C TRP D 157 3.58 -0.64 -30.70
N SER D 158 4.79 -0.35 -30.25
CA SER D 158 5.00 -0.02 -28.84
C SER D 158 4.49 1.40 -28.56
N ASN D 159 4.46 1.79 -27.28
CA ASN D 159 3.99 3.13 -26.93
C ASN D 159 5.02 4.20 -27.30
N SER D 160 6.14 3.79 -27.89
CA SER D 160 7.17 4.74 -28.29
C SER D 160 7.03 5.10 -29.77
N SER D 161 6.09 4.46 -30.46
CA SER D 161 5.89 4.68 -31.90
C SER D 161 4.53 5.20 -32.39
N PRO D 162 3.57 5.48 -31.50
CA PRO D 162 2.27 5.96 -31.98
C PRO D 162 2.23 7.08 -33.03
N PHE D 163 2.98 8.14 -32.82
CA PHE D 163 2.96 9.25 -33.77
C PHE D 163 3.72 8.98 -35.06
N ARG D 164 4.66 8.03 -35.01
CA ARG D 164 5.43 7.66 -36.19
C ARG D 164 4.49 6.83 -37.06
N ARG D 165 3.74 5.93 -36.42
CA ARG D 165 2.77 5.09 -37.12
C ARG D 165 1.62 5.92 -37.66
N ALA D 166 1.22 6.94 -36.90
CA ALA D 166 0.12 7.79 -37.32
C ALA D 166 0.49 8.62 -38.54
N CYS D 167 1.70 9.15 -38.56
CA CYS D 167 2.15 9.97 -39.69
C CYS D 167 2.31 9.19 -40.99
N GLU D 168 2.85 7.98 -40.92
CA GLU D 168 3.02 7.20 -42.14
C GLU D 168 1.70 6.63 -42.65
N ALA D 169 0.63 6.82 -41.89
CA ALA D 169 -0.69 6.32 -42.27
C ALA D 169 -1.67 7.46 -42.54
N LEU D 170 -1.30 8.67 -42.13
CA LEU D 170 -2.16 9.83 -42.31
C LEU D 170 -1.41 11.01 -42.91
N PRO D 171 -1.45 11.14 -44.25
CA PRO D 171 -0.75 12.26 -44.88
C PRO D 171 -1.34 13.61 -44.47
N ASN D 172 -2.56 13.59 -43.94
CA ASN D 172 -3.21 14.82 -43.49
C ASN D 172 -2.67 15.26 -42.15
N LEU D 173 -1.86 14.41 -41.52
CA LEU D 173 -1.26 14.73 -40.22
C LEU D 173 0.02 15.47 -40.59
N VAL D 174 -0.12 16.78 -40.81
CA VAL D 174 0.97 17.62 -41.25
C VAL D 174 1.95 18.16 -40.22
N HIS D 175 1.58 18.15 -38.94
CA HIS D 175 2.50 18.69 -37.94
C HIS D 175 2.21 18.27 -36.51
N ILE D 176 3.28 18.17 -35.73
CA ILE D 176 3.16 17.81 -34.32
C ILE D 176 4.03 18.76 -33.50
N THR D 177 3.48 19.21 -32.37
CA THR D 177 4.20 20.08 -31.45
C THR D 177 4.23 19.29 -30.15
N THR D 178 5.42 18.91 -29.71
CA THR D 178 5.56 18.14 -28.48
C THR D 178 6.20 19.03 -27.42
N VAL D 179 5.57 19.10 -26.24
CA VAL D 179 6.07 19.95 -25.18
C VAL D 179 6.30 19.19 -23.87
N GLY D 180 7.45 19.43 -23.25
CA GLY D 180 7.78 18.77 -21.99
C GLY D 180 8.90 17.75 -22.05
N LEU D 181 9.51 17.57 -23.22
CA LEU D 181 10.59 16.59 -23.37
C LEU D 181 11.74 16.79 -22.40
N ARG D 182 12.20 15.69 -21.83
CA ARG D 182 13.30 15.70 -20.88
C ARG D 182 13.77 14.27 -20.68
N GLY D 183 14.92 14.10 -20.03
CA GLY D 183 15.45 12.77 -19.82
C GLY D 183 16.84 12.64 -20.41
N LEU D 184 17.57 11.61 -19.99
CA LEU D 184 18.92 11.39 -20.47
C LEU D 184 19.02 10.76 -21.86
N ARG D 185 17.97 10.05 -22.28
CA ARG D 185 18.02 9.38 -23.57
C ARG D 185 16.92 9.72 -24.57
N PHE D 186 17.35 10.01 -25.81
CA PHE D 186 16.43 10.27 -26.89
C PHE D 186 16.88 9.48 -28.10
N ASP D 187 15.92 8.96 -28.86
CA ASP D 187 16.19 8.16 -30.05
C ASP D 187 16.61 9.13 -31.16
N PRO D 188 17.91 9.13 -31.52
CA PRO D 188 18.39 10.04 -32.56
C PRO D 188 17.67 9.90 -33.91
N GLU D 189 17.31 8.68 -34.27
CA GLU D 189 16.61 8.43 -35.53
C GLU D 189 15.21 9.05 -35.46
N ALA D 190 14.55 8.87 -34.32
CA ALA D 190 13.22 9.43 -34.11
C ALA D 190 13.26 10.95 -34.14
N VAL D 191 14.24 11.54 -33.47
CA VAL D 191 14.39 12.99 -33.44
C VAL D 191 14.64 13.54 -34.85
N ALA D 192 15.54 12.88 -35.57
CA ALA D 192 15.88 13.30 -36.93
C ALA D 192 14.66 13.21 -37.85
N ALA D 193 13.89 12.14 -37.72
CA ALA D 193 12.70 11.93 -38.53
C ALA D 193 11.62 12.98 -38.22
N ALA D 194 11.51 13.35 -36.95
CA ALA D 194 10.52 14.34 -36.53
C ALA D 194 10.91 15.71 -37.08
N ARG D 195 12.18 16.06 -36.95
CA ARG D 195 12.65 17.36 -37.42
C ARG D 195 12.59 17.44 -38.94
N ALA D 196 12.80 16.31 -39.61
CA ALA D 196 12.76 16.26 -41.07
C ALA D 196 11.35 16.57 -41.57
N ARG D 197 10.35 16.23 -40.77
CA ARG D 197 8.95 16.48 -41.15
C ARG D 197 8.51 17.87 -40.69
N GLY D 198 9.43 18.61 -40.08
CA GLY D 198 9.13 19.95 -39.62
C GLY D 198 8.42 20.02 -38.28
N HIS D 199 8.42 18.93 -37.53
CA HIS D 199 7.75 18.92 -36.23
C HIS D 199 8.48 19.82 -35.24
N THR D 200 7.72 20.39 -34.30
CA THR D 200 8.28 21.29 -33.30
C THR D 200 8.53 20.51 -32.02
N ILE D 201 9.78 20.56 -31.53
CA ILE D 201 10.17 19.87 -30.32
C ILE D 201 10.51 20.89 -29.23
N ILE D 202 9.66 20.96 -28.21
CA ILE D 202 9.85 21.91 -27.13
C ILE D 202 10.21 21.23 -25.81
N PRO D 203 11.50 21.23 -25.46
CA PRO D 203 12.00 20.61 -24.22
C PRO D 203 11.44 21.32 -22.99
N MET D 204 11.30 20.58 -21.90
CA MET D 204 10.78 21.16 -20.66
C MET D 204 11.62 22.38 -20.25
N ASP D 205 12.90 22.35 -20.60
CA ASP D 205 13.80 23.46 -20.26
C ASP D 205 13.27 24.78 -20.81
N ASP D 206 12.70 24.74 -22.02
CA ASP D 206 12.16 25.94 -22.64
C ASP D 206 10.92 26.44 -21.91
N VAL D 207 10.12 25.52 -21.39
CA VAL D 207 8.92 25.90 -20.65
C VAL D 207 9.36 26.63 -19.38
N THR D 208 10.37 26.08 -18.73
CA THR D 208 10.90 26.67 -17.50
C THR D 208 11.56 28.02 -17.76
N ALA D 209 12.33 28.10 -18.84
CA ALA D 209 13.03 29.32 -19.20
C ALA D 209 12.11 30.46 -19.66
N ASP D 210 11.18 30.15 -20.56
CA ASP D 210 10.28 31.17 -21.07
C ASP D 210 8.95 30.60 -21.58
N LEU D 211 8.01 30.41 -20.66
CA LEU D 211 6.69 29.87 -21.00
C LEU D 211 5.97 30.69 -22.05
N ALA D 212 6.10 32.01 -21.97
CA ALA D 212 5.45 32.89 -22.95
C ALA D 212 5.95 32.52 -24.34
N GLY D 213 7.26 32.32 -24.45
CA GLY D 213 7.85 31.95 -25.72
C GLY D 213 7.31 30.62 -26.23
N VAL D 214 7.06 29.69 -25.32
CA VAL D 214 6.52 28.39 -25.70
C VAL D 214 5.09 28.52 -26.22
N LEU D 215 4.28 29.30 -25.53
CA LEU D 215 2.90 29.49 -25.94
C LEU D 215 2.84 30.13 -27.32
N ALA D 216 3.81 30.99 -27.62
CA ALA D 216 3.88 31.65 -28.92
C ALA D 216 4.24 30.68 -30.03
N GLN D 217 4.76 29.51 -29.67
CA GLN D 217 5.15 28.51 -30.65
C GLN D 217 3.99 27.58 -31.00
N LEU D 218 2.93 27.60 -30.20
CA LEU D 218 1.77 26.75 -30.43
C LEU D 218 1.05 27.14 -31.72
N PRO D 219 0.38 26.17 -32.36
CA PRO D 219 -0.35 26.44 -33.59
C PRO D 219 -1.48 27.46 -33.41
N ARG D 220 -1.91 28.05 -34.52
CA ARG D 220 -2.99 29.03 -34.49
C ARG D 220 -3.89 28.87 -35.70
N GLY D 221 -5.20 28.92 -35.47
CA GLY D 221 -6.15 28.78 -36.56
C GLY D 221 -6.06 27.44 -37.26
N GLN D 222 -5.64 26.42 -36.53
CA GLN D 222 -5.51 25.08 -37.10
C GLN D 222 -6.48 24.08 -36.44
N ASN D 223 -6.59 22.92 -37.05
CA ASN D 223 -7.42 21.85 -36.49
C ASN D 223 -6.43 21.13 -35.59
N VAL D 224 -6.75 21.08 -34.30
CA VAL D 224 -5.84 20.46 -33.34
C VAL D 224 -6.39 19.29 -32.56
N TYR D 225 -5.55 18.27 -32.40
CA TYR D 225 -5.86 17.08 -31.64
C TYR D 225 -4.90 17.13 -30.47
N PHE D 226 -5.42 17.06 -29.25
CA PHE D 226 -4.60 17.09 -28.04
C PHE D 226 -4.27 15.67 -27.60
N SER D 227 -3.01 15.41 -27.30
CA SER D 227 -2.59 14.10 -26.80
C SER D 227 -1.85 14.39 -25.50
N VAL D 228 -2.45 14.02 -24.37
CA VAL D 228 -1.82 14.29 -23.09
C VAL D 228 -1.29 13.04 -22.42
N ASP D 229 0.04 12.93 -22.36
CA ASP D 229 0.69 11.80 -21.70
C ASP D 229 0.91 12.34 -20.29
N VAL D 230 0.34 11.71 -19.28
CA VAL D 230 0.48 12.20 -17.92
C VAL D 230 1.92 12.32 -17.44
N ASP D 231 2.85 11.56 -18.04
CA ASP D 231 4.24 11.67 -17.59
C ASP D 231 4.90 12.95 -18.05
N GLY D 232 4.13 13.79 -18.74
CA GLY D 232 4.65 15.08 -19.15
C GLY D 232 4.69 15.95 -17.90
N PHE D 233 3.79 15.64 -16.96
CA PHE D 233 3.75 16.37 -15.70
C PHE D 233 4.82 15.84 -14.75
N ASP D 234 5.22 16.69 -13.81
CA ASP D 234 6.24 16.31 -12.85
C ASP D 234 5.74 15.13 -12.00
N PRO D 235 6.59 14.13 -11.77
CA PRO D 235 6.23 12.93 -10.99
C PRO D 235 5.78 13.27 -9.57
N ALA D 236 6.22 14.41 -9.05
CA ALA D 236 5.82 14.80 -7.70
C ALA D 236 4.33 15.09 -7.72
N VAL D 237 3.87 15.66 -8.83
CA VAL D 237 2.46 16.01 -9.00
C VAL D 237 1.64 14.80 -9.45
N ILE D 238 2.13 14.10 -10.48
CA ILE D 238 1.44 12.93 -11.00
C ILE D 238 2.38 11.72 -11.01
N PRO D 239 2.55 11.05 -9.85
CA PRO D 239 3.42 9.88 -9.77
C PRO D 239 2.88 8.62 -10.42
N GLY D 240 1.56 8.57 -10.57
CA GLY D 240 0.91 7.40 -11.16
C GLY D 240 1.12 7.23 -12.66
N THR D 241 2.32 6.79 -13.04
CA THR D 241 2.63 6.56 -14.44
C THR D 241 3.83 5.61 -14.51
N SER D 242 3.89 4.82 -15.58
CA SER D 242 4.95 3.82 -15.75
C SER D 242 6.39 4.32 -15.74
N SER D 243 6.68 5.32 -16.57
CA SER D 243 8.04 5.83 -16.70
C SER D 243 8.20 7.31 -16.38
N PRO D 244 8.24 7.66 -15.09
CA PRO D 244 8.38 9.06 -14.69
C PRO D 244 9.76 9.64 -14.99
N GLU D 245 9.79 10.95 -15.22
CA GLU D 245 11.03 11.67 -15.48
C GLU D 245 10.94 12.93 -14.61
N PRO D 246 11.98 13.22 -13.80
CA PRO D 246 11.97 14.39 -12.94
C PRO D 246 11.88 15.75 -13.62
N ASP D 247 11.49 16.76 -12.85
CA ASP D 247 11.39 18.13 -13.31
C ASP D 247 10.48 18.33 -14.52
N GLY D 248 9.21 18.00 -14.35
CA GLY D 248 8.25 18.14 -15.42
C GLY D 248 7.30 19.31 -15.24
N LEU D 249 6.21 19.28 -15.99
CA LEU D 249 5.21 20.34 -15.94
C LEU D 249 4.40 20.29 -14.65
N THR D 250 4.07 21.47 -14.14
CA THR D 250 3.22 21.55 -12.96
C THR D 250 1.84 21.43 -13.61
N TYR D 251 0.80 21.22 -12.83
CA TYR D 251 -0.54 21.14 -13.39
C TYR D 251 -0.82 22.46 -14.11
N ALA D 252 -0.49 23.57 -13.46
CA ALA D 252 -0.73 24.90 -14.01
C ALA D 252 -0.06 25.15 -15.36
N GLN D 253 1.19 24.72 -15.50
CA GLN D 253 1.93 24.91 -16.75
C GLN D 253 1.30 24.10 -17.88
N GLY D 254 0.99 22.83 -17.60
CA GLY D 254 0.36 22.00 -18.61
C GLY D 254 -0.99 22.56 -19.01
N MET D 255 -1.74 23.03 -18.03
CA MET D 255 -3.06 23.58 -18.29
C MET D 255 -2.96 24.89 -19.08
N LYS D 256 -1.94 25.69 -18.82
CA LYS D 256 -1.78 26.94 -19.55
C LYS D 256 -1.52 26.68 -21.02
N ILE D 257 -0.75 25.63 -21.32
CA ILE D 257 -0.45 25.26 -22.69
C ILE D 257 -1.74 24.83 -23.40
N LEU D 258 -2.49 23.94 -22.75
CA LEU D 258 -3.74 23.47 -23.32
C LEU D 258 -4.77 24.59 -23.45
N ALA D 259 -4.79 25.51 -22.49
CA ALA D 259 -5.72 26.62 -22.52
C ALA D 259 -5.46 27.56 -23.69
N ALA D 260 -4.19 27.86 -23.92
CA ALA D 260 -3.80 28.75 -25.02
C ALA D 260 -4.09 28.12 -26.38
N ALA D 261 -3.76 26.84 -26.53
CA ALA D 261 -4.01 26.15 -27.79
C ALA D 261 -5.51 26.02 -28.05
N ALA D 262 -6.29 25.86 -26.99
CA ALA D 262 -7.73 25.71 -27.11
C ALA D 262 -8.46 26.99 -27.49
N ALA D 263 -7.89 28.14 -27.11
CA ALA D 263 -8.50 29.43 -27.42
C ALA D 263 -8.15 29.98 -28.79
N ASN D 264 -7.20 29.36 -29.48
CA ASN D 264 -6.78 29.84 -30.79
C ASN D 264 -6.88 28.80 -31.91
N ASN D 265 -7.50 27.66 -31.62
CA ASN D 265 -7.62 26.61 -32.62
C ASN D 265 -8.95 25.89 -32.58
N THR D 266 -9.16 25.01 -33.54
CA THR D 266 -10.36 24.21 -33.63
C THR D 266 -9.94 22.83 -33.10
N VAL D 267 -10.30 22.55 -31.86
CA VAL D 267 -9.97 21.29 -31.20
C VAL D 267 -10.94 20.20 -31.66
N VAL D 268 -10.40 19.17 -32.30
CA VAL D 268 -11.21 18.08 -32.81
C VAL D 268 -11.20 16.82 -31.95
N GLY D 269 -10.39 16.84 -30.88
CA GLY D 269 -10.33 15.67 -30.02
C GLY D 269 -9.19 15.72 -29.04
N LEU D 270 -9.21 14.81 -28.08
CA LEU D 270 -8.17 14.76 -27.07
C LEU D 270 -8.07 13.40 -26.41
N ASP D 271 -6.85 12.93 -26.17
CA ASP D 271 -6.68 11.68 -25.46
C ASP D 271 -5.82 11.94 -24.21
N LEU D 272 -6.04 11.11 -23.19
CA LEU D 272 -5.32 11.21 -21.93
C LEU D 272 -4.76 9.81 -21.71
N VAL D 273 -3.45 9.67 -21.86
CA VAL D 273 -2.82 8.36 -21.74
C VAL D 273 -1.74 8.22 -20.67
N GLU D 274 -1.35 6.96 -20.47
CA GLU D 274 -0.30 6.53 -19.53
C GLU D 274 -0.57 6.70 -18.05
N LEU D 275 -1.82 6.98 -17.68
CA LEU D 275 -2.16 7.10 -16.26
C LEU D 275 -2.10 5.68 -15.69
N ALA D 276 -1.40 5.51 -14.56
CA ALA D 276 -1.29 4.20 -13.92
C ALA D 276 -1.76 4.37 -12.46
N PRO D 277 -3.07 4.25 -12.21
CA PRO D 277 -3.66 4.41 -10.88
C PRO D 277 -3.05 3.49 -9.82
N ASN D 278 -2.66 2.29 -10.24
CA ASN D 278 -2.06 1.32 -9.33
C ASN D 278 -0.71 1.78 -8.81
N LEU D 279 -0.13 2.78 -9.47
CA LEU D 279 1.18 3.28 -9.05
C LEU D 279 1.09 4.52 -8.17
N ASP D 280 -0.13 4.92 -7.82
CA ASP D 280 -0.32 6.08 -6.95
C ASP D 280 -1.45 5.80 -5.96
N PRO D 281 -1.11 5.21 -4.80
CA PRO D 281 -2.11 4.90 -3.78
C PRO D 281 -2.72 6.11 -3.09
N THR D 282 -2.23 7.31 -3.38
CA THR D 282 -2.79 8.52 -2.78
C THR D 282 -4.00 8.93 -3.61
N GLY D 283 -4.05 8.40 -4.83
CA GLY D 283 -5.14 8.69 -5.74
C GLY D 283 -5.15 10.09 -6.35
N ARG D 284 -4.13 10.90 -6.09
CA ARG D 284 -4.13 12.25 -6.64
C ARG D 284 -3.92 12.28 -8.15
N SER D 285 -3.17 11.33 -8.68
CA SER D 285 -2.92 11.29 -10.12
C SER D 285 -4.22 11.28 -10.93
N GLU D 286 -5.13 10.34 -10.62
CA GLU D 286 -6.38 10.28 -11.36
C GLU D 286 -7.28 11.46 -11.05
N LEU D 287 -7.26 11.94 -9.82
CA LEU D 287 -8.11 13.08 -9.46
C LEU D 287 -7.67 14.32 -10.23
N LEU D 288 -6.37 14.57 -10.28
CA LEU D 288 -5.84 15.72 -11.00
C LEU D 288 -5.97 15.61 -12.51
N MET D 289 -5.79 14.41 -13.06
CA MET D 289 -5.89 14.26 -14.50
C MET D 289 -7.35 14.29 -14.97
N ALA D 290 -8.27 13.85 -14.11
CA ALA D 290 -9.69 13.90 -14.48
C ALA D 290 -10.06 15.38 -14.56
N ARG D 291 -9.57 16.16 -13.60
CA ARG D 291 -9.85 17.60 -13.60
C ARG D 291 -9.22 18.27 -14.81
N LEU D 292 -8.05 17.80 -15.22
CA LEU D 292 -7.36 18.37 -16.37
C LEU D 292 -8.22 18.26 -17.63
N VAL D 293 -8.82 17.10 -17.82
CA VAL D 293 -9.67 16.89 -18.99
C VAL D 293 -10.87 17.84 -18.93
N MET D 294 -11.51 17.92 -17.77
CA MET D 294 -12.66 18.80 -17.59
C MET D 294 -12.32 20.28 -17.76
N GLU D 295 -11.20 20.70 -17.21
CA GLU D 295 -10.79 22.10 -17.32
C GLU D 295 -10.44 22.42 -18.77
N THR D 296 -9.81 21.46 -19.45
CA THR D 296 -9.46 21.66 -20.85
C THR D 296 -10.75 21.87 -21.64
N LEU D 297 -11.76 21.07 -21.33
CA LEU D 297 -13.05 21.18 -22.01
C LEU D 297 -13.69 22.54 -21.74
N CYS D 298 -13.50 23.08 -20.54
CA CYS D 298 -14.03 24.40 -20.20
C CYS D 298 -13.42 25.41 -21.15
N GLU D 299 -12.09 25.36 -21.27
CA GLU D 299 -11.34 26.26 -22.14
C GLU D 299 -11.77 26.10 -23.60
N VAL D 300 -11.92 24.85 -24.03
CA VAL D 300 -12.31 24.57 -25.41
C VAL D 300 -13.65 25.20 -25.80
N PHE D 301 -14.69 24.94 -25.01
CA PHE D 301 -16.01 25.49 -25.34
C PHE D 301 -16.20 26.97 -25.03
N ASP D 302 -15.17 27.61 -24.51
CA ASP D 302 -15.25 29.04 -24.23
C ASP D 302 -14.74 29.80 -25.45
N HIS D 303 -14.32 29.06 -26.47
CA HIS D 303 -13.80 29.65 -27.69
C HIS D 303 -14.17 28.83 -28.94
N VAL D 304 -15.43 28.44 -29.05
CA VAL D 304 -15.89 27.67 -30.19
C VAL D 304 -16.51 28.57 -31.26
N LEU D 305 -16.20 28.28 -32.52
CA LEU D 305 -16.72 29.04 -33.64
C LEU D 305 -17.58 28.17 -34.55
N GLY E 3 17.87 10.63 32.05
CA GLY E 3 19.05 10.91 31.18
C GLY E 3 18.72 10.75 29.70
N PRO E 4 18.76 9.52 29.18
CA PRO E 4 18.47 9.27 27.77
C PRO E 4 17.04 9.64 27.40
N ALA E 5 16.81 9.88 26.11
CA ALA E 5 15.48 10.23 25.63
C ALA E 5 15.02 9.27 24.55
N HIS E 6 13.71 9.10 24.42
CA HIS E 6 13.12 8.20 23.43
C HIS E 6 13.38 8.65 22.00
N LEU E 7 13.48 7.67 21.10
CA LEU E 7 13.61 7.96 19.68
C LEU E 7 12.14 8.11 19.28
N PRO E 8 11.86 8.63 18.07
CA PRO E 8 10.48 8.81 17.62
C PRO E 8 9.56 7.60 17.76
N TYR E 9 10.10 6.41 17.51
CA TYR E 9 9.29 5.19 17.60
C TYR E 9 9.12 4.67 19.02
N GLY E 10 9.67 5.40 19.99
CA GLY E 10 9.55 4.97 21.37
C GLY E 10 8.64 5.82 22.25
N GLY E 11 8.00 5.15 23.20
CA GLY E 11 7.11 5.83 24.14
C GLY E 11 5.68 6.02 23.71
N ILE E 12 4.85 6.46 24.66
CA ILE E 12 3.44 6.72 24.39
C ILE E 12 3.35 7.98 23.54
N PRO E 13 2.57 7.92 22.44
CA PRO E 13 2.44 9.10 21.58
C PRO E 13 1.49 10.20 22.02
N THR E 14 2.00 11.18 22.76
CA THR E 14 1.20 12.32 23.16
C THR E 14 1.76 13.46 22.32
N PHE E 15 0.97 14.52 22.10
CA PHE E 15 1.45 15.61 21.27
C PHE E 15 2.68 16.28 21.89
N ALA E 16 3.76 16.35 21.12
CA ALA E 16 5.01 16.96 21.57
C ALA E 16 5.57 16.22 22.78
N ARG E 17 5.13 14.97 22.94
CA ARG E 17 5.54 14.11 24.04
C ARG E 17 5.21 14.78 25.37
N ALA E 18 4.15 15.59 25.36
CA ALA E 18 3.70 16.31 26.55
C ALA E 18 2.94 15.41 27.51
N PRO E 19 2.89 15.79 28.79
CA PRO E 19 2.16 14.98 29.78
C PRO E 19 0.67 14.93 29.46
N LEU E 20 0.04 13.80 29.73
CA LEU E 20 -1.38 13.64 29.47
C LEU E 20 -2.19 14.21 30.64
N VAL E 21 -3.25 14.94 30.30
CA VAL E 21 -4.12 15.53 31.32
C VAL E 21 -5.57 15.43 30.88
N GLN E 22 -6.48 15.72 31.80
CA GLN E 22 -7.90 15.70 31.49
C GLN E 22 -8.30 17.13 31.21
N PRO E 23 -9.21 17.36 30.24
CA PRO E 23 -9.64 18.72 29.90
C PRO E 23 -10.07 19.57 31.10
N ASP E 24 -10.78 18.95 32.04
CA ASP E 24 -11.27 19.67 33.22
C ASP E 24 -10.44 19.35 34.47
N GLY E 25 -9.23 18.83 34.26
CA GLY E 25 -8.37 18.49 35.38
C GLY E 25 -7.66 19.69 35.96
N ASP E 26 -6.89 19.46 37.03
CA ASP E 26 -6.17 20.55 37.69
C ASP E 26 -4.76 20.71 37.13
N TRP E 27 -4.67 21.39 35.98
CA TRP E 27 -3.38 21.62 35.35
C TRP E 27 -3.36 22.99 34.66
N GLN E 28 -2.17 23.41 34.26
CA GLN E 28 -1.97 24.67 33.57
C GLN E 28 -0.74 24.50 32.71
N ALA E 29 -0.80 24.97 31.47
CA ALA E 29 0.32 24.87 30.54
C ALA E 29 0.20 25.96 29.49
N ASP E 30 1.34 26.40 28.97
CA ASP E 30 1.32 27.45 27.95
C ASP E 30 0.57 26.97 26.71
N VAL E 31 0.86 25.74 26.29
CA VAL E 31 0.23 25.13 25.12
C VAL E 31 -0.44 23.81 25.50
N ALA E 32 -1.65 23.59 24.98
CA ALA E 32 -2.38 22.36 25.26
C ALA E 32 -3.04 21.84 23.99
N ALA E 33 -2.90 20.53 23.75
CA ALA E 33 -3.50 19.91 22.56
C ALA E 33 -4.76 19.12 22.90
N LEU E 34 -5.73 19.16 21.98
CA LEU E 34 -7.00 18.44 22.13
C LEU E 34 -7.38 17.88 20.77
N GLY E 35 -7.64 16.58 20.72
CA GLY E 35 -8.00 15.98 19.44
C GLY E 35 -9.50 15.83 19.26
N VAL E 36 -9.94 15.87 18.02
CA VAL E 36 -11.36 15.69 17.68
C VAL E 36 -11.40 14.72 16.51
N PRO E 37 -11.33 13.40 16.79
CA PRO E 37 -11.36 12.36 15.75
C PRO E 37 -12.73 12.15 15.12
N PHE E 38 -13.20 13.19 14.44
CA PHE E 38 -14.51 13.21 13.81
C PHE E 38 -14.36 13.42 12.30
N ASP E 39 -14.83 12.49 11.48
CA ASP E 39 -14.72 12.65 10.03
C ASP E 39 -15.96 12.22 9.25
N ILE E 40 -17.10 12.12 9.91
CA ILE E 40 -18.31 11.70 9.23
C ILE E 40 -19.05 12.82 8.50
N ALA E 41 -18.49 14.03 8.53
CA ALA E 41 -19.12 15.17 7.87
C ALA E 41 -18.54 15.48 6.49
N LEU E 42 -17.37 14.92 6.18
CA LEU E 42 -16.77 15.18 4.88
C LEU E 42 -17.56 14.47 3.78
N GLY E 43 -17.44 14.96 2.55
CA GLY E 43 -18.22 14.37 1.47
C GLY E 43 -17.49 13.50 0.47
N PHE E 44 -16.32 12.98 0.81
CA PHE E 44 -15.59 12.14 -0.12
C PHE E 44 -14.85 10.98 0.55
N ARG E 45 -13.54 11.11 0.73
CA ARG E 45 -12.73 10.05 1.32
C ARG E 45 -12.47 10.23 2.82
N PRO E 46 -12.93 9.26 3.64
CA PRO E 46 -12.76 9.28 5.10
C PRO E 46 -11.32 8.95 5.51
N GLY E 47 -11.01 9.18 6.78
CA GLY E 47 -9.67 8.91 7.28
C GLY E 47 -9.18 9.93 8.29
N ALA E 48 -9.76 11.12 8.26
CA ALA E 48 -9.37 12.19 9.16
C ALA E 48 -9.58 11.84 10.64
N ARG E 49 -10.43 10.86 10.92
CA ARG E 49 -10.67 10.48 12.32
C ARG E 49 -9.38 9.94 12.94
N PHE E 50 -8.45 9.48 12.09
CA PHE E 50 -7.19 8.95 12.57
C PHE E 50 -6.06 9.97 12.56
N ALA E 51 -6.37 11.19 12.11
CA ALA E 51 -5.36 12.25 12.04
C ALA E 51 -4.80 12.68 13.40
N PRO E 52 -5.67 12.83 14.42
CA PRO E 52 -5.15 13.23 15.72
C PRO E 52 -4.07 12.28 16.23
N ARG E 53 -4.29 10.99 16.03
CA ARG E 53 -3.32 10.00 16.49
C ARG E 53 -2.06 10.06 15.62
N ALA E 54 -2.25 10.19 14.30
CA ALA E 54 -1.10 10.27 13.39
C ALA E 54 -0.29 11.52 13.69
N LEU E 55 -0.97 12.62 13.97
CA LEU E 55 -0.28 13.88 14.26
C LEU E 55 0.52 13.79 15.56
N ARG E 56 -0.04 13.09 16.55
CA ARG E 56 0.67 12.92 17.81
C ARG E 56 1.94 12.12 17.59
N GLU E 57 1.82 11.02 16.85
CA GLU E 57 2.96 10.16 16.58
C GLU E 57 4.03 10.93 15.80
N ALA E 58 3.59 11.67 14.80
CA ALA E 58 4.49 12.46 13.98
C ALA E 58 5.16 13.57 14.79
N SER E 59 4.46 14.09 15.80
CA SER E 59 5.03 15.18 16.60
C SER E 59 6.24 14.74 17.44
N LEU E 60 6.44 13.43 17.58
CA LEU E 60 7.58 12.95 18.36
C LEU E 60 8.88 13.25 17.63
N ARG E 61 8.78 13.74 16.40
CA ARG E 61 9.96 14.11 15.63
C ARG E 61 10.19 15.61 15.82
N SER E 62 9.22 16.27 16.46
CA SER E 62 9.30 17.70 16.69
C SER E 62 9.04 18.05 18.17
N VAL E 63 9.83 17.44 19.06
CA VAL E 63 9.69 17.70 20.49
C VAL E 63 10.44 18.98 20.88
N PRO E 64 9.73 19.94 21.48
CA PRO E 64 10.32 21.22 21.89
C PRO E 64 11.24 21.09 23.11
N PRO E 65 12.11 22.09 23.35
CA PRO E 65 12.30 23.29 22.55
C PRO E 65 13.15 23.01 21.32
N PHE E 66 13.36 24.03 20.48
CA PHE E 66 14.15 23.87 19.27
C PHE E 66 15.28 24.88 19.15
N THR E 67 16.49 24.39 18.93
CA THR E 67 17.65 25.26 18.74
C THR E 67 17.99 25.16 17.26
N GLY E 68 17.75 26.26 16.54
CA GLY E 68 18.00 26.30 15.11
C GLY E 68 19.45 26.33 14.68
N LEU E 69 19.66 26.32 13.37
CA LEU E 69 21.00 26.34 12.80
C LEU E 69 21.77 27.56 13.32
N ASP E 70 21.07 28.67 13.55
CA ASP E 70 21.71 29.89 14.03
C ASP E 70 22.10 29.85 15.51
N GLY E 71 21.74 28.78 16.20
CA GLY E 71 22.08 28.66 17.61
C GLY E 71 21.04 29.22 18.55
N LYS E 72 20.04 29.89 18.00
CA LYS E 72 18.97 30.47 18.80
C LYS E 72 17.97 29.38 19.16
N THR E 73 17.41 29.46 20.35
CA THR E 73 16.43 28.46 20.80
C THR E 73 15.05 29.07 20.95
N ARG E 74 14.03 28.34 20.48
CA ARG E 74 12.65 28.82 20.59
C ARG E 74 11.83 27.84 21.42
N LEU E 75 10.75 28.35 22.02
CA LEU E 75 9.88 27.57 22.89
C LEU E 75 10.59 27.17 24.18
N GLN E 76 11.70 27.85 24.47
CA GLN E 76 12.45 27.56 25.69
C GLN E 76 11.61 27.93 26.89
N GLY E 77 11.35 26.94 27.75
CA GLY E 77 10.55 27.19 28.94
C GLY E 77 9.05 27.14 28.70
N VAL E 78 8.63 27.01 27.45
CA VAL E 78 7.22 26.94 27.12
C VAL E 78 6.69 25.54 27.44
N THR E 79 5.73 25.47 28.37
CA THR E 79 5.16 24.19 28.78
C THR E 79 4.04 23.69 27.88
N PHE E 80 3.96 22.37 27.75
CA PHE E 80 2.96 21.71 26.91
C PHE E 80 2.15 20.69 27.69
N ALA E 81 0.96 20.38 27.20
CA ALA E 81 0.09 19.38 27.81
C ALA E 81 -0.77 18.78 26.70
N ASP E 82 -1.19 17.54 26.89
CA ASP E 82 -2.05 16.86 25.90
C ASP E 82 -3.31 16.48 26.64
N ALA E 83 -4.42 17.14 26.33
CA ALA E 83 -5.68 16.88 27.00
C ALA E 83 -6.45 15.70 26.40
N GLY E 84 -5.77 14.89 25.58
CA GLY E 84 -6.43 13.74 24.98
C GLY E 84 -7.42 14.14 23.91
N ASP E 85 -8.45 13.33 23.70
CA ASP E 85 -9.47 13.61 22.70
C ASP E 85 -10.85 13.80 23.29
N VAL E 86 -11.69 14.54 22.57
CA VAL E 86 -13.06 14.74 22.99
C VAL E 86 -13.70 13.36 22.84
N ILE E 87 -14.49 12.94 23.81
CA ILE E 87 -15.16 11.64 23.73
C ILE E 87 -16.39 11.82 22.86
N LEU E 88 -16.28 11.36 21.63
CA LEU E 88 -17.36 11.49 20.66
C LEU E 88 -18.31 10.32 20.59
N PRO E 89 -19.58 10.60 20.27
CA PRO E 89 -20.58 9.55 20.16
C PRO E 89 -20.50 9.06 18.72
N SER E 90 -21.28 8.03 18.36
CA SER E 90 -21.30 7.56 16.99
C SER E 90 -22.46 8.36 16.40
N LEU E 91 -22.29 8.89 15.19
CA LEU E 91 -23.34 9.69 14.57
C LEU E 91 -23.63 10.85 15.52
N GLU E 92 -24.91 11.14 15.73
CA GLU E 92 -25.31 12.21 16.65
C GLU E 92 -24.42 13.46 16.54
N PRO E 93 -24.41 14.11 15.37
CA PRO E 93 -23.58 15.30 15.18
C PRO E 93 -23.78 16.44 16.17
N GLN E 94 -25.03 16.73 16.52
CA GLN E 94 -25.32 17.81 17.45
C GLN E 94 -24.70 17.56 18.83
N LEU E 95 -24.79 16.33 19.30
CA LEU E 95 -24.22 15.96 20.59
C LEU E 95 -22.69 16.08 20.49
N ALA E 96 -22.15 15.62 19.37
CA ALA E 96 -20.71 15.70 19.14
C ALA E 96 -20.28 17.15 19.28
N HIS E 97 -21.00 18.04 18.61
CA HIS E 97 -20.70 19.47 18.63
C HIS E 97 -20.66 20.03 20.05
N ASP E 98 -21.65 19.66 20.86
CA ASP E 98 -21.68 20.15 22.23
C ASP E 98 -20.52 19.61 23.05
N ARG E 99 -20.18 18.33 22.84
CA ARG E 99 -19.08 17.70 23.54
C ARG E 99 -17.80 18.46 23.20
N ILE E 100 -17.64 18.77 21.92
CA ILE E 100 -16.47 19.48 21.43
C ILE E 100 -16.33 20.88 22.00
N THR E 101 -17.41 21.65 21.97
CA THR E 101 -17.35 23.01 22.49
C THR E 101 -17.00 23.04 23.97
N GLU E 102 -17.60 22.17 24.76
CA GLU E 102 -17.33 22.14 26.19
C GLU E 102 -15.89 21.75 26.49
N ALA E 103 -15.38 20.75 25.79
CA ALA E 103 -14.00 20.31 26.00
C ALA E 103 -13.03 21.42 25.61
N ALA E 104 -13.32 22.10 24.50
CA ALA E 104 -12.45 23.17 24.02
C ALA E 104 -12.41 24.33 25.03
N ARG E 105 -13.56 24.68 25.60
CA ARG E 105 -13.61 25.76 26.57
C ARG E 105 -12.77 25.40 27.80
N GLN E 106 -12.93 24.17 28.27
CA GLN E 106 -12.17 23.72 29.45
C GLN E 106 -10.67 23.81 29.19
N VAL E 107 -10.24 23.34 28.03
CA VAL E 107 -8.83 23.38 27.67
C VAL E 107 -8.35 24.83 27.55
N ARG E 108 -9.17 25.66 26.94
CA ARG E 108 -8.84 27.08 26.77
C ARG E 108 -8.58 27.78 28.09
N GLY E 109 -9.36 27.42 29.11
CA GLY E 109 -9.22 28.06 30.40
C GLY E 109 -8.02 27.59 31.21
N ARG E 110 -7.28 26.62 30.68
CA ARG E 110 -6.12 26.09 31.37
C ARG E 110 -4.80 26.28 30.64
N CYS E 111 -4.84 26.92 29.48
CA CYS E 111 -3.63 27.17 28.72
C CYS E 111 -3.67 28.53 28.05
N ARG E 112 -2.57 28.90 27.41
CA ARG E 112 -2.50 30.18 26.72
C ARG E 112 -2.93 29.98 25.26
N VAL E 113 -2.36 28.97 24.62
CA VAL E 113 -2.68 28.66 23.24
C VAL E 113 -3.09 27.20 23.04
N PRO E 114 -4.37 26.96 22.70
CA PRO E 114 -4.84 25.59 22.49
C PRO E 114 -4.64 25.17 21.04
N VAL E 115 -4.22 23.92 20.85
CA VAL E 115 -4.03 23.37 19.51
C VAL E 115 -5.06 22.26 19.34
N PHE E 116 -5.92 22.40 18.35
CA PHE E 116 -6.96 21.41 18.10
C PHE E 116 -6.63 20.54 16.89
N LEU E 117 -6.64 19.23 17.08
CA LEU E 117 -6.34 18.31 16.00
C LEU E 117 -7.59 17.64 15.45
N GLY E 118 -7.91 17.93 14.20
CA GLY E 118 -9.07 17.33 13.55
C GLY E 118 -8.63 16.01 12.92
N GLY E 119 -9.54 15.26 12.30
CA GLY E 119 -10.93 15.66 12.17
C GLY E 119 -11.20 16.41 10.88
N ASP E 120 -12.40 16.27 10.31
CA ASP E 120 -12.69 16.99 9.08
C ASP E 120 -12.95 18.45 9.47
N HIS E 121 -13.05 19.35 8.49
CA HIS E 121 -13.22 20.76 8.80
C HIS E 121 -14.47 21.16 9.56
N SER E 122 -15.47 20.29 9.63
CA SER E 122 -16.70 20.63 10.34
C SER E 122 -16.46 20.88 11.83
N VAL E 123 -15.38 20.31 12.37
CA VAL E 123 -15.07 20.48 13.79
C VAL E 123 -14.75 21.93 14.16
N SER E 124 -14.37 22.74 13.17
CA SER E 124 -14.03 24.13 13.43
C SER E 124 -15.22 24.92 13.99
N TYR E 125 -16.42 24.53 13.60
CA TYR E 125 -17.61 25.22 14.08
C TYR E 125 -17.75 25.07 15.60
N PRO E 126 -17.88 23.83 16.12
CA PRO E 126 -18.01 23.70 17.58
C PRO E 126 -16.78 24.17 18.34
N LEU E 127 -15.63 24.14 17.67
CA LEU E 127 -14.39 24.59 18.26
C LEU E 127 -14.48 26.11 18.46
N LEU E 128 -14.91 26.81 17.42
CA LEU E 128 -15.01 28.28 17.48
C LEU E 128 -16.02 28.76 18.51
N ARG E 129 -17.04 27.97 18.79
CA ARG E 129 -18.05 28.35 19.79
C ARG E 129 -17.41 28.53 21.16
N ALA E 130 -16.25 27.91 21.35
CA ALA E 130 -15.54 28.01 22.62
C ALA E 130 -14.89 29.39 22.75
N PHE E 131 -14.98 30.18 21.68
CA PHE E 131 -14.38 31.52 21.66
C PHE E 131 -15.44 32.62 21.60
N ALA E 132 -16.64 32.31 22.05
CA ALA E 132 -17.74 33.28 22.06
C ALA E 132 -17.44 34.51 22.91
N ASP E 133 -16.48 34.38 23.83
CA ASP E 133 -16.12 35.47 24.73
C ASP E 133 -14.93 36.31 24.25
N VAL E 134 -14.47 36.08 23.03
CA VAL E 134 -13.35 36.86 22.51
C VAL E 134 -13.87 38.02 21.65
N PRO E 135 -13.50 39.25 22.02
CA PRO E 135 -13.97 40.42 21.24
C PRO E 135 -13.31 40.54 19.87
N ASP E 136 -14.10 40.92 18.87
CA ASP E 136 -13.62 41.11 17.51
C ASP E 136 -12.71 39.97 17.05
N LEU E 137 -13.22 38.75 17.15
CA LEU E 137 -12.46 37.56 16.77
C LEU E 137 -12.23 37.50 15.27
N HIS E 138 -10.99 37.31 14.86
CA HIS E 138 -10.65 37.18 13.45
C HIS E 138 -10.15 35.77 13.21
N VAL E 139 -10.43 35.24 12.03
CA VAL E 139 -9.97 33.90 11.67
C VAL E 139 -9.09 33.98 10.43
N VAL E 140 -7.93 33.33 10.48
CA VAL E 140 -7.03 33.26 9.34
C VAL E 140 -7.09 31.79 8.94
N GLN E 141 -7.69 31.53 7.79
CA GLN E 141 -7.90 30.17 7.30
C GLN E 141 -7.12 29.82 6.03
N LEU E 142 -6.30 28.77 6.11
CA LEU E 142 -5.54 28.29 4.95
C LEU E 142 -6.42 27.17 4.42
N ASP E 143 -6.83 27.26 3.15
CA ASP E 143 -7.74 26.25 2.60
C ASP E 143 -7.84 26.39 1.09
N ALA E 144 -8.13 25.27 0.41
CA ALA E 144 -8.31 25.30 -1.02
C ALA E 144 -9.77 25.69 -1.27
N HIS E 145 -10.60 25.48 -0.25
CA HIS E 145 -12.04 25.77 -0.31
C HIS E 145 -12.46 26.84 0.70
N LEU E 146 -13.55 27.52 0.41
CA LEU E 146 -14.05 28.59 1.26
C LEU E 146 -14.75 28.10 2.55
N ASP E 147 -15.53 27.04 2.44
CA ASP E 147 -16.25 26.49 3.58
C ASP E 147 -17.18 27.49 4.25
N PHE E 148 -17.97 28.18 3.44
CA PHE E 148 -18.92 29.16 3.96
C PHE E 148 -20.29 28.83 3.39
N THR E 149 -20.47 27.57 3.02
CA THR E 149 -21.71 27.09 2.45
C THR E 149 -22.81 26.95 3.49
N ASP E 150 -24.05 27.25 3.10
CA ASP E 150 -25.17 27.15 4.01
C ASP E 150 -25.56 25.68 4.14
N THR E 151 -26.10 25.13 3.07
CA THR E 151 -26.50 23.73 3.07
C THR E 151 -25.82 22.98 1.92
N ARG E 152 -25.43 21.73 2.20
CA ARG E 152 -24.78 20.88 1.21
C ARG E 152 -25.29 19.47 1.46
N ASN E 153 -25.70 18.79 0.39
CA ASN E 153 -26.20 17.42 0.49
C ASN E 153 -27.20 17.25 1.63
N ASP E 154 -28.12 18.20 1.71
CA ASP E 154 -29.18 18.20 2.71
C ASP E 154 -28.80 18.26 4.18
N THR E 155 -27.67 18.89 4.49
CA THR E 155 -27.27 19.02 5.89
C THR E 155 -26.65 20.39 6.13
N LYS E 156 -26.73 20.84 7.37
CA LYS E 156 -26.17 22.12 7.78
C LYS E 156 -24.82 21.91 8.45
N TRP E 157 -24.48 20.66 8.76
CA TRP E 157 -23.25 20.36 9.47
C TRP E 157 -22.08 19.73 8.69
N SER E 158 -22.06 19.85 7.36
CA SER E 158 -20.96 19.26 6.58
C SER E 158 -19.65 20.04 6.75
N ASN E 159 -18.54 19.50 6.25
CA ASN E 159 -17.28 20.21 6.38
C ASN E 159 -17.20 21.40 5.44
N SER E 160 -18.28 21.65 4.70
CA SER E 160 -18.31 22.80 3.78
C SER E 160 -19.02 23.99 4.43
N SER E 161 -19.48 23.81 5.67
CA SER E 161 -20.21 24.88 6.38
C SER E 161 -19.69 25.35 7.74
N PRO E 162 -18.54 24.84 8.22
CA PRO E 162 -18.06 25.29 9.53
C PRO E 162 -18.04 26.79 9.83
N PHE E 163 -17.49 27.58 8.92
CA PHE E 163 -17.41 29.02 9.17
C PHE E 163 -18.73 29.75 8.98
N ARG E 164 -19.61 29.17 8.18
CA ARG E 164 -20.93 29.76 7.96
C ARG E 164 -21.69 29.57 9.27
N ARG E 165 -21.61 28.37 9.84
CA ARG E 165 -22.27 28.06 11.11
C ARG E 165 -21.66 28.89 12.24
N ALA E 166 -20.33 28.97 12.26
CA ALA E 166 -19.62 29.73 13.29
C ALA E 166 -20.05 31.19 13.33
N CYS E 167 -20.07 31.83 12.17
CA CYS E 167 -20.46 33.25 12.11
C CYS E 167 -21.88 33.53 12.59
N GLU E 168 -22.83 32.69 12.24
CA GLU E 168 -24.20 32.92 12.67
C GLU E 168 -24.38 32.65 14.16
N ALA E 169 -23.48 31.85 14.73
CA ALA E 169 -23.54 31.54 16.15
C ALA E 169 -22.65 32.50 16.94
N LEU E 170 -21.71 33.14 16.25
CA LEU E 170 -20.77 34.04 16.89
C LEU E 170 -20.66 35.41 16.23
N PRO E 171 -21.54 36.35 16.60
CA PRO E 171 -21.47 37.68 15.99
C PRO E 171 -20.14 38.37 16.31
N ASN E 172 -19.44 37.85 17.31
CA ASN E 172 -18.15 38.41 17.70
C ASN E 172 -17.07 38.01 16.69
N LEU E 173 -17.38 37.04 15.83
CA LEU E 173 -16.44 36.59 14.80
C LEU E 173 -16.67 37.60 13.70
N VAL E 174 -15.93 38.70 13.75
CA VAL E 174 -16.10 39.79 12.81
C VAL E 174 -15.46 39.70 11.44
N HIS E 175 -14.43 38.88 11.29
CA HIS E 175 -13.78 38.79 9.99
C HIS E 175 -12.98 37.50 9.76
N ILE E 176 -12.98 37.05 8.52
CA ILE E 176 -12.25 35.85 8.14
C ILE E 176 -11.41 36.16 6.90
N THR E 177 -10.15 35.73 6.94
CA THR E 177 -9.22 35.90 5.84
C THR E 177 -8.87 34.49 5.38
N THR E 178 -9.33 34.11 4.19
CA THR E 178 -9.08 32.77 3.66
C THR E 178 -8.04 32.85 2.55
N VAL E 179 -6.97 32.08 2.69
CA VAL E 179 -5.88 32.09 1.70
C VAL E 179 -5.61 30.72 1.11
N GLY E 180 -5.43 30.68 -0.22
CA GLY E 180 -5.15 29.42 -0.90
C GLY E 180 -6.26 28.90 -1.79
N LEU E 181 -7.35 29.65 -1.89
CA LEU E 181 -8.50 29.22 -2.69
C LEU E 181 -8.20 28.93 -4.16
N ARG E 182 -8.70 27.79 -4.62
CA ARG E 182 -8.51 27.35 -6.00
C ARG E 182 -9.49 26.23 -6.34
N GLY E 183 -9.57 25.88 -7.62
CA GLY E 183 -10.48 24.83 -8.03
C GLY E 183 -11.43 25.31 -9.11
N LEU E 184 -12.16 24.39 -9.73
CA LEU E 184 -13.09 24.74 -10.79
C LEU E 184 -14.47 25.14 -10.30
N ARG E 185 -14.82 24.73 -9.08
CA ARG E 185 -16.15 25.04 -8.55
C ARG E 185 -16.15 25.76 -7.20
N PHE E 186 -17.01 26.75 -7.09
CA PHE E 186 -17.18 27.52 -5.86
C PHE E 186 -18.65 27.80 -5.65
N ASP E 187 -19.12 27.73 -4.41
CA ASP E 187 -20.51 27.98 -4.09
C ASP E 187 -20.76 29.48 -4.22
N PRO E 188 -21.50 29.90 -5.26
CA PRO E 188 -21.78 31.32 -5.46
C PRO E 188 -22.51 31.96 -4.28
N GLU E 189 -23.42 31.21 -3.66
CA GLU E 189 -24.17 31.70 -2.52
C GLU E 189 -23.22 31.91 -1.36
N ALA E 190 -22.30 30.97 -1.18
CA ALA E 190 -21.32 31.06 -0.10
C ALA E 190 -20.37 32.23 -0.35
N VAL E 191 -19.89 32.36 -1.58
CA VAL E 191 -18.98 33.44 -1.92
C VAL E 191 -19.62 34.80 -1.68
N ALA E 192 -20.90 34.92 -2.00
CA ALA E 192 -21.62 36.17 -1.82
C ALA E 192 -21.81 36.51 -0.33
N ALA E 193 -22.21 35.51 0.45
CA ALA E 193 -22.44 35.71 1.88
C ALA E 193 -21.14 36.12 2.58
N ALA E 194 -20.02 35.57 2.15
CA ALA E 194 -18.74 35.89 2.76
C ALA E 194 -18.34 37.33 2.42
N ARG E 195 -18.48 37.70 1.16
CA ARG E 195 -18.12 39.05 0.72
C ARG E 195 -18.99 40.10 1.38
N ALA E 196 -20.27 39.79 1.57
CA ALA E 196 -21.21 40.71 2.19
C ALA E 196 -20.80 41.03 3.63
N ARG E 197 -20.23 40.04 4.32
CA ARG E 197 -19.80 40.23 5.70
C ARG E 197 -18.42 40.86 5.73
N GLY E 198 -17.89 41.14 4.54
CA GLY E 198 -16.59 41.77 4.44
C GLY E 198 -15.40 40.85 4.59
N HIS E 199 -15.62 39.55 4.47
CA HIS E 199 -14.52 38.59 4.59
C HIS E 199 -13.57 38.75 3.41
N THR E 200 -12.28 38.53 3.65
CA THR E 200 -11.27 38.66 2.61
C THR E 200 -10.99 37.29 2.00
N ILE E 201 -11.13 37.21 0.68
CA ILE E 201 -10.91 35.98 -0.07
C ILE E 201 -9.64 36.11 -0.91
N ILE E 202 -8.62 35.32 -0.59
CA ILE E 202 -7.36 35.37 -1.32
C ILE E 202 -7.07 34.08 -2.07
N PRO E 203 -7.24 34.10 -3.40
CA PRO E 203 -6.98 32.91 -4.23
C PRO E 203 -5.50 32.58 -4.27
N MET E 204 -5.18 31.31 -4.48
CA MET E 204 -3.81 30.85 -4.54
C MET E 204 -3.02 31.65 -5.59
N ASP E 205 -3.70 32.01 -6.69
CA ASP E 205 -3.05 32.79 -7.75
C ASP E 205 -2.45 34.09 -7.21
N ASP E 206 -3.09 34.65 -6.18
CA ASP E 206 -2.61 35.89 -5.57
C ASP E 206 -1.31 35.64 -4.80
N VAL E 207 -1.22 34.47 -4.19
CA VAL E 207 -0.03 34.10 -3.43
C VAL E 207 1.13 33.91 -4.40
N THR E 208 0.84 33.25 -5.50
CA THR E 208 1.84 32.99 -6.53
C THR E 208 2.33 34.29 -7.16
N ALA E 209 1.40 35.21 -7.42
CA ALA E 209 1.73 36.49 -8.03
C ALA E 209 2.51 37.43 -7.11
N ASP E 210 1.98 37.66 -5.91
CA ASP E 210 2.64 38.55 -4.97
C ASP E 210 2.34 38.19 -3.52
N LEU E 211 3.16 37.30 -2.98
CA LEU E 211 3.02 36.84 -1.59
C LEU E 211 3.11 38.03 -0.64
N ALA E 212 4.01 38.97 -0.92
CA ALA E 212 4.18 40.14 -0.08
C ALA E 212 2.86 40.90 0.02
N GLY E 213 2.15 40.98 -1.09
CA GLY E 213 0.87 41.68 -1.10
C GLY E 213 -0.18 40.95 -0.29
N VAL E 214 -0.05 39.63 -0.20
CA VAL E 214 -0.98 38.82 0.56
C VAL E 214 -0.76 39.02 2.04
N LEU E 215 0.51 39.03 2.45
CA LEU E 215 0.87 39.22 3.85
C LEU E 215 0.41 40.58 4.34
N ALA E 216 0.43 41.55 3.44
CA ALA E 216 0.01 42.91 3.77
C ALA E 216 -1.50 42.96 4.04
N GLN E 217 -2.21 41.92 3.64
CA GLN E 217 -3.66 41.86 3.83
C GLN E 217 -4.07 41.18 5.13
N LEU E 218 -3.08 40.63 5.85
CA LEU E 218 -3.37 39.95 7.11
C LEU E 218 -3.68 40.94 8.21
N PRO E 219 -4.43 40.52 9.24
CA PRO E 219 -4.78 41.40 10.36
C PRO E 219 -3.59 41.84 11.20
N ARG E 220 -3.77 42.94 11.93
CA ARG E 220 -2.74 43.47 12.81
C ARG E 220 -3.33 43.87 14.15
N GLY E 221 -2.69 43.43 15.23
CA GLY E 221 -3.15 43.74 16.57
C GLY E 221 -4.55 43.24 16.88
N GLN E 222 -4.87 42.06 16.36
CA GLN E 222 -6.18 41.47 16.56
C GLN E 222 -6.11 40.14 17.28
N ASN E 223 -7.26 39.66 17.72
CA ASN E 223 -7.37 38.35 18.36
C ASN E 223 -7.58 37.43 17.18
N VAL E 224 -6.61 36.55 16.91
CA VAL E 224 -6.69 35.66 15.76
C VAL E 224 -6.68 34.16 16.08
N TYR E 225 -7.57 33.44 15.39
CA TYR E 225 -7.71 32.00 15.50
C TYR E 225 -7.21 31.45 14.17
N PHE E 226 -6.26 30.51 14.22
CA PHE E 226 -5.73 29.91 13.00
C PHE E 226 -6.47 28.62 12.67
N SER E 227 -6.91 28.49 11.41
CA SER E 227 -7.55 27.25 10.99
C SER E 227 -6.81 26.78 9.75
N VAL E 228 -6.08 25.68 9.88
CA VAL E 228 -5.32 25.15 8.77
C VAL E 228 -5.89 23.87 8.22
N ASP E 229 -6.41 23.94 7.01
CA ASP E 229 -6.95 22.79 6.30
C ASP E 229 -5.76 22.33 5.47
N VAL E 230 -5.30 21.09 5.67
CA VAL E 230 -4.14 20.63 4.93
C VAL E 230 -4.29 20.66 3.42
N ASP E 231 -5.52 20.62 2.90
CA ASP E 231 -5.65 20.65 1.44
C ASP E 231 -5.34 22.02 0.85
N GLY E 232 -4.99 22.96 1.73
CA GLY E 232 -4.61 24.28 1.28
C GLY E 232 -3.22 24.13 0.65
N PHE E 233 -2.46 23.16 1.16
CA PHE E 233 -1.13 22.90 0.63
C PHE E 233 -1.21 22.10 -0.66
N ASP E 234 -0.16 22.19 -1.47
CA ASP E 234 -0.12 21.48 -2.73
C ASP E 234 -0.16 19.97 -2.44
N PRO E 235 -0.96 19.21 -3.19
CA PRO E 235 -1.11 17.75 -3.03
C PRO E 235 0.20 16.99 -3.21
N ALA E 236 1.15 17.59 -3.93
CA ALA E 236 2.44 16.97 -4.15
C ALA E 236 3.17 16.96 -2.81
N VAL E 237 2.95 18.00 -2.02
CA VAL E 237 3.58 18.15 -0.72
C VAL E 237 2.79 17.36 0.33
N ILE E 238 1.47 17.60 0.38
CA ILE E 238 0.59 16.94 1.34
C ILE E 238 -0.55 16.20 0.61
N PRO E 239 -0.29 14.97 0.13
CA PRO E 239 -1.31 14.19 -0.59
C PRO E 239 -2.34 13.53 0.31
N GLY E 240 -2.02 13.37 1.59
CA GLY E 240 -2.94 12.73 2.51
C GLY E 240 -4.09 13.62 2.94
N THR E 241 -5.07 13.78 2.06
CA THR E 241 -6.24 14.59 2.35
C THR E 241 -7.37 14.15 1.42
N SER E 242 -8.61 14.24 1.90
CA SER E 242 -9.76 13.80 1.11
C SER E 242 -9.95 14.38 -0.28
N SER E 243 -9.94 15.71 -0.39
CA SER E 243 -10.18 16.37 -1.67
C SER E 243 -9.06 17.31 -2.12
N PRO E 244 -7.96 16.76 -2.64
CA PRO E 244 -6.83 17.57 -3.11
C PRO E 244 -7.15 18.45 -4.31
N GLU E 245 -6.41 19.55 -4.43
CA GLU E 245 -6.56 20.48 -5.54
C GLU E 245 -5.14 20.87 -5.97
N PRO E 246 -4.82 20.72 -7.26
CA PRO E 246 -3.48 21.06 -7.76
C PRO E 246 -3.08 22.51 -7.55
N ASP E 247 -1.78 22.75 -7.65
CA ASP E 247 -1.19 24.08 -7.52
C ASP E 247 -1.56 24.82 -6.25
N GLY E 248 -1.17 24.24 -5.13
CA GLY E 248 -1.46 24.84 -3.84
C GLY E 248 -0.23 25.45 -3.20
N LEU E 249 -0.35 25.71 -1.91
CA LEU E 249 0.74 26.30 -1.13
C LEU E 249 1.87 25.32 -0.91
N THR E 250 3.10 25.82 -0.95
CA THR E 250 4.24 24.97 -0.64
C THR E 250 4.22 25.06 0.88
N TYR E 251 4.95 24.20 1.57
CA TYR E 251 4.99 24.25 3.02
C TYR E 251 5.51 25.64 3.41
N ALA E 252 6.55 26.09 2.71
CA ALA E 252 7.16 27.38 2.99
C ALA E 252 6.19 28.55 2.90
N GLN E 253 5.35 28.56 1.87
CA GLN E 253 4.38 29.63 1.67
C GLN E 253 3.33 29.62 2.78
N GLY E 254 2.80 28.45 3.09
CA GLY E 254 1.79 28.36 4.14
C GLY E 254 2.37 28.85 5.45
N MET E 255 3.58 28.41 5.76
CA MET E 255 4.26 28.79 6.99
C MET E 255 4.53 30.29 7.03
N LYS E 256 4.93 30.87 5.89
CA LYS E 256 5.19 32.30 5.84
C LYS E 256 3.95 33.10 6.19
N ILE E 257 2.80 32.63 5.75
CA ILE E 257 1.53 33.29 6.04
C ILE E 257 1.22 33.19 7.52
N LEU E 258 1.42 32.01 8.09
CA LEU E 258 1.17 31.80 9.52
C LEU E 258 2.14 32.60 10.38
N ALA E 259 3.41 32.60 9.99
CA ALA E 259 4.44 33.34 10.74
C ALA E 259 4.15 34.83 10.76
N ALA E 260 3.72 35.36 9.62
CA ALA E 260 3.41 36.78 9.51
C ALA E 260 2.29 37.19 10.46
N ALA E 261 1.21 36.41 10.46
CA ALA E 261 0.06 36.69 11.31
C ALA E 261 0.38 36.55 12.80
N ALA E 262 1.23 35.59 13.13
CA ALA E 262 1.61 35.34 14.51
C ALA E 262 2.57 36.40 15.07
N ALA E 263 3.22 37.13 14.18
CA ALA E 263 4.19 38.15 14.60
C ALA E 263 3.59 39.43 15.18
N ASN E 264 2.38 39.77 14.73
CA ASN E 264 1.76 41.00 15.21
C ASN E 264 0.28 40.89 15.55
N ASN E 265 -0.13 39.73 16.04
CA ASN E 265 -1.52 39.48 16.44
C ASN E 265 -1.50 38.65 17.71
N THR E 266 -2.61 38.66 18.43
CA THR E 266 -2.75 37.86 19.64
C THR E 266 -3.39 36.56 19.17
N VAL E 267 -2.60 35.50 19.12
CA VAL E 267 -3.09 34.20 18.66
C VAL E 267 -3.79 33.48 19.81
N VAL E 268 -5.09 33.25 19.63
CA VAL E 268 -5.91 32.60 20.65
C VAL E 268 -6.13 31.11 20.45
N GLY E 269 -5.76 30.60 19.29
CA GLY E 269 -5.94 29.18 19.04
C GLY E 269 -5.62 28.77 17.61
N LEU E 270 -5.53 27.47 17.39
CA LEU E 270 -5.23 26.96 16.07
C LEU E 270 -5.73 25.54 15.91
N ASP E 271 -6.30 25.23 14.74
CA ASP E 271 -6.74 23.88 14.49
C ASP E 271 -6.10 23.41 13.19
N LEU E 272 -5.87 22.11 13.10
CA LEU E 272 -5.26 21.48 11.94
C LEU E 272 -6.24 20.41 11.51
N VAL E 273 -6.91 20.62 10.38
CA VAL E 273 -7.92 19.69 9.91
C VAL E 273 -7.72 19.08 8.53
N GLU E 274 -8.56 18.07 8.25
CA GLU E 274 -8.60 17.35 6.98
C GLU E 274 -7.39 16.46 6.63
N LEU E 275 -6.53 16.21 7.60
CA LEU E 275 -5.37 15.34 7.35
C LEU E 275 -5.94 13.92 7.27
N ALA E 276 -5.52 13.15 6.27
CA ALA E 276 -5.99 11.77 6.10
C ALA E 276 -4.74 10.91 5.93
N PRO E 277 -4.17 10.40 7.04
CA PRO E 277 -2.96 9.57 7.03
C PRO E 277 -3.06 8.34 6.13
N ASN E 278 -4.24 7.75 6.09
CA ASN E 278 -4.50 6.56 5.29
C ASN E 278 -4.33 6.79 3.79
N LEU E 279 -4.38 8.06 3.37
CA LEU E 279 -4.25 8.39 1.95
C LEU E 279 -2.81 8.73 1.54
N ASP E 280 -1.88 8.66 2.49
CA ASP E 280 -0.49 8.94 2.18
C ASP E 280 0.40 7.90 2.85
N PRO E 281 0.66 6.79 2.15
CA PRO E 281 1.49 5.71 2.69
C PRO E 281 2.97 6.08 2.87
N THR E 282 3.38 7.25 2.38
CA THR E 282 4.77 7.68 2.54
C THR E 282 4.94 8.31 3.92
N GLY E 283 3.82 8.67 4.54
CA GLY E 283 3.84 9.29 5.85
C GLY E 283 4.30 10.74 5.91
N ARG E 284 4.66 11.33 4.77
CA ARG E 284 5.13 12.72 4.79
C ARG E 284 4.06 13.73 5.18
N SER E 285 2.80 13.44 4.84
CA SER E 285 1.72 14.36 5.15
C SER E 285 1.64 14.66 6.65
N GLU E 286 1.59 13.62 7.48
CA GLU E 286 1.50 13.84 8.92
C GLU E 286 2.79 14.39 9.51
N LEU E 287 3.94 13.97 8.96
CA LEU E 287 5.22 14.45 9.47
C LEU E 287 5.36 15.95 9.26
N LEU E 288 5.04 16.40 8.05
CA LEU E 288 5.12 17.82 7.73
C LEU E 288 4.07 18.67 8.45
N MET E 289 2.84 18.15 8.59
CA MET E 289 1.81 18.93 9.27
C MET E 289 2.05 19.02 10.78
N ALA E 290 2.66 17.99 11.37
CA ALA E 290 2.96 18.05 12.79
C ALA E 290 4.04 19.13 12.94
N ARG E 291 5.01 19.13 12.04
CA ARG E 291 6.05 20.16 12.11
C ARG E 291 5.43 21.54 11.94
N LEU E 292 4.46 21.66 11.04
CA LEU E 292 3.83 22.95 10.80
C LEU E 292 3.24 23.51 12.09
N VAL E 293 2.55 22.66 12.84
CA VAL E 293 1.95 23.10 14.10
C VAL E 293 3.03 23.59 15.06
N MET E 294 4.08 22.79 15.21
CA MET E 294 5.17 23.15 16.10
C MET E 294 5.90 24.42 15.68
N GLU E 295 6.12 24.58 14.38
CA GLU E 295 6.81 25.77 13.88
C GLU E 295 5.96 27.01 14.08
N THR E 296 4.65 26.85 13.93
CA THR E 296 3.72 27.95 14.13
C THR E 296 3.80 28.41 15.58
N LEU E 297 3.90 27.45 16.51
CA LEU E 297 4.01 27.77 17.93
C LEU E 297 5.31 28.50 18.21
N CYS E 298 6.38 28.10 17.52
CA CYS E 298 7.67 28.76 17.69
C CYS E 298 7.48 30.25 17.36
N GLU E 299 6.80 30.51 16.25
CA GLU E 299 6.55 31.89 15.81
C GLU E 299 5.70 32.62 16.83
N VAL E 300 4.61 31.98 17.25
CA VAL E 300 3.69 32.56 18.21
C VAL E 300 4.39 33.05 19.48
N PHE E 301 5.14 32.17 20.13
CA PHE E 301 5.82 32.54 21.37
C PHE E 301 7.08 33.37 21.19
N ASP E 302 7.41 33.70 19.95
CA ASP E 302 8.58 34.53 19.67
C ASP E 302 8.11 35.99 19.60
N HIS E 303 6.79 36.19 19.62
CA HIS E 303 6.21 37.53 19.54
C HIS E 303 5.08 37.78 20.53
N VAL E 304 5.22 37.28 21.75
CA VAL E 304 4.20 37.47 22.77
C VAL E 304 4.31 38.86 23.38
N LEU E 305 3.16 39.50 23.59
CA LEU E 305 3.13 40.84 24.17
C LEU E 305 3.18 40.76 25.69
N GLY F 3 22.15 -7.90 -30.95
CA GLY F 3 21.13 -8.82 -30.38
C GLY F 3 20.06 -8.08 -29.59
N PRO F 4 18.88 -8.69 -29.39
CA PRO F 4 17.81 -8.03 -28.65
C PRO F 4 18.24 -7.69 -27.23
N ALA F 5 17.64 -6.64 -26.66
CA ALA F 5 17.99 -6.20 -25.31
C ALA F 5 16.82 -6.36 -24.37
N HIS F 6 17.12 -6.66 -23.11
CA HIS F 6 16.09 -6.83 -22.09
C HIS F 6 15.36 -5.53 -21.81
N LEU F 7 14.07 -5.65 -21.47
CA LEU F 7 13.28 -4.49 -21.08
C LEU F 7 13.70 -4.37 -19.62
N PRO F 8 13.33 -3.27 -18.94
CA PRO F 8 13.72 -3.12 -17.53
C PRO F 8 13.32 -4.25 -16.60
N TYR F 9 12.16 -4.86 -16.84
CA TYR F 9 11.72 -5.93 -15.97
C TYR F 9 12.38 -7.27 -16.28
N GLY F 10 13.30 -7.27 -17.24
CA GLY F 10 13.98 -8.51 -17.60
C GLY F 10 15.44 -8.52 -17.21
N GLY F 11 16.00 -9.71 -17.01
CA GLY F 11 17.40 -9.83 -16.66
C GLY F 11 17.71 -9.71 -15.18
N ILE F 12 18.94 -10.09 -14.81
CA ILE F 12 19.39 -10.01 -13.43
C ILE F 12 19.70 -8.54 -13.15
N PRO F 13 19.15 -7.99 -12.06
CA PRO F 13 19.43 -6.59 -11.77
C PRO F 13 20.79 -6.25 -11.16
N THR F 14 21.74 -5.89 -12.01
CA THR F 14 23.06 -5.46 -11.51
C THR F 14 23.03 -3.96 -11.84
N PHE F 15 23.86 -3.16 -11.20
CA PHE F 15 23.83 -1.72 -11.45
C PHE F 15 24.21 -1.41 -12.90
N ALA F 16 23.30 -0.71 -13.60
CA ALA F 16 23.49 -0.33 -15.00
C ALA F 16 23.72 -1.55 -15.89
N ARG F 17 23.17 -2.69 -15.48
CA ARG F 17 23.33 -3.97 -16.20
C ARG F 17 24.78 -4.34 -16.40
N ALA F 18 25.63 -3.85 -15.51
CA ALA F 18 27.06 -4.13 -15.58
C ALA F 18 27.38 -5.56 -15.15
N PRO F 19 28.50 -6.11 -15.64
CA PRO F 19 28.88 -7.47 -15.27
C PRO F 19 29.21 -7.53 -13.78
N LEU F 20 28.89 -8.67 -13.15
CA LEU F 20 29.14 -8.87 -11.73
C LEU F 20 30.58 -9.31 -11.48
N VAL F 21 31.18 -8.76 -10.44
CA VAL F 21 32.56 -9.07 -10.06
C VAL F 21 32.70 -9.10 -8.54
N GLN F 22 33.82 -9.65 -8.07
CA GLN F 22 34.11 -9.71 -6.64
C GLN F 22 35.03 -8.53 -6.32
N PRO F 23 34.85 -7.89 -5.16
CA PRO F 23 35.68 -6.74 -4.77
C PRO F 23 37.19 -6.97 -4.91
N ASP F 24 37.65 -8.16 -4.55
CA ASP F 24 39.08 -8.46 -4.64
C ASP F 24 39.42 -9.34 -5.85
N GLY F 25 38.57 -9.28 -6.87
CA GLY F 25 38.81 -10.08 -8.06
C GLY F 25 39.77 -9.43 -9.03
N ASP F 26 40.07 -10.14 -10.11
CA ASP F 26 40.98 -9.61 -11.13
C ASP F 26 40.17 -8.92 -12.23
N TRP F 27 39.80 -7.67 -11.98
CA TRP F 27 39.03 -6.90 -12.95
C TRP F 27 39.39 -5.43 -12.84
N GLN F 28 38.97 -4.67 -13.84
CA GLN F 28 39.21 -3.22 -13.90
C GLN F 28 38.08 -2.60 -14.71
N ALA F 29 37.57 -1.45 -14.25
CA ALA F 29 36.49 -0.77 -14.94
C ALA F 29 36.53 0.71 -14.60
N ASP F 30 35.98 1.56 -15.47
CA ASP F 30 35.97 2.99 -15.21
C ASP F 30 35.08 3.31 -14.01
N VAL F 31 33.95 2.62 -13.91
CA VAL F 31 33.02 2.84 -12.81
C VAL F 31 32.64 1.50 -12.20
N ALA F 32 32.59 1.43 -10.87
CA ALA F 32 32.23 0.21 -10.18
C ALA F 32 31.32 0.53 -9.00
N ALA F 33 30.22 -0.22 -8.89
CA ALA F 33 29.27 -0.01 -7.81
C ALA F 33 29.46 -1.05 -6.70
N LEU F 34 29.20 -0.64 -5.47
CA LEU F 34 29.31 -1.51 -4.30
C LEU F 34 28.18 -1.14 -3.36
N GLY F 35 27.38 -2.12 -2.98
CA GLY F 35 26.26 -1.84 -2.09
C GLY F 35 26.58 -2.06 -0.62
N VAL F 36 25.92 -1.31 0.25
CA VAL F 36 26.10 -1.42 1.69
C VAL F 36 24.71 -1.37 2.31
N PRO F 37 24.01 -2.52 2.33
CA PRO F 37 22.65 -2.66 2.87
C PRO F 37 22.61 -2.67 4.40
N PHE F 38 22.98 -1.53 4.97
CA PHE F 38 23.07 -1.35 6.42
C PHE F 38 22.17 -0.19 6.82
N ASP F 39 21.17 -0.45 7.67
CA ASP F 39 20.29 0.63 8.11
C ASP F 39 19.94 0.60 9.59
N ILE F 40 20.73 -0.12 10.38
CA ILE F 40 20.44 -0.21 11.82
C ILE F 40 20.94 0.98 12.65
N ALA F 41 21.61 1.93 12.01
CA ALA F 41 22.13 3.11 12.71
C ALA F 41 21.19 4.30 12.65
N LEU F 42 20.16 4.27 11.79
CA LEU F 42 19.26 5.41 11.71
C LEU F 42 18.32 5.44 12.91
N GLY F 43 17.79 6.62 13.22
CA GLY F 43 16.94 6.75 14.39
C GLY F 43 15.43 6.85 14.20
N PHE F 44 14.93 6.50 13.02
CA PHE F 44 13.49 6.58 12.81
C PHE F 44 12.91 5.39 12.03
N ARG F 45 12.69 5.57 10.73
CA ARG F 45 12.11 4.51 9.92
C ARG F 45 13.13 3.73 9.08
N PRO F 46 13.26 2.41 9.35
CA PRO F 46 14.22 1.58 8.61
C PRO F 46 13.72 1.30 7.20
N GLY F 47 14.59 0.71 6.39
CA GLY F 47 14.24 0.38 5.03
C GLY F 47 15.39 0.59 4.07
N ALA F 48 16.35 1.41 4.46
CA ALA F 48 17.49 1.70 3.60
C ALA F 48 18.33 0.47 3.27
N ARG F 49 18.17 -0.62 4.02
CA ARG F 49 18.94 -1.83 3.71
C ARG F 49 18.49 -2.38 2.36
N PHE F 50 17.28 -2.01 1.94
CA PHE F 50 16.73 -2.47 0.68
C PHE F 50 17.07 -1.52 -0.48
N ALA F 51 17.69 -0.39 -0.18
CA ALA F 51 18.00 0.59 -1.22
C ALA F 51 18.97 0.13 -2.31
N PRO F 52 20.05 -0.57 -1.94
CA PRO F 52 20.97 -1.00 -3.00
C PRO F 52 20.29 -1.84 -4.07
N ARG F 53 19.43 -2.76 -3.65
CA ARG F 53 18.72 -3.61 -4.59
C ARG F 53 17.69 -2.82 -5.40
N ALA F 54 17.04 -1.86 -4.76
CA ALA F 54 16.04 -1.05 -5.45
C ALA F 54 16.71 -0.15 -6.51
N LEU F 55 17.89 0.35 -6.16
CA LEU F 55 18.64 1.22 -7.06
C LEU F 55 19.16 0.43 -8.25
N ARG F 56 19.61 -0.80 -8.01
CA ARG F 56 20.08 -1.63 -9.11
C ARG F 56 18.91 -1.87 -10.05
N GLU F 57 17.76 -2.22 -9.50
CA GLU F 57 16.58 -2.47 -10.33
C GLU F 57 16.19 -1.23 -11.13
N ALA F 58 16.18 -0.08 -10.47
CA ALA F 58 15.82 1.18 -11.12
C ALA F 58 16.83 1.61 -12.16
N SER F 59 18.09 1.20 -11.99
CA SER F 59 19.15 1.58 -12.92
C SER F 59 18.97 0.92 -14.28
N LEU F 60 18.12 -0.10 -14.35
CA LEU F 60 17.89 -0.78 -15.62
C LEU F 60 17.16 0.14 -16.60
N ARG F 61 16.68 1.26 -16.10
CA ARG F 61 15.99 2.25 -16.94
C ARG F 61 17.02 3.28 -17.41
N SER F 62 18.22 3.20 -16.84
CA SER F 62 19.28 4.14 -17.17
C SER F 62 20.60 3.44 -17.53
N VAL F 63 20.56 2.60 -18.55
CA VAL F 63 21.76 1.89 -19.00
C VAL F 63 22.52 2.78 -19.98
N PRO F 64 23.80 3.04 -19.71
CA PRO F 64 24.65 3.89 -20.56
C PRO F 64 25.06 3.20 -21.86
N PRO F 65 25.54 3.97 -22.85
CA PRO F 65 25.71 5.42 -22.83
C PRO F 65 24.41 6.16 -23.10
N PHE F 66 24.45 7.49 -23.02
CA PHE F 66 23.25 8.28 -23.25
C PHE F 66 23.41 9.34 -24.34
N THR F 67 22.53 9.29 -25.32
CA THR F 67 22.53 10.27 -26.39
C THR F 67 21.38 11.22 -26.09
N GLY F 68 21.72 12.46 -25.75
CA GLY F 68 20.71 13.45 -25.43
C GLY F 68 19.91 13.98 -26.60
N LEU F 69 18.96 14.86 -26.30
CA LEU F 69 18.13 15.46 -27.33
C LEU F 69 18.99 16.23 -28.32
N ASP F 70 20.05 16.87 -27.83
CA ASP F 70 20.93 17.64 -28.69
C ASP F 70 21.84 16.80 -29.58
N GLY F 71 21.76 15.48 -29.44
CA GLY F 71 22.57 14.60 -30.26
C GLY F 71 23.92 14.23 -29.67
N LYS F 72 24.30 14.84 -28.56
CA LYS F 72 25.57 14.50 -27.92
C LYS F 72 25.42 13.22 -27.12
N THR F 73 26.50 12.44 -27.06
CA THR F 73 26.48 11.18 -26.32
C THR F 73 27.45 11.22 -25.16
N ARG F 74 26.97 10.85 -23.98
CA ARG F 74 27.82 10.83 -22.80
C ARG F 74 27.97 9.41 -22.26
N LEU F 75 29.06 9.19 -21.50
CA LEU F 75 29.40 7.89 -20.94
C LEU F 75 29.81 6.92 -22.03
N GLN F 76 30.17 7.46 -23.20
CA GLN F 76 30.61 6.65 -24.31
C GLN F 76 31.99 6.12 -23.90
N GLY F 77 32.23 4.84 -24.10
CA GLY F 77 33.51 4.26 -23.76
C GLY F 77 33.78 4.15 -22.27
N VAL F 78 32.73 4.22 -21.45
CA VAL F 78 32.89 4.11 -20.00
C VAL F 78 32.41 2.72 -19.58
N THR F 79 33.33 1.91 -19.06
CA THR F 79 32.97 0.57 -18.65
C THR F 79 32.48 0.55 -17.20
N PHE F 80 31.59 -0.40 -16.91
CA PHE F 80 31.02 -0.51 -15.58
C PHE F 80 31.19 -1.91 -15.01
N ALA F 81 31.09 -2.01 -13.69
CA ALA F 81 31.18 -3.27 -12.99
C ALA F 81 30.34 -3.14 -11.73
N ASP F 82 29.76 -4.25 -11.29
CA ASP F 82 28.97 -4.26 -10.07
C ASP F 82 29.69 -5.25 -9.16
N ALA F 83 30.28 -4.73 -8.09
CA ALA F 83 31.03 -5.57 -7.17
C ALA F 83 30.15 -6.18 -6.07
N GLY F 84 28.84 -6.14 -6.28
CA GLY F 84 27.92 -6.70 -5.30
C GLY F 84 27.83 -5.88 -4.02
N ASP F 85 27.52 -6.57 -2.92
CA ASP F 85 27.38 -5.93 -1.63
C ASP F 85 28.43 -6.41 -0.64
N VAL F 86 28.76 -5.54 0.31
CA VAL F 86 29.68 -5.88 1.38
C VAL F 86 28.90 -6.92 2.16
N ILE F 87 29.57 -7.98 2.61
CA ILE F 87 28.89 -9.00 3.40
C ILE F 87 28.85 -8.47 4.83
N LEU F 88 27.67 -8.07 5.27
CA LEU F 88 27.51 -7.50 6.61
C LEU F 88 27.08 -8.52 7.66
N PRO F 89 27.55 -8.33 8.91
CA PRO F 89 27.16 -9.24 9.97
C PRO F 89 25.85 -8.68 10.50
N SER F 90 25.23 -9.36 11.47
CA SER F 90 24.03 -8.84 12.09
C SER F 90 24.58 -8.03 13.26
N LEU F 91 23.99 -6.89 13.57
CA LEU F 91 24.46 -6.01 14.64
C LEU F 91 25.96 -5.77 14.40
N GLU F 92 26.77 -5.86 15.44
CA GLU F 92 28.23 -5.68 15.32
C GLU F 92 28.65 -4.51 14.41
N PRO F 93 28.27 -3.27 14.76
CA PRO F 93 28.66 -2.13 13.91
C PRO F 93 30.15 -1.97 13.62
N GLN F 94 31.00 -2.28 14.59
CA GLN F 94 32.44 -2.13 14.39
C GLN F 94 32.94 -3.09 13.30
N LEU F 95 32.45 -4.32 13.34
CA LEU F 95 32.83 -5.31 12.34
C LEU F 95 32.29 -4.92 10.97
N ALA F 96 31.06 -4.40 10.95
CA ALA F 96 30.45 -3.97 9.71
C ALA F 96 31.31 -2.86 9.11
N HIS F 97 31.71 -1.90 9.95
CA HIS F 97 32.55 -0.80 9.49
C HIS F 97 33.83 -1.31 8.85
N ASP F 98 34.52 -2.22 9.53
CA ASP F 98 35.77 -2.75 9.00
C ASP F 98 35.58 -3.47 7.68
N ARG F 99 34.49 -4.21 7.53
CA ARG F 99 34.24 -4.90 6.28
C ARG F 99 33.93 -3.91 5.17
N ILE F 100 33.21 -2.84 5.50
CA ILE F 100 32.86 -1.84 4.52
C ILE F 100 34.13 -1.15 4.02
N THR F 101 34.98 -0.74 4.93
CA THR F 101 36.22 -0.08 4.55
C THR F 101 37.08 -0.98 3.66
N GLU F 102 37.24 -2.24 4.05
CA GLU F 102 38.05 -3.18 3.27
C GLU F 102 37.49 -3.35 1.86
N ALA F 103 36.18 -3.53 1.74
CA ALA F 103 35.56 -3.70 0.42
C ALA F 103 35.73 -2.43 -0.42
N ALA F 104 35.53 -1.27 0.20
CA ALA F 104 35.66 -0.01 -0.51
C ALA F 104 37.09 0.19 -1.02
N ARG F 105 38.08 -0.23 -0.21
CA ARG F 105 39.47 -0.10 -0.63
C ARG F 105 39.72 -0.91 -1.89
N GLN F 106 39.27 -2.17 -1.87
CA GLN F 106 39.47 -3.06 -3.00
C GLN F 106 38.80 -2.55 -4.27
N VAL F 107 37.56 -2.07 -4.14
CA VAL F 107 36.84 -1.56 -5.29
C VAL F 107 37.51 -0.29 -5.83
N ARG F 108 37.88 0.60 -4.92
CA ARG F 108 38.53 1.85 -5.31
C ARG F 108 39.80 1.57 -6.10
N GLY F 109 40.54 0.55 -5.70
CA GLY F 109 41.79 0.21 -6.37
C GLY F 109 41.64 -0.47 -7.72
N ARG F 110 40.39 -0.71 -8.14
CA ARG F 110 40.15 -1.37 -9.42
C ARG F 110 39.30 -0.54 -10.40
N CYS F 111 38.90 0.65 -9.98
CA CYS F 111 38.11 1.51 -10.85
C CYS F 111 38.56 2.95 -10.72
N ARG F 112 38.01 3.82 -11.55
CA ARG F 112 38.34 5.23 -11.53
C ARG F 112 37.38 5.96 -10.58
N VAL F 113 36.09 5.68 -10.72
CA VAL F 113 35.10 6.30 -9.84
C VAL F 113 34.20 5.25 -9.22
N PRO F 114 34.36 5.01 -7.91
CA PRO F 114 33.51 4.01 -7.26
C PRO F 114 32.20 4.67 -6.83
N VAL F 115 31.12 3.91 -6.93
CA VAL F 115 29.78 4.39 -6.57
C VAL F 115 29.30 3.51 -5.42
N PHE F 116 29.01 4.13 -4.28
CA PHE F 116 28.55 3.36 -3.11
C PHE F 116 27.06 3.58 -2.87
N LEU F 117 26.32 2.48 -2.80
CA LEU F 117 24.87 2.54 -2.59
C LEU F 117 24.52 2.16 -1.14
N GLY F 118 24.06 3.14 -0.36
CA GLY F 118 23.67 2.86 1.01
C GLY F 118 22.26 2.31 1.01
N GLY F 119 21.68 1.95 2.16
CA GLY F 119 22.34 2.08 3.45
C GLY F 119 22.07 3.43 4.08
N ASP F 120 22.05 3.51 5.42
CA ASP F 120 21.82 4.80 6.06
C ASP F 120 23.13 5.60 5.98
N HIS F 121 23.07 6.88 6.32
CA HIS F 121 24.26 7.71 6.20
C HIS F 121 25.48 7.31 7.01
N SER F 122 25.32 6.45 8.01
CA SER F 122 26.45 6.05 8.82
C SER F 122 27.50 5.31 7.99
N VAL F 123 27.09 4.77 6.85
CA VAL F 123 28.03 4.03 6.00
C VAL F 123 29.10 4.93 5.40
N SER F 124 28.85 6.24 5.37
CA SER F 124 29.82 7.18 4.78
C SER F 124 31.12 7.23 5.57
N TYR F 125 31.07 6.91 6.85
CA TYR F 125 32.28 6.92 7.68
C TYR F 125 33.26 5.82 7.24
N PRO F 126 32.85 4.54 7.32
CA PRO F 126 33.78 3.49 6.89
C PRO F 126 34.17 3.60 5.42
N LEU F 127 33.28 4.18 4.62
CA LEU F 127 33.54 4.36 3.20
C LEU F 127 34.68 5.33 3.02
N LEU F 128 34.60 6.47 3.71
CA LEU F 128 35.63 7.50 3.63
C LEU F 128 36.99 7.05 4.14
N ARG F 129 37.01 6.07 5.03
CA ARG F 129 38.29 5.57 5.55
C ARG F 129 39.11 4.94 4.43
N ALA F 130 38.46 4.64 3.31
CA ALA F 130 39.15 4.03 2.17
C ALA F 130 39.80 5.09 1.28
N PHE F 131 39.65 6.36 1.65
CA PHE F 131 40.23 7.47 0.89
C PHE F 131 41.27 8.22 1.71
N ALA F 132 41.92 7.52 2.63
CA ALA F 132 42.94 8.12 3.48
C ALA F 132 44.13 8.70 2.73
N ASP F 133 44.40 8.15 1.54
CA ASP F 133 45.54 8.61 0.75
C ASP F 133 45.25 9.71 -0.27
N VAL F 134 44.07 10.32 -0.16
CA VAL F 134 43.68 11.40 -1.06
C VAL F 134 44.05 12.71 -0.37
N PRO F 135 45.08 13.41 -0.88
CA PRO F 135 45.46 14.67 -0.23
C PRO F 135 44.39 15.76 -0.31
N ASP F 136 44.26 16.52 0.77
CA ASP F 136 43.29 17.60 0.85
C ASP F 136 41.92 17.16 0.34
N LEU F 137 41.48 15.99 0.79
CA LEU F 137 40.20 15.45 0.39
C LEU F 137 39.04 16.35 0.82
N HIS F 138 38.15 16.64 -0.12
CA HIS F 138 36.98 17.46 0.14
C HIS F 138 35.72 16.62 -0.05
N VAL F 139 34.68 16.92 0.73
CA VAL F 139 33.41 16.22 0.60
C VAL F 139 32.34 17.23 0.23
N VAL F 140 31.52 16.89 -0.75
CA VAL F 140 30.40 17.73 -1.14
C VAL F 140 29.20 16.87 -0.78
N GLN F 141 28.45 17.33 0.21
CA GLN F 141 27.30 16.60 0.73
C GLN F 141 25.97 17.31 0.52
N LEU F 142 25.01 16.59 -0.05
CA LEU F 142 23.67 17.11 -0.25
C LEU F 142 22.93 16.44 0.89
N ASP F 143 22.27 17.22 1.74
CA ASP F 143 21.61 16.65 2.90
C ASP F 143 20.74 17.71 3.56
N ALA F 144 19.70 17.29 4.25
CA ALA F 144 18.84 18.22 4.98
C ALA F 144 19.46 18.35 6.37
N HIS F 145 20.34 17.40 6.70
CA HIS F 145 21.00 17.37 8.00
C HIS F 145 22.51 17.50 7.87
N LEU F 146 23.15 18.02 8.92
CA LEU F 146 24.60 18.22 8.91
C LEU F 146 25.39 16.93 9.12
N ASP F 147 24.93 16.09 10.05
CA ASP F 147 25.59 14.82 10.34
C ASP F 147 27.03 14.96 10.83
N PHE F 148 27.26 15.92 11.72
CA PHE F 148 28.60 16.14 12.27
C PHE F 148 28.52 16.05 13.79
N THR F 149 27.52 15.31 14.28
CA THR F 149 27.31 15.13 15.71
C THR F 149 28.33 14.15 16.32
N ASP F 150 28.70 14.40 17.57
CA ASP F 150 29.66 13.53 18.26
C ASP F 150 28.92 12.29 18.77
N THR F 151 28.00 12.50 19.70
CA THR F 151 27.23 11.38 20.25
C THR F 151 25.75 11.68 20.16
N ARG F 152 24.97 10.64 19.86
CA ARG F 152 23.52 10.74 19.74
C ARG F 152 22.96 9.44 20.28
N ASN F 153 21.94 9.54 21.14
CA ASN F 153 21.31 8.35 21.70
C ASN F 153 22.32 7.32 22.19
N ASP F 154 23.34 7.81 22.90
CA ASP F 154 24.38 6.99 23.49
C ASP F 154 25.27 6.18 22.57
N THR F 155 25.41 6.62 21.32
CA THR F 155 26.29 5.91 20.41
C THR F 155 27.11 6.89 19.58
N LYS F 156 28.29 6.44 19.16
CA LYS F 156 29.19 7.24 18.34
C LYS F 156 28.99 6.91 16.87
N TRP F 157 28.27 5.83 16.58
CA TRP F 157 28.10 5.39 15.19
C TRP F 157 26.75 5.59 14.51
N SER F 158 25.93 6.52 14.98
CA SER F 158 24.62 6.72 14.35
C SER F 158 24.78 7.38 12.99
N ASN F 159 23.68 7.52 12.25
CA ASN F 159 23.76 8.15 10.94
C ASN F 159 23.92 9.66 11.06
N SER F 160 23.99 10.16 12.30
CA SER F 160 24.17 11.58 12.58
C SER F 160 25.64 11.93 12.84
N SER F 161 26.50 10.93 12.82
CA SER F 161 27.93 11.18 13.10
C SER F 161 28.97 10.73 12.06
N PRO F 162 28.54 10.22 10.89
CA PRO F 162 29.55 9.78 9.92
C PRO F 162 30.69 10.75 9.57
N PHE F 163 30.38 12.02 9.35
CA PHE F 163 31.43 12.96 8.98
C PHE F 163 32.29 13.41 10.16
N ARG F 164 31.72 13.36 11.35
CA ARG F 164 32.46 13.73 12.54
C ARG F 164 33.48 12.62 12.75
N ARG F 165 33.01 11.38 12.66
CA ARG F 165 33.85 10.19 12.80
C ARG F 165 34.93 10.18 11.71
N ALA F 166 34.55 10.53 10.49
CA ALA F 166 35.49 10.54 9.36
C ALA F 166 36.63 11.54 9.56
N CYS F 167 36.26 12.75 9.94
CA CYS F 167 37.26 13.80 10.15
C CYS F 167 38.24 13.46 11.26
N GLU F 168 37.77 12.87 12.35
CA GLU F 168 38.69 12.56 13.43
C GLU F 168 39.60 11.37 13.10
N ALA F 169 39.24 10.61 12.07
CA ALA F 169 40.05 9.47 11.66
C ALA F 169 40.89 9.77 10.42
N LEU F 170 40.51 10.80 9.67
CA LEU F 170 41.20 11.17 8.45
C LEU F 170 41.69 12.62 8.45
N PRO F 171 42.96 12.84 8.82
CA PRO F 171 43.47 14.22 8.83
C PRO F 171 43.52 14.82 7.43
N ASN F 172 43.41 13.96 6.42
CA ASN F 172 43.44 14.43 5.03
C ASN F 172 42.08 14.96 4.58
N LEU F 173 41.04 14.71 5.37
CA LEU F 173 39.71 15.21 5.03
C LEU F 173 39.72 16.62 5.59
N VAL F 174 40.16 17.56 4.77
CA VAL F 174 40.30 18.96 5.20
C VAL F 174 39.09 19.88 5.09
N HIS F 175 38.07 19.48 4.35
CA HIS F 175 36.92 20.36 4.22
C HIS F 175 35.65 19.65 3.74
N ILE F 176 34.51 20.16 4.19
CA ILE F 176 33.22 19.62 3.81
C ILE F 176 32.27 20.77 3.49
N THR F 177 31.55 20.63 2.39
CA THR F 177 30.58 21.62 1.97
C THR F 177 29.25 20.86 1.96
N THR F 178 28.33 21.30 2.82
CA THR F 178 27.03 20.64 2.93
C THR F 178 25.96 21.58 2.39
N VAL F 179 25.10 21.08 1.51
CA VAL F 179 24.08 21.91 0.91
C VAL F 179 22.68 21.35 1.10
N GLY F 180 21.75 22.21 1.50
CA GLY F 180 20.36 21.80 1.67
C GLY F 180 19.85 21.75 3.09
N LEU F 181 20.68 22.15 4.06
CA LEU F 181 20.27 22.12 5.46
C LEU F 181 18.98 22.89 5.73
N ARG F 182 18.09 22.27 6.48
CA ARG F 182 16.82 22.87 6.84
C ARG F 182 16.23 22.08 8.00
N GLY F 183 15.20 22.62 8.64
CA GLY F 183 14.61 21.92 9.77
C GLY F 183 14.63 22.79 11.00
N LEU F 184 13.79 22.44 11.97
CA LEU F 184 13.69 23.21 13.21
C LEU F 184 14.81 22.97 14.20
N ARG F 185 15.48 21.81 14.09
CA ARG F 185 16.51 21.49 15.05
C ARG F 185 17.89 21.14 14.48
N PHE F 186 18.91 21.70 15.11
CA PHE F 186 20.29 21.43 14.74
C PHE F 186 21.12 21.25 16.00
N ASP F 187 22.09 20.34 15.95
CA ASP F 187 22.97 20.07 17.07
C ASP F 187 23.95 21.24 17.14
N PRO F 188 23.84 22.10 18.17
CA PRO F 188 24.75 23.26 18.28
C PRO F 188 26.22 22.90 18.39
N GLU F 189 26.52 21.80 19.07
CA GLU F 189 27.90 21.37 19.23
C GLU F 189 28.46 20.94 17.87
N ALA F 190 27.63 20.29 17.07
CA ALA F 190 28.04 19.83 15.74
C ALA F 190 28.28 21.00 14.79
N VAL F 191 27.38 21.98 14.81
CA VAL F 191 27.50 23.15 13.96
C VAL F 191 28.77 23.91 14.32
N ALA F 192 28.97 24.11 15.62
CA ALA F 192 30.15 24.83 16.11
C ALA F 192 31.42 24.11 15.69
N ALA F 193 31.43 22.79 15.84
CA ALA F 193 32.59 21.99 15.49
C ALA F 193 32.88 22.03 13.99
N ALA F 194 31.83 22.00 13.17
CA ALA F 194 32.00 22.05 11.72
C ALA F 194 32.59 23.40 11.31
N ARG F 195 32.02 24.48 11.84
CA ARG F 195 32.49 25.82 11.50
C ARG F 195 33.92 26.05 12.00
N ALA F 196 34.21 25.54 13.19
CA ALA F 196 35.55 25.70 13.76
C ALA F 196 36.58 25.09 12.82
N ARG F 197 36.16 24.11 12.02
CA ARG F 197 37.06 23.45 11.08
C ARG F 197 37.02 24.11 9.70
N GLY F 198 36.23 25.17 9.58
CA GLY F 198 36.13 25.87 8.31
C GLY F 198 35.17 25.25 7.31
N HIS F 199 34.39 24.27 7.76
CA HIS F 199 33.43 23.61 6.88
C HIS F 199 32.39 24.62 6.38
N THR F 200 31.98 24.47 5.13
CA THR F 200 31.01 25.37 4.53
C THR F 200 29.60 24.82 4.67
N ILE F 201 28.73 25.56 5.34
CA ILE F 201 27.35 25.14 5.54
C ILE F 201 26.41 26.01 4.70
N ILE F 202 25.73 25.39 3.75
CA ILE F 202 24.82 26.10 2.87
C ILE F 202 23.37 25.70 3.08
N PRO F 203 22.61 26.50 3.83
CA PRO F 203 21.20 26.23 4.12
C PRO F 203 20.39 26.21 2.83
N MET F 204 19.28 25.47 2.84
CA MET F 204 18.43 25.39 1.66
C MET F 204 17.91 26.77 1.27
N ASP F 205 17.85 27.68 2.24
CA ASP F 205 17.38 29.03 1.95
C ASP F 205 18.26 29.67 0.89
N ASP F 206 19.57 29.46 1.01
CA ASP F 206 20.54 30.00 0.06
C ASP F 206 20.25 29.51 -1.36
N VAL F 207 20.02 28.21 -1.49
CA VAL F 207 19.72 27.60 -2.79
C VAL F 207 18.49 28.23 -3.42
N THR F 208 17.43 28.37 -2.63
CA THR F 208 16.18 28.94 -3.11
C THR F 208 16.34 30.39 -3.53
N ALA F 209 16.99 31.18 -2.68
CA ALA F 209 17.19 32.59 -2.96
C ALA F 209 18.13 32.83 -4.15
N ASP F 210 19.26 32.13 -4.15
CA ASP F 210 20.23 32.28 -5.22
C ASP F 210 21.07 31.03 -5.46
N LEU F 211 20.63 30.21 -6.41
CA LEU F 211 21.35 28.97 -6.74
C LEU F 211 22.69 29.31 -7.36
N ALA F 212 22.72 30.40 -8.14
CA ALA F 212 23.95 30.83 -8.79
C ALA F 212 25.04 31.03 -7.72
N GLY F 213 24.64 31.60 -6.59
CA GLY F 213 25.59 31.84 -5.51
C GLY F 213 26.06 30.56 -4.85
N VAL F 214 25.16 29.60 -4.72
CA VAL F 214 25.52 28.32 -4.09
C VAL F 214 26.61 27.66 -4.92
N LEU F 215 26.43 27.63 -6.23
CA LEU F 215 27.42 27.02 -7.11
C LEU F 215 28.74 27.77 -6.96
N ALA F 216 28.64 29.07 -6.71
CA ALA F 216 29.81 29.91 -6.54
C ALA F 216 30.57 29.57 -5.26
N GLN F 217 29.90 28.89 -4.33
CA GLN F 217 30.51 28.50 -3.07
C GLN F 217 31.10 27.10 -3.09
N LEU F 218 31.02 26.44 -4.23
CA LEU F 218 31.55 25.08 -4.37
C LEU F 218 33.07 25.08 -4.57
N PRO F 219 33.75 24.01 -4.17
CA PRO F 219 35.21 23.92 -4.32
C PRO F 219 35.68 23.99 -5.77
N ARG F 220 36.95 24.32 -5.96
CA ARG F 220 37.54 24.42 -7.29
C ARG F 220 38.93 23.81 -7.31
N GLY F 221 39.16 22.90 -8.24
CA GLY F 221 40.47 22.25 -8.36
C GLY F 221 40.82 21.36 -7.19
N GLN F 222 39.83 20.77 -6.55
CA GLN F 222 40.06 19.90 -5.40
C GLN F 222 39.67 18.46 -5.70
N ASN F 223 40.10 17.55 -4.82
CA ASN F 223 39.75 16.14 -4.92
C ASN F 223 38.45 16.08 -4.14
N VAL F 224 37.35 15.75 -4.81
CA VAL F 224 36.05 15.72 -4.17
C VAL F 224 35.33 14.38 -4.12
N TYR F 225 34.78 14.07 -2.95
CA TYR F 225 34.00 12.86 -2.72
C TYR F 225 32.57 13.35 -2.57
N PHE F 226 31.65 12.78 -3.33
CA PHE F 226 30.23 13.17 -3.27
C PHE F 226 29.46 12.30 -2.28
N SER F 227 28.65 12.92 -1.44
CA SER F 227 27.81 12.16 -0.52
C SER F 227 26.40 12.70 -0.68
N VAL F 228 25.54 11.92 -1.33
CA VAL F 228 24.19 12.36 -1.56
C VAL F 228 23.18 11.65 -0.66
N ASP F 229 22.62 12.39 0.29
CA ASP F 229 21.61 11.87 1.18
C ASP F 229 20.33 12.25 0.47
N VAL F 230 19.52 11.26 0.09
CA VAL F 230 18.31 11.58 -0.63
C VAL F 230 17.36 12.53 0.09
N ASP F 231 17.46 12.65 1.42
CA ASP F 231 16.53 13.57 2.09
C ASP F 231 16.90 15.04 1.87
N GLY F 232 17.98 15.27 1.12
CA GLY F 232 18.36 16.64 0.80
C GLY F 232 17.33 17.13 -0.21
N PHE F 233 16.76 16.20 -0.97
CA PHE F 233 15.75 16.55 -1.96
C PHE F 233 14.39 16.75 -1.30
N ASP F 234 13.54 17.56 -1.93
CA ASP F 234 12.21 17.82 -1.40
C ASP F 234 11.44 16.51 -1.30
N PRO F 235 10.75 16.28 -0.17
CA PRO F 235 9.97 15.05 0.06
C PRO F 235 8.88 14.83 -0.99
N ALA F 236 8.43 15.90 -1.63
CA ALA F 236 7.40 15.76 -2.66
C ALA F 236 8.03 15.05 -3.86
N VAL F 237 9.33 15.29 -4.06
CA VAL F 237 10.06 14.69 -5.16
C VAL F 237 10.54 13.29 -4.79
N ILE F 238 11.22 13.19 -3.64
CA ILE F 238 11.75 11.93 -3.14
C ILE F 238 11.20 11.63 -1.74
N PRO F 239 9.97 11.10 -1.65
CA PRO F 239 9.37 10.80 -0.34
C PRO F 239 9.94 9.58 0.36
N GLY F 240 10.57 8.69 -0.41
CA GLY F 240 11.12 7.47 0.16
C GLY F 240 12.41 7.63 0.94
N THR F 241 12.28 8.10 2.17
CA THR F 241 13.42 8.29 3.05
C THR F 241 12.90 8.38 4.48
N SER F 242 13.73 7.99 5.44
CA SER F 242 13.32 7.99 6.85
C SER F 242 12.84 9.30 7.46
N SER F 243 13.69 10.33 7.40
CA SER F 243 13.36 11.61 8.03
C SER F 243 13.25 12.79 7.07
N PRO F 244 12.11 12.89 6.36
CA PRO F 244 11.88 13.97 5.40
C PRO F 244 11.72 15.34 6.05
N GLU F 245 12.16 16.37 5.34
CA GLU F 245 12.06 17.75 5.80
C GLU F 245 11.53 18.53 4.59
N PRO F 246 10.47 19.31 4.77
CA PRO F 246 9.88 20.08 3.67
C PRO F 246 10.79 21.12 3.02
N ASP F 247 10.39 21.55 1.82
CA ASP F 247 11.09 22.57 1.06
C ASP F 247 12.56 22.25 0.79
N GLY F 248 12.78 21.13 0.12
CA GLY F 248 14.14 20.70 -0.21
C GLY F 248 14.49 20.96 -1.65
N LEU F 249 15.58 20.35 -2.09
CA LEU F 249 16.07 20.51 -3.45
C LEU F 249 15.20 19.80 -4.48
N THR F 250 15.03 20.41 -5.65
CA THR F 250 14.29 19.76 -6.71
C THR F 250 15.38 18.87 -7.31
N TYR F 251 14.99 17.90 -8.12
CA TYR F 251 15.97 17.03 -8.74
C TYR F 251 16.97 17.92 -9.49
N ALA F 252 16.42 18.87 -10.27
CA ALA F 252 17.25 19.79 -11.06
C ALA F 252 18.28 20.56 -10.27
N GLN F 253 17.89 21.11 -9.12
CA GLN F 253 18.81 21.87 -8.29
C GLN F 253 19.93 21.00 -7.75
N GLY F 254 19.57 19.83 -7.23
CA GLY F 254 20.56 18.92 -6.71
C GLY F 254 21.51 18.49 -7.82
N MET F 255 20.96 18.23 -8.99
CA MET F 255 21.79 17.80 -10.12
C MET F 255 22.72 18.94 -10.57
N LYS F 256 22.21 20.17 -10.61
CA LYS F 256 23.03 21.31 -11.01
C LYS F 256 24.24 21.48 -10.09
N ILE F 257 24.02 21.24 -8.80
CA ILE F 257 25.10 21.35 -7.83
C ILE F 257 26.14 20.28 -8.10
N LEU F 258 25.68 19.05 -8.36
CA LEU F 258 26.61 17.96 -8.63
C LEU F 258 27.36 18.16 -9.95
N ALA F 259 26.65 18.64 -10.97
CA ALA F 259 27.26 18.86 -12.27
C ALA F 259 28.36 19.94 -12.19
N ALA F 260 28.06 21.01 -11.47
CA ALA F 260 29.00 22.11 -11.32
C ALA F 260 30.26 21.66 -10.59
N ALA F 261 30.07 20.95 -9.48
CA ALA F 261 31.20 20.47 -8.71
C ALA F 261 32.04 19.50 -9.53
N ALA F 262 31.38 18.64 -10.30
CA ALA F 262 32.08 17.66 -11.12
C ALA F 262 32.81 18.26 -12.32
N ALA F 263 32.45 19.50 -12.68
CA ALA F 263 33.08 20.16 -13.81
C ALA F 263 34.32 20.98 -13.40
N ASN F 264 34.44 21.27 -12.12
CA ASN F 264 35.57 22.06 -11.64
C ASN F 264 36.45 21.34 -10.61
N ASN F 265 36.25 20.04 -10.45
CA ASN F 265 37.04 19.28 -9.48
C ASN F 265 37.28 17.86 -9.95
N THR F 266 38.17 17.17 -9.23
CA THR F 266 38.47 15.78 -9.53
C THR F 266 37.57 14.94 -8.61
N VAL F 267 36.59 14.26 -9.20
CA VAL F 267 35.67 13.44 -8.42
C VAL F 267 36.30 12.08 -8.13
N VAL F 268 36.47 11.76 -6.84
CA VAL F 268 37.09 10.50 -6.45
C VAL F 268 36.12 9.41 -6.01
N GLY F 269 34.84 9.74 -5.89
CA GLY F 269 33.88 8.74 -5.49
C GLY F 269 32.55 9.36 -5.13
N LEU F 270 31.52 8.54 -4.99
CA LEU F 270 30.21 9.04 -4.63
C LEU F 270 29.35 8.00 -3.93
N ASP F 271 28.59 8.43 -2.94
CA ASP F 271 27.68 7.52 -2.27
C ASP F 271 26.28 8.13 -2.32
N LEU F 272 25.29 7.26 -2.32
CA LEU F 272 23.89 7.65 -2.38
C LEU F 272 23.28 6.92 -1.18
N VAL F 273 22.87 7.68 -0.18
CA VAL F 273 22.35 7.09 1.05
C VAL F 273 20.95 7.53 1.47
N GLU F 274 20.41 6.81 2.45
CA GLU F 274 19.10 7.06 3.05
C GLU F 274 17.86 6.85 2.19
N LEU F 275 18.01 6.20 1.04
CA LEU F 275 16.87 5.91 0.19
C LEU F 275 16.10 4.80 0.92
N ALA F 276 14.77 4.93 1.00
CA ALA F 276 13.94 3.92 1.65
C ALA F 276 12.81 3.57 0.69
N PRO F 277 13.03 2.57 -0.19
CA PRO F 277 12.05 2.10 -1.18
C PRO F 277 10.70 1.76 -0.60
N ASN F 278 10.71 1.13 0.56
CA ASN F 278 9.50 0.71 1.25
C ASN F 278 8.61 1.87 1.67
N LEU F 279 9.15 3.07 1.66
CA LEU F 279 8.38 4.25 2.07
C LEU F 279 7.81 5.03 0.88
N ASP F 280 8.06 4.55 -0.33
CA ASP F 280 7.52 5.20 -1.53
C ASP F 280 6.97 4.14 -2.48
N PRO F 281 5.68 3.81 -2.31
CA PRO F 281 5.04 2.79 -3.16
C PRO F 281 4.87 3.20 -4.62
N THR F 282 5.14 4.46 -4.96
CA THR F 282 5.03 4.89 -6.35
C THR F 282 6.30 4.50 -7.09
N GLY F 283 7.35 4.23 -6.31
CA GLY F 283 8.64 3.83 -6.88
C GLY F 283 9.43 4.96 -7.52
N ARG F 284 8.90 6.19 -7.47
CA ARG F 284 9.64 7.28 -8.12
C ARG F 284 10.94 7.63 -7.42
N SER F 285 11.01 7.41 -6.11
CA SER F 285 12.23 7.72 -5.37
C SER F 285 13.44 6.96 -5.90
N GLU F 286 13.32 5.64 -6.03
CA GLU F 286 14.45 4.87 -6.52
C GLU F 286 14.72 5.13 -8.00
N LEU F 287 13.66 5.39 -8.77
CA LEU F 287 13.86 5.67 -10.19
C LEU F 287 14.63 6.97 -10.40
N LEU F 288 14.21 8.03 -9.70
CA LEU F 288 14.90 9.32 -9.83
C LEU F 288 16.31 9.30 -9.26
N MET F 289 16.53 8.63 -8.14
CA MET F 289 17.85 8.59 -7.56
C MET F 289 18.84 7.74 -8.35
N ALA F 290 18.35 6.70 -9.03
CA ALA F 290 19.22 5.87 -9.84
C ALA F 290 19.65 6.74 -11.03
N ARG F 291 18.71 7.52 -11.55
CA ARG F 291 19.02 8.40 -12.67
C ARG F 291 20.03 9.46 -12.21
N LEU F 292 19.87 9.95 -10.99
CA LEU F 292 20.79 10.96 -10.44
C LEU F 292 22.23 10.47 -10.48
N VAL F 293 22.45 9.23 -10.03
CA VAL F 293 23.79 8.66 -10.02
C VAL F 293 24.34 8.57 -11.44
N MET F 294 23.52 8.10 -12.37
CA MET F 294 23.95 7.97 -13.76
C MET F 294 24.22 9.33 -14.42
N GLU F 295 23.39 10.32 -14.10
CA GLU F 295 23.57 11.64 -14.68
C GLU F 295 24.83 12.29 -14.10
N THR F 296 25.11 12.02 -12.83
CA THR F 296 26.31 12.57 -12.21
C THR F 296 27.53 11.97 -12.91
N LEU F 297 27.48 10.69 -13.21
CA LEU F 297 28.60 10.02 -13.89
C LEU F 297 28.79 10.63 -15.28
N CYS F 298 27.68 10.95 -15.96
CA CYS F 298 27.75 11.56 -17.29
C CYS F 298 28.58 12.84 -17.20
N GLU F 299 28.22 13.68 -16.23
CA GLU F 299 28.91 14.95 -16.02
C GLU F 299 30.39 14.75 -15.71
N VAL F 300 30.68 13.79 -14.84
CA VAL F 300 32.05 13.50 -14.45
C VAL F 300 32.93 13.14 -15.64
N PHE F 301 32.54 12.10 -16.38
CA PHE F 301 33.34 11.66 -17.50
C PHE F 301 33.30 12.55 -18.74
N ASP F 302 32.36 13.50 -18.76
CA ASP F 302 32.26 14.40 -19.92
C ASP F 302 33.16 15.61 -19.77
N HIS F 303 33.97 15.64 -18.71
CA HIS F 303 34.88 16.75 -18.48
C HIS F 303 36.13 16.40 -17.68
N VAL F 304 36.35 15.12 -17.39
CA VAL F 304 37.53 14.71 -16.63
C VAL F 304 38.82 15.21 -17.26
N LEU F 305 39.83 15.42 -16.42
CA LEU F 305 41.13 15.89 -16.88
C LEU F 305 41.91 14.74 -17.51
#